data_1G96
# 
_entry.id   1G96 
# 
_audit_conform.dict_name       mmcif_pdbx.dic 
_audit_conform.dict_version    5.399 
_audit_conform.dict_location   http://mmcif.pdb.org/dictionaries/ascii/mmcif_pdbx.dic 
# 
loop_
_database_2.database_id 
_database_2.database_code 
_database_2.pdbx_database_accession 
_database_2.pdbx_DOI 
PDB   1G96         pdb_00001g96 10.2210/pdb1g96/pdb 
RCSB  RCSB012389   ?            ?                   
WWPDB D_1000012389 ?            ?                   
# 
loop_
_pdbx_audit_revision_history.ordinal 
_pdbx_audit_revision_history.data_content_type 
_pdbx_audit_revision_history.major_revision 
_pdbx_audit_revision_history.minor_revision 
_pdbx_audit_revision_history.revision_date 
1 'Structure model' 1 0 2001-04-06 
2 'Structure model' 1 1 2008-04-27 
3 'Structure model' 1 2 2011-07-13 
4 'Structure model' 1 3 2011-11-16 
5 'Structure model' 1 4 2023-08-09 
6 'Structure model' 1 5 2024-11-20 
# 
_pdbx_audit_revision_details.ordinal             1 
_pdbx_audit_revision_details.revision_ordinal    1 
_pdbx_audit_revision_details.data_content_type   'Structure model' 
_pdbx_audit_revision_details.provider            repository 
_pdbx_audit_revision_details.type                'Initial release' 
_pdbx_audit_revision_details.description         ? 
_pdbx_audit_revision_details.details             ? 
# 
loop_
_pdbx_audit_revision_group.ordinal 
_pdbx_audit_revision_group.revision_ordinal 
_pdbx_audit_revision_group.data_content_type 
_pdbx_audit_revision_group.group 
1 2 'Structure model' 'Version format compliance' 
2 3 'Structure model' 'Derived calculations'      
3 3 'Structure model' 'Version format compliance' 
4 4 'Structure model' 'Atomic model'              
5 5 'Structure model' 'Data collection'           
6 5 'Structure model' 'Database references'       
7 5 'Structure model' 'Derived calculations'      
8 5 'Structure model' 'Refinement description'    
9 6 'Structure model' 'Structure summary'         
# 
loop_
_pdbx_audit_revision_category.ordinal 
_pdbx_audit_revision_category.revision_ordinal 
_pdbx_audit_revision_category.data_content_type 
_pdbx_audit_revision_category.category 
1 5 'Structure model' chem_comp_atom                
2 5 'Structure model' chem_comp_bond                
3 5 'Structure model' database_2                    
4 5 'Structure model' diffrn_source                 
5 5 'Structure model' pdbx_initial_refinement_model 
6 5 'Structure model' struct_site                   
7 6 'Structure model' pdbx_entry_details            
8 6 'Structure model' pdbx_modification_feature     
# 
loop_
_pdbx_audit_revision_item.ordinal 
_pdbx_audit_revision_item.revision_ordinal 
_pdbx_audit_revision_item.data_content_type 
_pdbx_audit_revision_item.item 
1 5 'Structure model' '_database_2.pdbx_DOI'                 
2 5 'Structure model' '_database_2.pdbx_database_accession'  
3 5 'Structure model' '_diffrn_source.pdbx_synchrotron_site' 
4 5 'Structure model' '_struct_site.pdbx_auth_asym_id'       
5 5 'Structure model' '_struct_site.pdbx_auth_comp_id'       
6 5 'Structure model' '_struct_site.pdbx_auth_seq_id'        
# 
_pdbx_database_status.status_code                     REL 
_pdbx_database_status.entry_id                        1G96 
_pdbx_database_status.recvd_initial_deposition_date   2000-11-22 
_pdbx_database_status.deposit_site                    RCSB 
_pdbx_database_status.process_site                    RCSB 
_pdbx_database_status.status_code_sf                  REL 
_pdbx_database_status.SG_entry                        . 
_pdbx_database_status.pdb_format_compatible           Y 
_pdbx_database_status.status_code_mr                  ? 
_pdbx_database_status.status_code_cs                  ? 
_pdbx_database_status.status_code_nmr_data            ? 
_pdbx_database_status.methods_development_category    ? 
# 
loop_
_pdbx_database_related.db_name 
_pdbx_database_related.db_id 
_pdbx_database_related.details 
_pdbx_database_related.content_type 
PDB 1cew 'N-terminally truncated chicken cystatin' unspecified 
PDB 1stf 'Stefin B in complex with papain'         unspecified 
PDB 1a67 'NMR structure of chicken cystatin'       unspecified 
PDB 1dvc 'NMR structure of stefin A'               unspecified 
# 
loop_
_audit_author.name 
_audit_author.pdbx_ordinal 
'Janowski, R.'   1 
'Kozak, M.'      2 
'Jankowska, E.'  3 
'Grzonka, Z.'    4 
'Grubb, A.'      5 
'Abrahamson, M.' 6 
'Jaskolski, M.'  7 
# 
loop_
_citation.id 
_citation.title 
_citation.journal_abbrev 
_citation.journal_volume 
_citation.page_first 
_citation.page_last 
_citation.year 
_citation.journal_id_ASTM 
_citation.country 
_citation.journal_id_ISSN 
_citation.journal_id_CSD 
_citation.book_publisher 
_citation.pdbx_database_id_PubMed 
_citation.pdbx_database_id_DOI 
primary 'Human cystatin C, an amyloidogenic protein, dimerizes through three-dimensional domain swapping.' Nat.Struct.Biol. 8   
316  320  2001 NSBIEW US 1072-8368 2024 ? 11276250 10.1038/86188             
1       'Expression of selenomethionyl derivative and preliminary crystallographic studies of human cystatin C' 
'Acta Crystallogr.,Sect.D' 55  1939 1942 1999 ABCRE6 DK 0907-4449 0766 ? ?        10.1107/S090744499901121X 
2       
'The 2.0 angstrom X-ray crystal structure of chicken egg white cystatin and its possible mode of interaction with cysteine proteases' 
'Embo J.'                  7   2593 2599 1988 EMJODG UK 0261-4189 0897 ? ?        ?                         
3       'NMR structural studies of human cystatin C dimers and monomers' J.Mol.Biol.                271 266  277  1997 JMOBAK UK 
0022-2836 0070 ? ?        10.1006/jmbi.1997.1150    
# 
loop_
_citation_author.citation_id 
_citation_author.name 
_citation_author.ordinal 
_citation_author.identifier_ORCID 
primary 'Janowski, R.'          1  ? 
primary 'Kozak, M.'             2  ? 
primary 'Jankowska, E.'         3  ? 
primary 'Grzonka, Z.'           4  ? 
primary 'Grubb, A.'             5  ? 
primary 'Abrahamson, M.'        6  ? 
primary 'Jaskolski, M.'         7  ? 
1       'Kozak, M.'             8  ? 
1       'Jankowska, E.'         9  ? 
1       'Janowski, R.'          10 ? 
1       'Grzonka, Z.'           11 ? 
1       'Grubb, A.'             12 ? 
1       'Alvarez Fernandez, M.' 13 ? 
1       'Abrahamson, M.'        14 ? 
1       'Jaskolski, M.'         15 ? 
2       'Bode, W.'              16 ? 
2       'Engh, R.'              17 ? 
2       'Musil, D.'             18 ? 
2       'Thiele, U.'            19 ? 
2       'Huber, R.'             20 ? 
2       'Karshikov, A.'         21 ? 
2       'Brzin, J.'             22 ? 
2       'Kos, J.'               23 ? 
2       'Turk, V.'              24 ? 
3       'Ekiel, I.'             25 ? 
3       'Abrahamson, M.'        26 ? 
3       'Fulton, D.B.'          27 ? 
3       'Lindahl, P.'           28 ? 
3       'Storer, A.C.'          29 ? 
3       'Levadoux, W.'          30 ? 
3       'Lafrance, M.'          31 ? 
3       'Labelle, S.'           32 ? 
3       'Pomerleau, Y.'         33 ? 
3       'Groleau, D.'           34 ? 
3       'LeSauter, L.'          35 ? 
3       'Gehring, K.'           36 ? 
# 
loop_
_entity.id 
_entity.type 
_entity.src_method 
_entity.pdbx_description 
_entity.formula_weight 
_entity.pdbx_number_of_molecules 
_entity.pdbx_ec 
_entity.pdbx_mutation 
_entity.pdbx_fragment 
_entity.details 
1 polymer     man 'CYSTATIN C'   13365.141 1  ? ? ? ? 
2 non-polymer syn 'CHLORIDE ION' 35.453    1  ? ? ? ? 
3 non-polymer syn GLYCEROL       92.094    1  ? ? ? ? 
4 water       nat water          18.015    22 ? ? ? ? 
# 
_entity_name_com.entity_id   1 
_entity_name_com.name        'GAMMA-TRACE, POST-GAMMA-GLOBULIN' 
# 
_entity_poly.entity_id                      1 
_entity_poly.type                           'polypeptide(L)' 
_entity_poly.nstd_linkage                   no 
_entity_poly.nstd_monomer                   no 
_entity_poly.pdbx_seq_one_letter_code       
;SSPGKPPRLVGGPMDASVEEEGVRRALDFAVGEYNKASNDMYHSRALQVVRARKQIVAGVNYFLDVELGRTTCTKTQPNL
DNCPFHDQPHLKRKAFCSFQIYAVPWQGTMTLSKSTCQDA
;
_entity_poly.pdbx_seq_one_letter_code_can   
;SSPGKPPRLVGGPMDASVEEEGVRRALDFAVGEYNKASNDMYHSRALQVVRARKQIVAGVNYFLDVELGRTTCTKTQPNL
DNCPFHDQPHLKRKAFCSFQIYAVPWQGTMTLSKSTCQDA
;
_entity_poly.pdbx_strand_id                 A 
_entity_poly.pdbx_target_identifier         ? 
# 
loop_
_pdbx_entity_nonpoly.entity_id 
_pdbx_entity_nonpoly.name 
_pdbx_entity_nonpoly.comp_id 
2 'CHLORIDE ION' CL  
3 GLYCEROL       GOL 
4 water          HOH 
# 
loop_
_entity_poly_seq.entity_id 
_entity_poly_seq.num 
_entity_poly_seq.mon_id 
_entity_poly_seq.hetero 
1 1   SER n 
1 2   SER n 
1 3   PRO n 
1 4   GLY n 
1 5   LYS n 
1 6   PRO n 
1 7   PRO n 
1 8   ARG n 
1 9   LEU n 
1 10  VAL n 
1 11  GLY n 
1 12  GLY n 
1 13  PRO n 
1 14  MET n 
1 15  ASP n 
1 16  ALA n 
1 17  SER n 
1 18  VAL n 
1 19  GLU n 
1 20  GLU n 
1 21  GLU n 
1 22  GLY n 
1 23  VAL n 
1 24  ARG n 
1 25  ARG n 
1 26  ALA n 
1 27  LEU n 
1 28  ASP n 
1 29  PHE n 
1 30  ALA n 
1 31  VAL n 
1 32  GLY n 
1 33  GLU n 
1 34  TYR n 
1 35  ASN n 
1 36  LYS n 
1 37  ALA n 
1 38  SER n 
1 39  ASN n 
1 40  ASP n 
1 41  MET n 
1 42  TYR n 
1 43  HIS n 
1 44  SER n 
1 45  ARG n 
1 46  ALA n 
1 47  LEU n 
1 48  GLN n 
1 49  VAL n 
1 50  VAL n 
1 51  ARG n 
1 52  ALA n 
1 53  ARG n 
1 54  LYS n 
1 55  GLN n 
1 56  ILE n 
1 57  VAL n 
1 58  ALA n 
1 59  GLY n 
1 60  VAL n 
1 61  ASN n 
1 62  TYR n 
1 63  PHE n 
1 64  LEU n 
1 65  ASP n 
1 66  VAL n 
1 67  GLU n 
1 68  LEU n 
1 69  GLY n 
1 70  ARG n 
1 71  THR n 
1 72  THR n 
1 73  CYS n 
1 74  THR n 
1 75  LYS n 
1 76  THR n 
1 77  GLN n 
1 78  PRO n 
1 79  ASN n 
1 80  LEU n 
1 81  ASP n 
1 82  ASN n 
1 83  CYS n 
1 84  PRO n 
1 85  PHE n 
1 86  HIS n 
1 87  ASP n 
1 88  GLN n 
1 89  PRO n 
1 90  HIS n 
1 91  LEU n 
1 92  LYS n 
1 93  ARG n 
1 94  LYS n 
1 95  ALA n 
1 96  PHE n 
1 97  CYS n 
1 98  SER n 
1 99  PHE n 
1 100 GLN n 
1 101 ILE n 
1 102 TYR n 
1 103 ALA n 
1 104 VAL n 
1 105 PRO n 
1 106 TRP n 
1 107 GLN n 
1 108 GLY n 
1 109 THR n 
1 110 MET n 
1 111 THR n 
1 112 LEU n 
1 113 SER n 
1 114 LYS n 
1 115 SER n 
1 116 THR n 
1 117 CYS n 
1 118 GLN n 
1 119 ASP n 
1 120 ALA n 
# 
_entity_src_gen.entity_id                          1 
_entity_src_gen.pdbx_src_id                        1 
_entity_src_gen.pdbx_alt_source_flag               sample 
_entity_src_gen.pdbx_seq_type                      ? 
_entity_src_gen.pdbx_beg_seq_num                   ? 
_entity_src_gen.pdbx_end_seq_num                   ? 
_entity_src_gen.gene_src_common_name               human 
_entity_src_gen.gene_src_genus                     Homo 
_entity_src_gen.pdbx_gene_src_gene                 ? 
_entity_src_gen.gene_src_species                   ? 
_entity_src_gen.gene_src_strain                    ? 
_entity_src_gen.gene_src_tissue                    ? 
_entity_src_gen.gene_src_tissue_fraction           ? 
_entity_src_gen.gene_src_details                   ? 
_entity_src_gen.pdbx_gene_src_fragment             ? 
_entity_src_gen.pdbx_gene_src_scientific_name      'Homo sapiens' 
_entity_src_gen.pdbx_gene_src_ncbi_taxonomy_id     9606 
_entity_src_gen.pdbx_gene_src_variant              ? 
_entity_src_gen.pdbx_gene_src_cell_line            ? 
_entity_src_gen.pdbx_gene_src_atcc                 ? 
_entity_src_gen.pdbx_gene_src_organ                ? 
_entity_src_gen.pdbx_gene_src_organelle            ? 
_entity_src_gen.pdbx_gene_src_cell                 ? 
_entity_src_gen.pdbx_gene_src_cellular_location    ? 
_entity_src_gen.host_org_common_name               ? 
_entity_src_gen.pdbx_host_org_scientific_name      'Escherichia coli' 
_entity_src_gen.pdbx_host_org_ncbi_taxonomy_id     562 
_entity_src_gen.host_org_genus                     Escherichia 
_entity_src_gen.pdbx_host_org_gene                 ? 
_entity_src_gen.pdbx_host_org_organ                ? 
_entity_src_gen.host_org_species                   ? 
_entity_src_gen.pdbx_host_org_tissue               ? 
_entity_src_gen.pdbx_host_org_tissue_fraction      ? 
_entity_src_gen.pdbx_host_org_strain               MC1061 
_entity_src_gen.pdbx_host_org_variant              ? 
_entity_src_gen.pdbx_host_org_cell_line            ? 
_entity_src_gen.pdbx_host_org_atcc                 ? 
_entity_src_gen.pdbx_host_org_culture_collection   ? 
_entity_src_gen.pdbx_host_org_cell                 ? 
_entity_src_gen.pdbx_host_org_organelle            ? 
_entity_src_gen.pdbx_host_org_cellular_location    ? 
_entity_src_gen.pdbx_host_org_vector_type          PLASMID 
_entity_src_gen.pdbx_host_org_vector               ? 
_entity_src_gen.host_org_details                   ? 
_entity_src_gen.expression_system_id               ? 
_entity_src_gen.plasmid_name                       'PHD 313' 
_entity_src_gen.plasmid_details                    ? 
_entity_src_gen.pdbx_description                   ? 
# 
loop_
_chem_comp.id 
_chem_comp.type 
_chem_comp.mon_nstd_flag 
_chem_comp.name 
_chem_comp.pdbx_synonyms 
_chem_comp.formula 
_chem_comp.formula_weight 
ALA 'L-peptide linking' y ALANINE         ?                               'C3 H7 N O2'     89.093  
ARG 'L-peptide linking' y ARGININE        ?                               'C6 H15 N4 O2 1' 175.209 
ASN 'L-peptide linking' y ASPARAGINE      ?                               'C4 H8 N2 O3'    132.118 
ASP 'L-peptide linking' y 'ASPARTIC ACID' ?                               'C4 H7 N O4'     133.103 
CL  non-polymer         . 'CHLORIDE ION'  ?                               'Cl -1'          35.453  
CYS 'L-peptide linking' y CYSTEINE        ?                               'C3 H7 N O2 S'   121.158 
GLN 'L-peptide linking' y GLUTAMINE       ?                               'C5 H10 N2 O3'   146.144 
GLU 'L-peptide linking' y 'GLUTAMIC ACID' ?                               'C5 H9 N O4'     147.129 
GLY 'peptide linking'   y GLYCINE         ?                               'C2 H5 N O2'     75.067  
GOL non-polymer         . GLYCEROL        'GLYCERIN; PROPANE-1,2,3-TRIOL' 'C3 H8 O3'       92.094  
HIS 'L-peptide linking' y HISTIDINE       ?                               'C6 H10 N3 O2 1' 156.162 
HOH non-polymer         . WATER           ?                               'H2 O'           18.015  
ILE 'L-peptide linking' y ISOLEUCINE      ?                               'C6 H13 N O2'    131.173 
LEU 'L-peptide linking' y LEUCINE         ?                               'C6 H13 N O2'    131.173 
LYS 'L-peptide linking' y LYSINE          ?                               'C6 H15 N2 O2 1' 147.195 
MET 'L-peptide linking' y METHIONINE      ?                               'C5 H11 N O2 S'  149.211 
PHE 'L-peptide linking' y PHENYLALANINE   ?                               'C9 H11 N O2'    165.189 
PRO 'L-peptide linking' y PROLINE         ?                               'C5 H9 N O2'     115.130 
SER 'L-peptide linking' y SERINE          ?                               'C3 H7 N O3'     105.093 
THR 'L-peptide linking' y THREONINE       ?                               'C4 H9 N O3'     119.119 
TRP 'L-peptide linking' y TRYPTOPHAN      ?                               'C11 H12 N2 O2'  204.225 
TYR 'L-peptide linking' y TYROSINE        ?                               'C9 H11 N O3'    181.189 
VAL 'L-peptide linking' y VALINE          ?                               'C5 H11 N O2'    117.146 
# 
loop_
_pdbx_poly_seq_scheme.asym_id 
_pdbx_poly_seq_scheme.entity_id 
_pdbx_poly_seq_scheme.seq_id 
_pdbx_poly_seq_scheme.mon_id 
_pdbx_poly_seq_scheme.ndb_seq_num 
_pdbx_poly_seq_scheme.pdb_seq_num 
_pdbx_poly_seq_scheme.auth_seq_num 
_pdbx_poly_seq_scheme.pdb_mon_id 
_pdbx_poly_seq_scheme.auth_mon_id 
_pdbx_poly_seq_scheme.pdb_strand_id 
_pdbx_poly_seq_scheme.pdb_ins_code 
_pdbx_poly_seq_scheme.hetero 
A 1 1   SER 1   1   ?   ?   ?   A . n 
A 1 2   SER 2   2   ?   ?   ?   A . n 
A 1 3   PRO 3   3   ?   ?   ?   A . n 
A 1 4   GLY 4   4   ?   ?   ?   A . n 
A 1 5   LYS 5   5   ?   ?   ?   A . n 
A 1 6   PRO 6   6   ?   ?   ?   A . n 
A 1 7   PRO 7   7   ?   ?   ?   A . n 
A 1 8   ARG 8   8   ?   ?   ?   A . n 
A 1 9   LEU 9   9   ?   ?   ?   A . n 
A 1 10  VAL 10  10  10  VAL VAL A . n 
A 1 11  GLY 11  11  11  GLY GLY A . n 
A 1 12  GLY 12  12  12  GLY GLY A . n 
A 1 13  PRO 13  13  13  PRO PRO A . n 
A 1 14  MET 14  14  14  MET MET A . n 
A 1 15  ASP 15  15  15  ASP ASP A . n 
A 1 16  ALA 16  16  16  ALA ALA A . n 
A 1 17  SER 17  17  17  SER SER A . n 
A 1 18  VAL 18  18  18  VAL VAL A . n 
A 1 19  GLU 19  19  19  GLU GLU A . n 
A 1 20  GLU 20  20  20  GLU GLU A . n 
A 1 21  GLU 21  21  21  GLU GLU A . n 
A 1 22  GLY 22  22  22  GLY GLY A . n 
A 1 23  VAL 23  23  23  VAL VAL A . n 
A 1 24  ARG 24  24  24  ARG ARG A . n 
A 1 25  ARG 25  25  25  ARG ARG A . n 
A 1 26  ALA 26  26  26  ALA ALA A . n 
A 1 27  LEU 27  27  27  LEU LEU A . n 
A 1 28  ASP 28  28  28  ASP ASP A . n 
A 1 29  PHE 29  29  29  PHE PHE A . n 
A 1 30  ALA 30  30  30  ALA ALA A . n 
A 1 31  VAL 31  31  31  VAL VAL A . n 
A 1 32  GLY 32  32  32  GLY GLY A . n 
A 1 33  GLU 33  33  33  GLU GLU A . n 
A 1 34  TYR 34  34  34  TYR TYR A . n 
A 1 35  ASN 35  35  35  ASN ASN A . n 
A 1 36  LYS 36  36  36  LYS LYS A . n 
A 1 37  ALA 37  37  37  ALA ALA A . n 
A 1 38  SER 38  38  38  SER SER A . n 
A 1 39  ASN 39  39  39  ASN ASN A . n 
A 1 40  ASP 40  40  40  ASP ASP A . n 
A 1 41  MET 41  41  41  MET MET A . n 
A 1 42  TYR 42  42  42  TYR TYR A . n 
A 1 43  HIS 43  43  43  HIS HIS A . n 
A 1 44  SER 44  44  44  SER SER A . n 
A 1 45  ARG 45  45  45  ARG ARG A . n 
A 1 46  ALA 46  46  46  ALA ALA A . n 
A 1 47  LEU 47  47  47  LEU LEU A . n 
A 1 48  GLN 48  48  48  GLN GLN A . n 
A 1 49  VAL 49  49  49  VAL VAL A . n 
A 1 50  VAL 50  50  50  VAL VAL A . n 
A 1 51  ARG 51  51  51  ARG ARG A . n 
A 1 52  ALA 52  52  52  ALA ALA A . n 
A 1 53  ARG 53  53  53  ARG ARG A . n 
A 1 54  LYS 54  54  54  LYS LYS A . n 
A 1 55  GLN 55  55  55  GLN GLN A . n 
A 1 56  ILE 56  56  56  ILE ILE A . n 
A 1 57  VAL 57  57  57  VAL VAL A . n 
A 1 58  ALA 58  58  58  ALA ALA A . n 
A 1 59  GLY 59  59  59  GLY GLY A . n 
A 1 60  VAL 60  60  60  VAL VAL A . n 
A 1 61  ASN 61  61  61  ASN ASN A . n 
A 1 62  TYR 62  62  62  TYR TYR A . n 
A 1 63  PHE 63  63  63  PHE PHE A . n 
A 1 64  LEU 64  64  64  LEU LEU A . n 
A 1 65  ASP 65  65  65  ASP ASP A . n 
A 1 66  VAL 66  66  66  VAL VAL A . n 
A 1 67  GLU 67  67  67  GLU GLU A . n 
A 1 68  LEU 68  68  68  LEU LEU A . n 
A 1 69  GLY 69  69  69  GLY GLY A . n 
A 1 70  ARG 70  70  70  ARG ARG A . n 
A 1 71  THR 71  71  71  THR THR A . n 
A 1 72  THR 72  72  72  THR THR A . n 
A 1 73  CYS 73  73  73  CYS CYS A . n 
A 1 74  THR 74  74  74  THR THR A . n 
A 1 75  LYS 75  75  75  LYS LYS A . n 
A 1 76  THR 76  76  76  THR THR A . n 
A 1 77  GLN 77  77  77  GLN GLN A . n 
A 1 78  PRO 78  78  78  PRO PRO A . n 
A 1 79  ASN 79  79  79  ASN ASN A . n 
A 1 80  LEU 80  80  80  LEU LEU A . n 
A 1 81  ASP 81  81  81  ASP ASP A . n 
A 1 82  ASN 82  82  82  ASN ASN A . n 
A 1 83  CYS 83  83  83  CYS CYS A . n 
A 1 84  PRO 84  84  84  PRO PRO A . n 
A 1 85  PHE 85  85  85  PHE PHE A . n 
A 1 86  HIS 86  86  86  HIS HIS A . n 
A 1 87  ASP 87  87  87  ASP ASP A . n 
A 1 88  GLN 88  88  88  GLN GLN A . n 
A 1 89  PRO 89  89  89  PRO PRO A . n 
A 1 90  HIS 90  90  90  HIS HIS A . n 
A 1 91  LEU 91  91  91  LEU LEU A . n 
A 1 92  LYS 92  92  92  LYS LYS A . n 
A 1 93  ARG 93  93  93  ARG ARG A . n 
A 1 94  LYS 94  94  94  LYS LYS A . n 
A 1 95  ALA 95  95  95  ALA ALA A . n 
A 1 96  PHE 96  96  96  PHE PHE A . n 
A 1 97  CYS 97  97  97  CYS CYS A . n 
A 1 98  SER 98  98  98  SER SER A . n 
A 1 99  PHE 99  99  99  PHE PHE A . n 
A 1 100 GLN 100 100 100 GLN GLN A . n 
A 1 101 ILE 101 101 101 ILE ILE A . n 
A 1 102 TYR 102 102 102 TYR TYR A . n 
A 1 103 ALA 103 103 103 ALA ALA A . n 
A 1 104 VAL 104 104 104 VAL VAL A . n 
A 1 105 PRO 105 105 105 PRO PRO A . n 
A 1 106 TRP 106 106 106 TRP TRP A . n 
A 1 107 GLN 107 107 107 GLN GLN A . n 
A 1 108 GLY 108 108 108 GLY GLY A . n 
A 1 109 THR 109 109 109 THR THR A . n 
A 1 110 MET 110 110 110 MET MET A . n 
A 1 111 THR 111 111 111 THR THR A . n 
A 1 112 LEU 112 112 112 LEU LEU A . n 
A 1 113 SER 113 113 113 SER SER A . n 
A 1 114 LYS 114 114 114 LYS LYS A . n 
A 1 115 SER 115 115 115 SER SER A . n 
A 1 116 THR 116 116 116 THR THR A . n 
A 1 117 CYS 117 117 117 CYS CYS A . n 
A 1 118 GLN 118 118 118 GLN GLN A . n 
A 1 119 ASP 119 119 119 ASP ASP A . n 
A 1 120 ALA 120 120 120 ALA ALA A . n 
# 
loop_
_pdbx_nonpoly_scheme.asym_id 
_pdbx_nonpoly_scheme.entity_id 
_pdbx_nonpoly_scheme.mon_id 
_pdbx_nonpoly_scheme.ndb_seq_num 
_pdbx_nonpoly_scheme.pdb_seq_num 
_pdbx_nonpoly_scheme.auth_seq_num 
_pdbx_nonpoly_scheme.pdb_mon_id 
_pdbx_nonpoly_scheme.auth_mon_id 
_pdbx_nonpoly_scheme.pdb_strand_id 
_pdbx_nonpoly_scheme.pdb_ins_code 
B 2 CL  1  301 301 CL  CL  A . 
C 3 GOL 1  201 201 GOL GOL A . 
D 4 HOH 1  401 401 HOH HOH A . 
D 4 HOH 2  402 402 HOH HOH A . 
D 4 HOH 3  403 403 HOH HOH A . 
D 4 HOH 4  404 404 HOH HOH A . 
D 4 HOH 5  405 405 HOH HOH A . 
D 4 HOH 6  406 406 HOH HOH A . 
D 4 HOH 7  407 407 HOH HOH A . 
D 4 HOH 8  408 408 HOH HOH A . 
D 4 HOH 9  409 409 HOH HOH A . 
D 4 HOH 10 410 410 HOH HOH A . 
D 4 HOH 11 411 411 HOH HOH A . 
D 4 HOH 12 412 412 HOH HOH A . 
D 4 HOH 13 413 413 HOH HOH A . 
D 4 HOH 14 414 414 HOH HOH A . 
D 4 HOH 15 415 415 HOH HOH A . 
D 4 HOH 16 416 416 HOH HOH A . 
D 4 HOH 17 417 417 HOH HOH A . 
D 4 HOH 18 418 418 HOH HOH A . 
D 4 HOH 19 419 419 HOH HOH A . 
D 4 HOH 20 420 420 HOH HOH A . 
D 4 HOH 21 421 421 HOH HOH A . 
D 4 HOH 22 422 422 HOH HOH A . 
# 
loop_
_software.name 
_software.classification 
_software.version 
_software.citation_id 
_software.pdbx_ordinal 
DENZO     'data reduction' .   ? 1 
SCALEPACK 'data scaling'   .   ? 2 
EPMR      phasing          .   ? 3 
CNS       refinement       0.9 ? 4 
# 
_cell.entry_id           1G96 
_cell.length_a           140.53 
_cell.length_b           140.53 
_cell.length_c           140.53 
_cell.angle_alpha        90.00 
_cell.angle_beta         90.00 
_cell.angle_gamma        90.00 
_cell.Z_PDB              48 
_cell.pdbx_unique_axis   ? 
# 
_symmetry.entry_id                         1G96 
_symmetry.space_group_name_H-M             'I 4 3 2' 
_symmetry.pdbx_full_space_group_name_H-M   ? 
_symmetry.cell_setting                     cubic 
_symmetry.Int_Tables_number                211 
# 
_exptl.entry_id          1G96 
_exptl.method            'X-RAY DIFFRACTION' 
_exptl.crystals_number   1 
# 
_exptl_crystal.id                    1 
_exptl_crystal.density_meas          ? 
_exptl_crystal.density_Matthews      4.3 
_exptl_crystal.density_percent_sol   71 
_exptl_crystal.description           ? 
# 
_exptl_crystal_grow.crystal_id      1 
_exptl_crystal_grow.method          'VAPOR DIFFUSION, HANGING DROP' 
_exptl_crystal_grow.temp            277 
_exptl_crystal_grow.temp_details    ? 
_exptl_crystal_grow.pH              4.8 
_exptl_crystal_grow.pdbx_details    
;Lyophilized protein was dissolved in 100 mM sodium acetate buffer pH 4.8 containing 20 mM CaCl2. Droplets were equilibrated against 1 ml of reservoir with analogous buffer/CaCl2 solution. After 2 and 4 days, the reservoir solution was supplemented with 100 microliters of MPD, VAPOR DIFFUSION, HANGING DROP, temperature 277K
;
_exptl_crystal_grow.pdbx_pH_range   ? 
# 
_diffrn.id                     1 
_diffrn.ambient_temp           100 
_diffrn.ambient_temp_details   ? 
_diffrn.crystal_id             1 
# 
_diffrn_detector.diffrn_id              1 
_diffrn_detector.detector               'IMAGE PLATE' 
_diffrn_detector.type                   MARRESEARCH 
_diffrn_detector.pdbx_collection_date   2000-09-30 
_diffrn_detector.details                ? 
# 
_diffrn_radiation.diffrn_id                        1 
_diffrn_radiation.wavelength_id                    1 
_diffrn_radiation.pdbx_monochromatic_or_laue_m_l   M 
_diffrn_radiation.monochromator                    monochromator 
_diffrn_radiation.pdbx_diffrn_protocol             'SINGLE WAVELENGTH' 
_diffrn_radiation.pdbx_scattering_type             x-ray 
# 
_diffrn_radiation_wavelength.id           1 
_diffrn_radiation_wavelength.wavelength   0.8423 
_diffrn_radiation_wavelength.wt           1.0 
# 
_diffrn_source.diffrn_id                   1 
_diffrn_source.source                      SYNCHROTRON 
_diffrn_source.type                        'EMBL/DESY, HAMBURG BEAMLINE BW7B' 
_diffrn_source.pdbx_synchrotron_site       'EMBL/DESY, HAMBURG' 
_diffrn_source.pdbx_synchrotron_beamline   BW7B 
_diffrn_source.pdbx_wavelength             ? 
_diffrn_source.pdbx_wavelength_list        0.8423 
# 
_reflns.entry_id                     1G96 
_reflns.observed_criterion_sigma_I   0 
_reflns.observed_criterion_sigma_F   0 
_reflns.d_resolution_low             40.0 
_reflns.d_resolution_high            2.5 
_reflns.number_obs                   8429 
_reflns.number_all                   8429 
_reflns.percent_possible_obs         99.2 
_reflns.pdbx_Rmerge_I_obs            0.07 
_reflns.pdbx_Rsym_value              ? 
_reflns.pdbx_netI_over_sigmaI        27.8 
_reflns.B_iso_Wilson_estimate        40.6 
_reflns.pdbx_redundancy              19.9 
_reflns.R_free_details               ? 
_reflns.limit_h_max                  ? 
_reflns.limit_h_min                  ? 
_reflns.limit_k_max                  ? 
_reflns.limit_k_min                  ? 
_reflns.limit_l_max                  ? 
_reflns.limit_l_min                  ? 
_reflns.observed_criterion_F_max     ? 
_reflns.observed_criterion_F_min     ? 
_reflns.pdbx_ordinal                 1 
_reflns.pdbx_diffrn_id               1 
# 
_reflns_shell.d_res_high             2.50 
_reflns_shell.d_res_low              2.59 
_reflns_shell.percent_possible_all   93.5 
_reflns_shell.Rmerge_I_obs           0.413 
_reflns_shell.pdbx_Rsym_value        ? 
_reflns_shell.meanI_over_sigI_obs    2.5 
_reflns_shell.pdbx_redundancy        4.1 
_reflns_shell.percent_possible_obs   ? 
_reflns_shell.number_unique_all      ? 
_reflns_shell.pdbx_ordinal           1 
_reflns_shell.pdbx_diffrn_id         1 
# 
_refine.entry_id                                 1G96 
_refine.ls_number_reflns_obs                     8429 
_refine.ls_number_reflns_all                     8500 
_refine.pdbx_ls_sigma_I                          0.0 
_refine.pdbx_ls_sigma_F                          0.0 
_refine.pdbx_data_cutoff_high_absF               ? 
_refine.pdbx_data_cutoff_low_absF                ? 
_refine.ls_d_res_low                             20.0 
_refine.ls_d_res_high                            2.5 
_refine.ls_percent_reflns_obs                    99.2 
_refine.ls_R_factor_obs                          0.216 
_refine.ls_R_factor_all                          0.216 
_refine.ls_R_factor_R_work                       0.22 
_refine.ls_R_factor_R_free                       0.249 
_refine.ls_R_factor_R_free_error                 0.008 
_refine.ls_R_factor_R_free_error_details         ? 
_refine.ls_percent_reflns_R_free                 9.6 
_refine.ls_number_reflns_R_free                  815 
_refine.ls_number_parameters                     ? 
_refine.ls_number_restraints                     ? 
_refine.occupancy_min                            ? 
_refine.occupancy_max                            ? 
_refine.B_iso_mean                               ? 
_refine.aniso_B[1][1]                            ? 
_refine.aniso_B[2][2]                            ? 
_refine.aniso_B[3][3]                            ? 
_refine.aniso_B[1][2]                            ? 
_refine.aniso_B[1][3]                            ? 
_refine.aniso_B[2][3]                            ? 
_refine.solvent_model_details                    'flat model' 
_refine.solvent_model_param_ksol                 0.33 
_refine.solvent_model_param_bsol                 38.73 
_refine.pdbx_ls_cross_valid_method               'free R' 
_refine.details                                  'maximum likelihood' 
_refine.pdbx_starting_model                      
;N-terminally truncated chicken cystatin (1cew.pdb) converted to a polyalanine chain and limited to those fragments that had been modeled in electron density (residues 86-90 not included)
;
_refine.pdbx_method_to_determine_struct          'MOLECULAR REPLACEMENT' 
_refine.pdbx_isotropic_thermal_model             'individual isotropic' 
_refine.pdbx_stereochemistry_target_values       'Engh & Huber' 
_refine.pdbx_stereochem_target_val_spec_case     ? 
_refine.pdbx_R_Free_selection_details            random 
_refine.pdbx_overall_ESU_R_Free                  ? 
_refine.overall_SU_B                             ? 
_refine.ls_redundancy_reflns_obs                 ? 
_refine.B_iso_min                                ? 
_refine.B_iso_max                                ? 
_refine.overall_SU_ML                            ? 
_refine.pdbx_overall_ESU_R                       ? 
_refine.pdbx_data_cutoff_high_rms_absF           ? 
_refine.correlation_coeff_Fo_to_Fc               ? 
_refine.correlation_coeff_Fo_to_Fc_free          ? 
_refine.overall_SU_R_Cruickshank_DPI             ? 
_refine.overall_SU_R_free                        ? 
_refine.pdbx_refine_id                           'X-RAY DIFFRACTION' 
_refine.pdbx_diffrn_id                           1 
_refine.pdbx_TLS_residual_ADP_flag               ? 
_refine.pdbx_solvent_vdw_probe_radii             ? 
_refine.pdbx_solvent_ion_probe_radii             ? 
_refine.pdbx_solvent_shrinkage_radii             ? 
_refine.pdbx_overall_phase_error                 ? 
_refine.pdbx_overall_SU_R_free_Cruickshank_DPI   ? 
_refine.pdbx_overall_SU_R_Blow_DPI               ? 
_refine.pdbx_overall_SU_R_free_Blow_DPI          ? 
# 
_refine_analyze.entry_id                        1G96 
_refine_analyze.Luzzati_coordinate_error_obs    0.33 
_refine_analyze.Luzzati_sigma_a_obs             0.46 
_refine_analyze.Luzzati_d_res_low_obs           5.0 
_refine_analyze.Luzzati_coordinate_error_free   0.37 
_refine_analyze.Luzzati_sigma_a_free            0.50 
_refine_analyze.Luzzati_d_res_low_free          ? 
_refine_analyze.number_disordered_residues      ? 
_refine_analyze.occupancy_sum_hydrogen          ? 
_refine_analyze.occupancy_sum_non_hydrogen      ? 
_refine_analyze.pdbx_Luzzati_d_res_high_obs     ? 
_refine_analyze.pdbx_refine_id                  'X-RAY DIFFRACTION' 
# 
_refine_hist.pdbx_refine_id                   'X-RAY DIFFRACTION' 
_refine_hist.cycle_id                         LAST 
_refine_hist.pdbx_number_atoms_protein        871 
_refine_hist.pdbx_number_atoms_nucleic_acid   0 
_refine_hist.pdbx_number_atoms_ligand         7 
_refine_hist.number_atoms_solvent             22 
_refine_hist.number_atoms_total               900 
_refine_hist.d_res_high                       2.5 
_refine_hist.d_res_low                        20.0 
# 
loop_
_refine_ls_restr.type 
_refine_ls_restr.dev_ideal 
_refine_ls_restr.dev_ideal_target 
_refine_ls_restr.weight 
_refine_ls_restr.number 
_refine_ls_restr.pdbx_refine_id 
_refine_ls_restr.pdbx_restraint_function 
c_bond_d           0.015 ?    ? ? 'X-RAY DIFFRACTION' ? 
c_angle_deg        2.0   ?    ? ? 'X-RAY DIFFRACTION' ? 
c_dihedral_angle_d 25.8  ?    ? ? 'X-RAY DIFFRACTION' ? 
c_improper_angle_d 1.85  ?    ? ? 'X-RAY DIFFRACTION' ? 
c_mcbond_it        2.41  1.50 ? ? 'X-RAY DIFFRACTION' ? 
c_mcangle_it       4.03  2.00 ? ? 'X-RAY DIFFRACTION' ? 
c_scbond_it        3.90  2.00 ? ? 'X-RAY DIFFRACTION' ? 
c_scangle_it       6.08  2.50 ? ? 'X-RAY DIFFRACTION' ? 
# 
_refine_ls_shell.pdbx_total_number_of_bins_used   10 
_refine_ls_shell.d_res_high                       2.50 
_refine_ls_shell.d_res_low                        2.59 
_refine_ls_shell.number_reflns_R_work             714 
_refine_ls_shell.R_factor_R_work                  0.328 
_refine_ls_shell.percent_reflns_obs               93.5 
_refine_ls_shell.R_factor_R_free                  0.331 
_refine_ls_shell.R_factor_R_free_error            0.040 
_refine_ls_shell.percent_reflns_R_free            8.3 
_refine_ls_shell.number_reflns_R_free             70 
_refine_ls_shell.number_reflns_obs                784 
_refine_ls_shell.redundancy_reflns_obs            ? 
_refine_ls_shell.number_reflns_all                ? 
_refine_ls_shell.pdbx_refine_id                   'X-RAY DIFFRACTION' 
_refine_ls_shell.R_factor_all                     ? 
# 
_struct.entry_id                  1G96 
_struct.title                     'HUMAN CYSTATIN C; DIMERIC FORM WITH 3D DOMAIN SWAPPING' 
_struct.pdbx_model_details        ? 
_struct.pdbx_CASP_flag            ? 
_struct.pdbx_model_type_details   ? 
# 
_struct_keywords.entry_id        1G96 
_struct_keywords.pdbx_keywords   'hydrolase inhibitor' 
_struct_keywords.text            
;human cystatin C dimer, 3D domain swapping, amyloid formation, inhibitor of C1 and C13 cysteine proteases, AMYLOID ANGIOPATHY AND CEREBRAL HEMORRHAGE, hydrolase inhibitor
;
# 
loop_
_struct_asym.id 
_struct_asym.pdbx_blank_PDB_chainid_flag 
_struct_asym.pdbx_modified 
_struct_asym.entity_id 
_struct_asym.details 
A N N 1 ? 
B N N 2 ? 
C N N 3 ? 
D N N 4 ? 
# 
_struct_ref.id                         1 
_struct_ref.entity_id                  1 
_struct_ref.db_name                    UNP 
_struct_ref.db_code                    CYTC_HUMAN 
_struct_ref.pdbx_db_accession          P01034 
_struct_ref.pdbx_align_begin           27 
_struct_ref.pdbx_seq_one_letter_code   
;SSPGKPPRLVGGPMDASVEEEGVRRALDFAVGEYNKASNDMYHSRALQVVRARKQIVAGVNYFLDVELGRTTCTKTQPNL
DNCPFHDQPHLKRKAFCSFQIYAVPWQGTMTLSKSTCQDA
;
_struct_ref.pdbx_db_isoform            ? 
# 
_struct_ref_seq.align_id                      1 
_struct_ref_seq.ref_id                        1 
_struct_ref_seq.pdbx_PDB_id_code              1G96 
_struct_ref_seq.pdbx_strand_id                A 
_struct_ref_seq.seq_align_beg                 1 
_struct_ref_seq.pdbx_seq_align_beg_ins_code   ? 
_struct_ref_seq.seq_align_end                 120 
_struct_ref_seq.pdbx_seq_align_end_ins_code   ? 
_struct_ref_seq.pdbx_db_accession             P01034 
_struct_ref_seq.db_align_beg                  27 
_struct_ref_seq.pdbx_db_align_beg_ins_code    ? 
_struct_ref_seq.db_align_end                  146 
_struct_ref_seq.pdbx_db_align_end_ins_code    ? 
_struct_ref_seq.pdbx_auth_seq_align_beg       1 
_struct_ref_seq.pdbx_auth_seq_align_end       120 
# 
loop_
_pdbx_struct_assembly.id 
_pdbx_struct_assembly.details 
_pdbx_struct_assembly.method_details 
_pdbx_struct_assembly.oligomeric_details 
_pdbx_struct_assembly.oligomeric_count 
1 author_and_software_defined_assembly PISA     dimeric   2 
2 software_defined_assembly            PISA,PQS octameric 8 
# 
loop_
_pdbx_struct_assembly_prop.biol_id 
_pdbx_struct_assembly_prop.type 
_pdbx_struct_assembly_prop.value 
_pdbx_struct_assembly_prop.details 
1 'ABSA (A^2)' 6420  ? 
1 MORE         -38   ? 
1 'SSA (A^2)'  13750 ? 
2 'ABSA (A^2)' 40850 ? 
2 MORE         -176  ? 
2 'SSA (A^2)'  39830 ? 
# 
loop_
_pdbx_struct_assembly_gen.assembly_id 
_pdbx_struct_assembly_gen.oper_expression 
_pdbx_struct_assembly_gen.asym_id_list 
1 1,2             A,B,C,D 
2 1,2,3,4,5,6,7,8 A,B,C,D 
# 
loop_
_pdbx_struct_oper_list.id 
_pdbx_struct_oper_list.type 
_pdbx_struct_oper_list.name 
_pdbx_struct_oper_list.symmetry_operation 
_pdbx_struct_oper_list.matrix[1][1] 
_pdbx_struct_oper_list.matrix[1][2] 
_pdbx_struct_oper_list.matrix[1][3] 
_pdbx_struct_oper_list.vector[1] 
_pdbx_struct_oper_list.matrix[2][1] 
_pdbx_struct_oper_list.matrix[2][2] 
_pdbx_struct_oper_list.matrix[2][3] 
_pdbx_struct_oper_list.vector[2] 
_pdbx_struct_oper_list.matrix[3][1] 
_pdbx_struct_oper_list.matrix[3][2] 
_pdbx_struct_oper_list.matrix[3][3] 
_pdbx_struct_oper_list.vector[3] 
1 'identity operation'         1_555  x,y,z      1.0000000000  0.0000000000  0.0000000000  0.0000000000   0.0000000000  1.0000000000  0.0000000000  0.0000000000  0.0000000000  0.0000000000  1.0000000000  0.0000000000  
2 'crystal symmetry operation' 2_655  -x+1,-y,z  -0.4651972472 -0.7563488533 -0.4599216600 2.6600167008   -0.7563488533 0.0696721078  0.6504476993  -1.7101348845 -0.4599216600 0.6504476993  -0.6044748606 5.9054466208  
3 'crystal symmetry operation' 3_655  -x+1,y,-z  0.2332093029  0.3119133202  0.9210447881  -19.8493815796 0.3119133202  -0.9211083479 0.2329581339  23.3000577351 0.9210447881  0.2329581339  -0.3121009550 18.6862179482 
4 'crystal symmetry operation' 4_555  x,-y,-z    -0.7680120557 0.4444355330  -0.4611231281 -14.3232739574 0.4444355330  -0.1485637599 -0.8834058332 27.0806937190 -0.4611231281 -0.8834058332 -0.0834241844 18.8947271051 
5 'crystal symmetry operation' 17_555 x,z,-y     0.1159939722  -0.4547518841 -0.8830323450 8.1688955789   0.8991874171  0.4257181200  -0.1011240386 15.1709852637 0.4219092169  -0.7822817946 0.4582879078  18.7316785665 
6 'crystal symmetry operation' 18_655 -x+1,z,y   0.6961166915  -0.6937817873 0.1846303967  4.0404281648   -0.6937817873 -0.7162145913 -0.0755214587 16.2376207903 0.1846303967  -0.0755214587 -0.9799021002 23.8981662929 
7 'crystal symmetry operation' 19_655 -x+1,-z,-y -0.9281046358 0.2493462543  0.2764927314  -21.2297930435 0.2493462543  -0.1352216487 0.9589272919  5.3523020603  0.2764927314  0.9589272919  0.0633262845  0.6934982761  
8 'crystal symmetry operation' 20_555 x,-z,y     0.1159939722  0.8991874171  0.4219092169  -22.4921695364 -0.4547518841 0.4257181200  -0.7822817946 11.9097084553 -0.8830323450 -0.1011240386 0.4582879078  0.1630485386 
# 
_struct_biol.id                    1 
_struct_biol.details               
;Human cystatin C in the present structure forms crystallographic dimers with 3D swapped domains. The dimer is generated by two-fold rotation of the 4(2) axis using the following transformation: 1/2-x, -y, z.
;
_struct_biol.pdbx_parent_biol_id   ? 
# 
loop_
_struct_conf.conf_type_id 
_struct_conf.id 
_struct_conf.pdbx_PDB_helix_id 
_struct_conf.beg_label_comp_id 
_struct_conf.beg_label_asym_id 
_struct_conf.beg_label_seq_id 
_struct_conf.pdbx_beg_PDB_ins_code 
_struct_conf.end_label_comp_id 
_struct_conf.end_label_asym_id 
_struct_conf.end_label_seq_id 
_struct_conf.pdbx_end_PDB_ins_code 
_struct_conf.beg_auth_comp_id 
_struct_conf.beg_auth_asym_id 
_struct_conf.beg_auth_seq_id 
_struct_conf.end_auth_comp_id 
_struct_conf.end_auth_asym_id 
_struct_conf.end_auth_seq_id 
_struct_conf.pdbx_PDB_helix_class 
_struct_conf.details 
_struct_conf.pdbx_PDB_helix_length 
HELX_P HELX_P1 1 GLU A 20  ? SER A 38  ? GLU A 20  SER A 38  1 ? 19 
HELX_P HELX_P2 2 ASN A 79  ? CYS A 83  ? ASN A 79  CYS A 83  5 ? 5  
HELX_P HELX_P3 3 PRO A 105 ? GLY A 108 ? PRO A 105 GLY A 108 5 ? 4  
# 
_struct_conf_type.id          HELX_P 
_struct_conf_type.criteria    ? 
_struct_conf_type.reference   ? 
# 
loop_
_struct_conn.id 
_struct_conn.conn_type_id 
_struct_conn.pdbx_leaving_atom_flag 
_struct_conn.pdbx_PDB_id 
_struct_conn.ptnr1_label_asym_id 
_struct_conn.ptnr1_label_comp_id 
_struct_conn.ptnr1_label_seq_id 
_struct_conn.ptnr1_label_atom_id 
_struct_conn.pdbx_ptnr1_label_alt_id 
_struct_conn.pdbx_ptnr1_PDB_ins_code 
_struct_conn.pdbx_ptnr1_standard_comp_id 
_struct_conn.ptnr1_symmetry 
_struct_conn.ptnr2_label_asym_id 
_struct_conn.ptnr2_label_comp_id 
_struct_conn.ptnr2_label_seq_id 
_struct_conn.ptnr2_label_atom_id 
_struct_conn.pdbx_ptnr2_label_alt_id 
_struct_conn.pdbx_ptnr2_PDB_ins_code 
_struct_conn.ptnr1_auth_asym_id 
_struct_conn.ptnr1_auth_comp_id 
_struct_conn.ptnr1_auth_seq_id 
_struct_conn.ptnr2_auth_asym_id 
_struct_conn.ptnr2_auth_comp_id 
_struct_conn.ptnr2_auth_seq_id 
_struct_conn.ptnr2_symmetry 
_struct_conn.pdbx_ptnr3_label_atom_id 
_struct_conn.pdbx_ptnr3_label_seq_id 
_struct_conn.pdbx_ptnr3_label_comp_id 
_struct_conn.pdbx_ptnr3_label_asym_id 
_struct_conn.pdbx_ptnr3_label_alt_id 
_struct_conn.pdbx_ptnr3_PDB_ins_code 
_struct_conn.details 
_struct_conn.pdbx_dist_value 
_struct_conn.pdbx_value_order 
_struct_conn.pdbx_role 
disulf1 disulf ? ? A CYS 73 SG ? ? ? 1_555 A CYS 83  SG ? ? A CYS 73 A CYS 83  1_555 ? ? ? ? ? ? ? 2.028 ? ? 
disulf2 disulf ? ? A CYS 97 SG ? ? ? 1_555 A CYS 117 SG ? ? A CYS 97 A CYS 117 1_555 ? ? ? ? ? ? ? 2.039 ? ? 
# 
_struct_conn_type.id          disulf 
_struct_conn_type.criteria    ? 
_struct_conn_type.reference   ? 
# 
loop_
_pdbx_modification_feature.ordinal 
_pdbx_modification_feature.label_comp_id 
_pdbx_modification_feature.label_asym_id 
_pdbx_modification_feature.label_seq_id 
_pdbx_modification_feature.label_alt_id 
_pdbx_modification_feature.modified_residue_label_comp_id 
_pdbx_modification_feature.modified_residue_label_asym_id 
_pdbx_modification_feature.modified_residue_label_seq_id 
_pdbx_modification_feature.modified_residue_label_alt_id 
_pdbx_modification_feature.auth_comp_id 
_pdbx_modification_feature.auth_asym_id 
_pdbx_modification_feature.auth_seq_id 
_pdbx_modification_feature.PDB_ins_code 
_pdbx_modification_feature.symmetry 
_pdbx_modification_feature.modified_residue_auth_comp_id 
_pdbx_modification_feature.modified_residue_auth_asym_id 
_pdbx_modification_feature.modified_residue_auth_seq_id 
_pdbx_modification_feature.modified_residue_PDB_ins_code 
_pdbx_modification_feature.modified_residue_symmetry 
_pdbx_modification_feature.comp_id_linking_atom 
_pdbx_modification_feature.modified_residue_id_linking_atom 
_pdbx_modification_feature.modified_residue_id 
_pdbx_modification_feature.ref_pcm_id 
_pdbx_modification_feature.ref_comp_id 
_pdbx_modification_feature.type 
_pdbx_modification_feature.category 
1 CYS A 73 ? CYS A 83  ? CYS A 73 ? 1_555 CYS A 83  ? 1_555 SG SG . . . None 'Disulfide bridge' 
2 CYS A 97 ? CYS A 117 ? CYS A 97 ? 1_555 CYS A 117 ? 1_555 SG SG . . . None 'Disulfide bridge' 
# 
loop_
_struct_sheet.id 
_struct_sheet.type 
_struct_sheet.number_strands 
_struct_sheet.details 
A ? 2 ? 
B ? 3 ? 
# 
loop_
_struct_sheet_order.sheet_id 
_struct_sheet_order.range_id_1 
_struct_sheet_order.range_id_2 
_struct_sheet_order.offset 
_struct_sheet_order.sense 
A 1 2 ? anti-parallel 
B 1 2 ? anti-parallel 
B 2 3 ? anti-parallel 
# 
loop_
_struct_sheet_range.sheet_id 
_struct_sheet_range.id 
_struct_sheet_range.beg_label_comp_id 
_struct_sheet_range.beg_label_asym_id 
_struct_sheet_range.beg_label_seq_id 
_struct_sheet_range.pdbx_beg_PDB_ins_code 
_struct_sheet_range.end_label_comp_id 
_struct_sheet_range.end_label_asym_id 
_struct_sheet_range.end_label_seq_id 
_struct_sheet_range.pdbx_end_PDB_ins_code 
_struct_sheet_range.beg_auth_comp_id 
_struct_sheet_range.beg_auth_asym_id 
_struct_sheet_range.beg_auth_seq_id 
_struct_sheet_range.end_auth_comp_id 
_struct_sheet_range.end_auth_asym_id 
_struct_sheet_range.end_auth_seq_id 
A 1 MET A 14  ? ASP A 15  ? MET A 14  ASP A 15  
A 2 ARG A 53  ? LYS A 54  ? ARG A 53  LYS A 54  
B 1 VAL A 60  ? GLY A 69  ? VAL A 60  GLY A 69  
B 2 LYS A 94  ? VAL A 104 ? LYS A 94  VAL A 104 
B 3 THR A 109 ? ASP A 119 ? THR A 109 ASP A 119 
# 
loop_
_pdbx_struct_sheet_hbond.sheet_id 
_pdbx_struct_sheet_hbond.range_id_1 
_pdbx_struct_sheet_hbond.range_id_2 
_pdbx_struct_sheet_hbond.range_1_label_atom_id 
_pdbx_struct_sheet_hbond.range_1_label_comp_id 
_pdbx_struct_sheet_hbond.range_1_label_asym_id 
_pdbx_struct_sheet_hbond.range_1_label_seq_id 
_pdbx_struct_sheet_hbond.range_1_PDB_ins_code 
_pdbx_struct_sheet_hbond.range_1_auth_atom_id 
_pdbx_struct_sheet_hbond.range_1_auth_comp_id 
_pdbx_struct_sheet_hbond.range_1_auth_asym_id 
_pdbx_struct_sheet_hbond.range_1_auth_seq_id 
_pdbx_struct_sheet_hbond.range_2_label_atom_id 
_pdbx_struct_sheet_hbond.range_2_label_comp_id 
_pdbx_struct_sheet_hbond.range_2_label_asym_id 
_pdbx_struct_sheet_hbond.range_2_label_seq_id 
_pdbx_struct_sheet_hbond.range_2_PDB_ins_code 
_pdbx_struct_sheet_hbond.range_2_auth_atom_id 
_pdbx_struct_sheet_hbond.range_2_auth_comp_id 
_pdbx_struct_sheet_hbond.range_2_auth_asym_id 
_pdbx_struct_sheet_hbond.range_2_auth_seq_id 
A 1 2 O MET A 14  ? O MET A 14  N LYS A 54  ? N LYS A 54  
B 1 2 N LEU A 68  ? N LEU A 68  O ALA A 95  ? O ALA A 95  
B 2 3 N VAL A 104 ? N VAL A 104 O THR A 109 ? O THR A 109 
# 
_struct_site.id                   AC1 
_struct_site.pdbx_evidence_code   Software 
_struct_site.pdbx_auth_asym_id    A 
_struct_site.pdbx_auth_comp_id    GOL 
_struct_site.pdbx_auth_seq_id     201 
_struct_site.pdbx_auth_ins_code   ? 
_struct_site.pdbx_num_residues    5 
_struct_site.details              'BINDING SITE FOR RESIDUE GOL A 201' 
# 
loop_
_struct_site_gen.id 
_struct_site_gen.site_id 
_struct_site_gen.pdbx_num_res 
_struct_site_gen.label_comp_id 
_struct_site_gen.label_asym_id 
_struct_site_gen.label_seq_id 
_struct_site_gen.pdbx_auth_ins_code 
_struct_site_gen.auth_comp_id 
_struct_site_gen.auth_asym_id 
_struct_site_gen.auth_seq_id 
_struct_site_gen.label_atom_id 
_struct_site_gen.label_alt_id 
_struct_site_gen.symmetry 
_struct_site_gen.details 
1 AC1 5 TYR A 34 ? TYR A 34 . ? 1_555 ? 
2 AC1 5 ASP A 40 ? ASP A 40 . ? 1_555 ? 
3 AC1 5 SER A 44 ? SER A 44 . ? 1_555 ? 
4 AC1 5 ARG A 70 ? ARG A 70 . ? 2_655 ? 
5 AC1 5 ARG A 93 ? ARG A 93 . ? 2_655 ? 
# 
_pdbx_entry_details.entry_id                   1G96 
_pdbx_entry_details.compound_details           ? 
_pdbx_entry_details.source_details             ? 
_pdbx_entry_details.nonpolymer_details         ? 
_pdbx_entry_details.sequence_details           ? 
_pdbx_entry_details.has_ligand_of_interest     ? 
_pdbx_entry_details.has_protein_modification   Y 
# 
_pdbx_validate_rmsd_bond.id                        1 
_pdbx_validate_rmsd_bond.PDB_model_num             1 
_pdbx_validate_rmsd_bond.auth_atom_id_1            C 
_pdbx_validate_rmsd_bond.auth_asym_id_1            A 
_pdbx_validate_rmsd_bond.auth_comp_id_1            ALA 
_pdbx_validate_rmsd_bond.auth_seq_id_1             120 
_pdbx_validate_rmsd_bond.PDB_ins_code_1            ? 
_pdbx_validate_rmsd_bond.label_alt_id_1            ? 
_pdbx_validate_rmsd_bond.auth_atom_id_2            OXT 
_pdbx_validate_rmsd_bond.auth_asym_id_2            A 
_pdbx_validate_rmsd_bond.auth_comp_id_2            ALA 
_pdbx_validate_rmsd_bond.auth_seq_id_2             120 
_pdbx_validate_rmsd_bond.PDB_ins_code_2            ? 
_pdbx_validate_rmsd_bond.label_alt_id_2            ? 
_pdbx_validate_rmsd_bond.bond_value                1.111 
_pdbx_validate_rmsd_bond.bond_target_value         1.229 
_pdbx_validate_rmsd_bond.bond_deviation            -0.118 
_pdbx_validate_rmsd_bond.bond_standard_deviation   0.019 
_pdbx_validate_rmsd_bond.linker_flag               N 
# 
loop_
_pdbx_validate_torsion.id 
_pdbx_validate_torsion.PDB_model_num 
_pdbx_validate_torsion.auth_comp_id 
_pdbx_validate_torsion.auth_asym_id 
_pdbx_validate_torsion.auth_seq_id 
_pdbx_validate_torsion.PDB_ins_code 
_pdbx_validate_torsion.label_alt_id 
_pdbx_validate_torsion.phi 
_pdbx_validate_torsion.psi 
1 1 ASP A 15  ? ? -48.71  151.74 
2 1 GLU A 20  ? ? -37.73  128.14 
3 1 ASN A 79  ? ? 72.66   40.75  
4 1 SER A 115 ? ? -162.63 113.88 
# 
_pdbx_struct_special_symmetry.id              1 
_pdbx_struct_special_symmetry.PDB_model_num   1 
_pdbx_struct_special_symmetry.auth_asym_id    A 
_pdbx_struct_special_symmetry.auth_comp_id    CL 
_pdbx_struct_special_symmetry.auth_seq_id     301 
_pdbx_struct_special_symmetry.PDB_ins_code    ? 
_pdbx_struct_special_symmetry.label_asym_id   B 
_pdbx_struct_special_symmetry.label_comp_id   CL 
_pdbx_struct_special_symmetry.label_seq_id    . 
# 
loop_
_pdbx_unobs_or_zero_occ_residues.id 
_pdbx_unobs_or_zero_occ_residues.PDB_model_num 
_pdbx_unobs_or_zero_occ_residues.polymer_flag 
_pdbx_unobs_or_zero_occ_residues.occupancy_flag 
_pdbx_unobs_or_zero_occ_residues.auth_asym_id 
_pdbx_unobs_or_zero_occ_residues.auth_comp_id 
_pdbx_unobs_or_zero_occ_residues.auth_seq_id 
_pdbx_unobs_or_zero_occ_residues.PDB_ins_code 
_pdbx_unobs_or_zero_occ_residues.label_asym_id 
_pdbx_unobs_or_zero_occ_residues.label_comp_id 
_pdbx_unobs_or_zero_occ_residues.label_seq_id 
1 1 Y 1 A SER 1 ? A SER 1 
2 1 Y 1 A SER 2 ? A SER 2 
3 1 Y 1 A PRO 3 ? A PRO 3 
4 1 Y 1 A GLY 4 ? A GLY 4 
5 1 Y 1 A LYS 5 ? A LYS 5 
6 1 Y 1 A PRO 6 ? A PRO 6 
7 1 Y 1 A PRO 7 ? A PRO 7 
8 1 Y 1 A ARG 8 ? A ARG 8 
9 1 Y 1 A LEU 9 ? A LEU 9 
# 
loop_
_chem_comp_atom.comp_id 
_chem_comp_atom.atom_id 
_chem_comp_atom.type_symbol 
_chem_comp_atom.pdbx_aromatic_flag 
_chem_comp_atom.pdbx_stereo_config 
_chem_comp_atom.pdbx_ordinal 
ALA N    N  N N 1   
ALA CA   C  N S 2   
ALA C    C  N N 3   
ALA O    O  N N 4   
ALA CB   C  N N 5   
ALA OXT  O  N N 6   
ALA H    H  N N 7   
ALA H2   H  N N 8   
ALA HA   H  N N 9   
ALA HB1  H  N N 10  
ALA HB2  H  N N 11  
ALA HB3  H  N N 12  
ALA HXT  H  N N 13  
ARG N    N  N N 14  
ARG CA   C  N S 15  
ARG C    C  N N 16  
ARG O    O  N N 17  
ARG CB   C  N N 18  
ARG CG   C  N N 19  
ARG CD   C  N N 20  
ARG NE   N  N N 21  
ARG CZ   C  N N 22  
ARG NH1  N  N N 23  
ARG NH2  N  N N 24  
ARG OXT  O  N N 25  
ARG H    H  N N 26  
ARG H2   H  N N 27  
ARG HA   H  N N 28  
ARG HB2  H  N N 29  
ARG HB3  H  N N 30  
ARG HG2  H  N N 31  
ARG HG3  H  N N 32  
ARG HD2  H  N N 33  
ARG HD3  H  N N 34  
ARG HE   H  N N 35  
ARG HH11 H  N N 36  
ARG HH12 H  N N 37  
ARG HH21 H  N N 38  
ARG HH22 H  N N 39  
ARG HXT  H  N N 40  
ASN N    N  N N 41  
ASN CA   C  N S 42  
ASN C    C  N N 43  
ASN O    O  N N 44  
ASN CB   C  N N 45  
ASN CG   C  N N 46  
ASN OD1  O  N N 47  
ASN ND2  N  N N 48  
ASN OXT  O  N N 49  
ASN H    H  N N 50  
ASN H2   H  N N 51  
ASN HA   H  N N 52  
ASN HB2  H  N N 53  
ASN HB3  H  N N 54  
ASN HD21 H  N N 55  
ASN HD22 H  N N 56  
ASN HXT  H  N N 57  
ASP N    N  N N 58  
ASP CA   C  N S 59  
ASP C    C  N N 60  
ASP O    O  N N 61  
ASP CB   C  N N 62  
ASP CG   C  N N 63  
ASP OD1  O  N N 64  
ASP OD2  O  N N 65  
ASP OXT  O  N N 66  
ASP H    H  N N 67  
ASP H2   H  N N 68  
ASP HA   H  N N 69  
ASP HB2  H  N N 70  
ASP HB3  H  N N 71  
ASP HD2  H  N N 72  
ASP HXT  H  N N 73  
CL  CL   CL N N 74  
CYS N    N  N N 75  
CYS CA   C  N R 76  
CYS C    C  N N 77  
CYS O    O  N N 78  
CYS CB   C  N N 79  
CYS SG   S  N N 80  
CYS OXT  O  N N 81  
CYS H    H  N N 82  
CYS H2   H  N N 83  
CYS HA   H  N N 84  
CYS HB2  H  N N 85  
CYS HB3  H  N N 86  
CYS HG   H  N N 87  
CYS HXT  H  N N 88  
GLN N    N  N N 89  
GLN CA   C  N S 90  
GLN C    C  N N 91  
GLN O    O  N N 92  
GLN CB   C  N N 93  
GLN CG   C  N N 94  
GLN CD   C  N N 95  
GLN OE1  O  N N 96  
GLN NE2  N  N N 97  
GLN OXT  O  N N 98  
GLN H    H  N N 99  
GLN H2   H  N N 100 
GLN HA   H  N N 101 
GLN HB2  H  N N 102 
GLN HB3  H  N N 103 
GLN HG2  H  N N 104 
GLN HG3  H  N N 105 
GLN HE21 H  N N 106 
GLN HE22 H  N N 107 
GLN HXT  H  N N 108 
GLU N    N  N N 109 
GLU CA   C  N S 110 
GLU C    C  N N 111 
GLU O    O  N N 112 
GLU CB   C  N N 113 
GLU CG   C  N N 114 
GLU CD   C  N N 115 
GLU OE1  O  N N 116 
GLU OE2  O  N N 117 
GLU OXT  O  N N 118 
GLU H    H  N N 119 
GLU H2   H  N N 120 
GLU HA   H  N N 121 
GLU HB2  H  N N 122 
GLU HB3  H  N N 123 
GLU HG2  H  N N 124 
GLU HG3  H  N N 125 
GLU HE2  H  N N 126 
GLU HXT  H  N N 127 
GLY N    N  N N 128 
GLY CA   C  N N 129 
GLY C    C  N N 130 
GLY O    O  N N 131 
GLY OXT  O  N N 132 
GLY H    H  N N 133 
GLY H2   H  N N 134 
GLY HA2  H  N N 135 
GLY HA3  H  N N 136 
GLY HXT  H  N N 137 
GOL C1   C  N N 138 
GOL O1   O  N N 139 
GOL C2   C  N N 140 
GOL O2   O  N N 141 
GOL C3   C  N N 142 
GOL O3   O  N N 143 
GOL H11  H  N N 144 
GOL H12  H  N N 145 
GOL HO1  H  N N 146 
GOL H2   H  N N 147 
GOL HO2  H  N N 148 
GOL H31  H  N N 149 
GOL H32  H  N N 150 
GOL HO3  H  N N 151 
HIS N    N  N N 152 
HIS CA   C  N S 153 
HIS C    C  N N 154 
HIS O    O  N N 155 
HIS CB   C  N N 156 
HIS CG   C  Y N 157 
HIS ND1  N  Y N 158 
HIS CD2  C  Y N 159 
HIS CE1  C  Y N 160 
HIS NE2  N  Y N 161 
HIS OXT  O  N N 162 
HIS H    H  N N 163 
HIS H2   H  N N 164 
HIS HA   H  N N 165 
HIS HB2  H  N N 166 
HIS HB3  H  N N 167 
HIS HD1  H  N N 168 
HIS HD2  H  N N 169 
HIS HE1  H  N N 170 
HIS HE2  H  N N 171 
HIS HXT  H  N N 172 
HOH O    O  N N 173 
HOH H1   H  N N 174 
HOH H2   H  N N 175 
ILE N    N  N N 176 
ILE CA   C  N S 177 
ILE C    C  N N 178 
ILE O    O  N N 179 
ILE CB   C  N S 180 
ILE CG1  C  N N 181 
ILE CG2  C  N N 182 
ILE CD1  C  N N 183 
ILE OXT  O  N N 184 
ILE H    H  N N 185 
ILE H2   H  N N 186 
ILE HA   H  N N 187 
ILE HB   H  N N 188 
ILE HG12 H  N N 189 
ILE HG13 H  N N 190 
ILE HG21 H  N N 191 
ILE HG22 H  N N 192 
ILE HG23 H  N N 193 
ILE HD11 H  N N 194 
ILE HD12 H  N N 195 
ILE HD13 H  N N 196 
ILE HXT  H  N N 197 
LEU N    N  N N 198 
LEU CA   C  N S 199 
LEU C    C  N N 200 
LEU O    O  N N 201 
LEU CB   C  N N 202 
LEU CG   C  N N 203 
LEU CD1  C  N N 204 
LEU CD2  C  N N 205 
LEU OXT  O  N N 206 
LEU H    H  N N 207 
LEU H2   H  N N 208 
LEU HA   H  N N 209 
LEU HB2  H  N N 210 
LEU HB3  H  N N 211 
LEU HG   H  N N 212 
LEU HD11 H  N N 213 
LEU HD12 H  N N 214 
LEU HD13 H  N N 215 
LEU HD21 H  N N 216 
LEU HD22 H  N N 217 
LEU HD23 H  N N 218 
LEU HXT  H  N N 219 
LYS N    N  N N 220 
LYS CA   C  N S 221 
LYS C    C  N N 222 
LYS O    O  N N 223 
LYS CB   C  N N 224 
LYS CG   C  N N 225 
LYS CD   C  N N 226 
LYS CE   C  N N 227 
LYS NZ   N  N N 228 
LYS OXT  O  N N 229 
LYS H    H  N N 230 
LYS H2   H  N N 231 
LYS HA   H  N N 232 
LYS HB2  H  N N 233 
LYS HB3  H  N N 234 
LYS HG2  H  N N 235 
LYS HG3  H  N N 236 
LYS HD2  H  N N 237 
LYS HD3  H  N N 238 
LYS HE2  H  N N 239 
LYS HE3  H  N N 240 
LYS HZ1  H  N N 241 
LYS HZ2  H  N N 242 
LYS HZ3  H  N N 243 
LYS HXT  H  N N 244 
MET N    N  N N 245 
MET CA   C  N S 246 
MET C    C  N N 247 
MET O    O  N N 248 
MET CB   C  N N 249 
MET CG   C  N N 250 
MET SD   S  N N 251 
MET CE   C  N N 252 
MET OXT  O  N N 253 
MET H    H  N N 254 
MET H2   H  N N 255 
MET HA   H  N N 256 
MET HB2  H  N N 257 
MET HB3  H  N N 258 
MET HG2  H  N N 259 
MET HG3  H  N N 260 
MET HE1  H  N N 261 
MET HE2  H  N N 262 
MET HE3  H  N N 263 
MET HXT  H  N N 264 
PHE N    N  N N 265 
PHE CA   C  N S 266 
PHE C    C  N N 267 
PHE O    O  N N 268 
PHE CB   C  N N 269 
PHE CG   C  Y N 270 
PHE CD1  C  Y N 271 
PHE CD2  C  Y N 272 
PHE CE1  C  Y N 273 
PHE CE2  C  Y N 274 
PHE CZ   C  Y N 275 
PHE OXT  O  N N 276 
PHE H    H  N N 277 
PHE H2   H  N N 278 
PHE HA   H  N N 279 
PHE HB2  H  N N 280 
PHE HB3  H  N N 281 
PHE HD1  H  N N 282 
PHE HD2  H  N N 283 
PHE HE1  H  N N 284 
PHE HE2  H  N N 285 
PHE HZ   H  N N 286 
PHE HXT  H  N N 287 
PRO N    N  N N 288 
PRO CA   C  N S 289 
PRO C    C  N N 290 
PRO O    O  N N 291 
PRO CB   C  N N 292 
PRO CG   C  N N 293 
PRO CD   C  N N 294 
PRO OXT  O  N N 295 
PRO H    H  N N 296 
PRO HA   H  N N 297 
PRO HB2  H  N N 298 
PRO HB3  H  N N 299 
PRO HG2  H  N N 300 
PRO HG3  H  N N 301 
PRO HD2  H  N N 302 
PRO HD3  H  N N 303 
PRO HXT  H  N N 304 
SER N    N  N N 305 
SER CA   C  N S 306 
SER C    C  N N 307 
SER O    O  N N 308 
SER CB   C  N N 309 
SER OG   O  N N 310 
SER OXT  O  N N 311 
SER H    H  N N 312 
SER H2   H  N N 313 
SER HA   H  N N 314 
SER HB2  H  N N 315 
SER HB3  H  N N 316 
SER HG   H  N N 317 
SER HXT  H  N N 318 
THR N    N  N N 319 
THR CA   C  N S 320 
THR C    C  N N 321 
THR O    O  N N 322 
THR CB   C  N R 323 
THR OG1  O  N N 324 
THR CG2  C  N N 325 
THR OXT  O  N N 326 
THR H    H  N N 327 
THR H2   H  N N 328 
THR HA   H  N N 329 
THR HB   H  N N 330 
THR HG1  H  N N 331 
THR HG21 H  N N 332 
THR HG22 H  N N 333 
THR HG23 H  N N 334 
THR HXT  H  N N 335 
TRP N    N  N N 336 
TRP CA   C  N S 337 
TRP C    C  N N 338 
TRP O    O  N N 339 
TRP CB   C  N N 340 
TRP CG   C  Y N 341 
TRP CD1  C  Y N 342 
TRP CD2  C  Y N 343 
TRP NE1  N  Y N 344 
TRP CE2  C  Y N 345 
TRP CE3  C  Y N 346 
TRP CZ2  C  Y N 347 
TRP CZ3  C  Y N 348 
TRP CH2  C  Y N 349 
TRP OXT  O  N N 350 
TRP H    H  N N 351 
TRP H2   H  N N 352 
TRP HA   H  N N 353 
TRP HB2  H  N N 354 
TRP HB3  H  N N 355 
TRP HD1  H  N N 356 
TRP HE1  H  N N 357 
TRP HE3  H  N N 358 
TRP HZ2  H  N N 359 
TRP HZ3  H  N N 360 
TRP HH2  H  N N 361 
TRP HXT  H  N N 362 
TYR N    N  N N 363 
TYR CA   C  N S 364 
TYR C    C  N N 365 
TYR O    O  N N 366 
TYR CB   C  N N 367 
TYR CG   C  Y N 368 
TYR CD1  C  Y N 369 
TYR CD2  C  Y N 370 
TYR CE1  C  Y N 371 
TYR CE2  C  Y N 372 
TYR CZ   C  Y N 373 
TYR OH   O  N N 374 
TYR OXT  O  N N 375 
TYR H    H  N N 376 
TYR H2   H  N N 377 
TYR HA   H  N N 378 
TYR HB2  H  N N 379 
TYR HB3  H  N N 380 
TYR HD1  H  N N 381 
TYR HD2  H  N N 382 
TYR HE1  H  N N 383 
TYR HE2  H  N N 384 
TYR HH   H  N N 385 
TYR HXT  H  N N 386 
VAL N    N  N N 387 
VAL CA   C  N S 388 
VAL C    C  N N 389 
VAL O    O  N N 390 
VAL CB   C  N N 391 
VAL CG1  C  N N 392 
VAL CG2  C  N N 393 
VAL OXT  O  N N 394 
VAL H    H  N N 395 
VAL H2   H  N N 396 
VAL HA   H  N N 397 
VAL HB   H  N N 398 
VAL HG11 H  N N 399 
VAL HG12 H  N N 400 
VAL HG13 H  N N 401 
VAL HG21 H  N N 402 
VAL HG22 H  N N 403 
VAL HG23 H  N N 404 
VAL HXT  H  N N 405 
# 
loop_
_chem_comp_bond.comp_id 
_chem_comp_bond.atom_id_1 
_chem_comp_bond.atom_id_2 
_chem_comp_bond.value_order 
_chem_comp_bond.pdbx_aromatic_flag 
_chem_comp_bond.pdbx_stereo_config 
_chem_comp_bond.pdbx_ordinal 
ALA N   CA   sing N N 1   
ALA N   H    sing N N 2   
ALA N   H2   sing N N 3   
ALA CA  C    sing N N 4   
ALA CA  CB   sing N N 5   
ALA CA  HA   sing N N 6   
ALA C   O    doub N N 7   
ALA C   OXT  sing N N 8   
ALA CB  HB1  sing N N 9   
ALA CB  HB2  sing N N 10  
ALA CB  HB3  sing N N 11  
ALA OXT HXT  sing N N 12  
ARG N   CA   sing N N 13  
ARG N   H    sing N N 14  
ARG N   H2   sing N N 15  
ARG CA  C    sing N N 16  
ARG CA  CB   sing N N 17  
ARG CA  HA   sing N N 18  
ARG C   O    doub N N 19  
ARG C   OXT  sing N N 20  
ARG CB  CG   sing N N 21  
ARG CB  HB2  sing N N 22  
ARG CB  HB3  sing N N 23  
ARG CG  CD   sing N N 24  
ARG CG  HG2  sing N N 25  
ARG CG  HG3  sing N N 26  
ARG CD  NE   sing N N 27  
ARG CD  HD2  sing N N 28  
ARG CD  HD3  sing N N 29  
ARG NE  CZ   sing N N 30  
ARG NE  HE   sing N N 31  
ARG CZ  NH1  sing N N 32  
ARG CZ  NH2  doub N N 33  
ARG NH1 HH11 sing N N 34  
ARG NH1 HH12 sing N N 35  
ARG NH2 HH21 sing N N 36  
ARG NH2 HH22 sing N N 37  
ARG OXT HXT  sing N N 38  
ASN N   CA   sing N N 39  
ASN N   H    sing N N 40  
ASN N   H2   sing N N 41  
ASN CA  C    sing N N 42  
ASN CA  CB   sing N N 43  
ASN CA  HA   sing N N 44  
ASN C   O    doub N N 45  
ASN C   OXT  sing N N 46  
ASN CB  CG   sing N N 47  
ASN CB  HB2  sing N N 48  
ASN CB  HB3  sing N N 49  
ASN CG  OD1  doub N N 50  
ASN CG  ND2  sing N N 51  
ASN ND2 HD21 sing N N 52  
ASN ND2 HD22 sing N N 53  
ASN OXT HXT  sing N N 54  
ASP N   CA   sing N N 55  
ASP N   H    sing N N 56  
ASP N   H2   sing N N 57  
ASP CA  C    sing N N 58  
ASP CA  CB   sing N N 59  
ASP CA  HA   sing N N 60  
ASP C   O    doub N N 61  
ASP C   OXT  sing N N 62  
ASP CB  CG   sing N N 63  
ASP CB  HB2  sing N N 64  
ASP CB  HB3  sing N N 65  
ASP CG  OD1  doub N N 66  
ASP CG  OD2  sing N N 67  
ASP OD2 HD2  sing N N 68  
ASP OXT HXT  sing N N 69  
CYS N   CA   sing N N 70  
CYS N   H    sing N N 71  
CYS N   H2   sing N N 72  
CYS CA  C    sing N N 73  
CYS CA  CB   sing N N 74  
CYS CA  HA   sing N N 75  
CYS C   O    doub N N 76  
CYS C   OXT  sing N N 77  
CYS CB  SG   sing N N 78  
CYS CB  HB2  sing N N 79  
CYS CB  HB3  sing N N 80  
CYS SG  HG   sing N N 81  
CYS OXT HXT  sing N N 82  
GLN N   CA   sing N N 83  
GLN N   H    sing N N 84  
GLN N   H2   sing N N 85  
GLN CA  C    sing N N 86  
GLN CA  CB   sing N N 87  
GLN CA  HA   sing N N 88  
GLN C   O    doub N N 89  
GLN C   OXT  sing N N 90  
GLN CB  CG   sing N N 91  
GLN CB  HB2  sing N N 92  
GLN CB  HB3  sing N N 93  
GLN CG  CD   sing N N 94  
GLN CG  HG2  sing N N 95  
GLN CG  HG3  sing N N 96  
GLN CD  OE1  doub N N 97  
GLN CD  NE2  sing N N 98  
GLN NE2 HE21 sing N N 99  
GLN NE2 HE22 sing N N 100 
GLN OXT HXT  sing N N 101 
GLU N   CA   sing N N 102 
GLU N   H    sing N N 103 
GLU N   H2   sing N N 104 
GLU CA  C    sing N N 105 
GLU CA  CB   sing N N 106 
GLU CA  HA   sing N N 107 
GLU C   O    doub N N 108 
GLU C   OXT  sing N N 109 
GLU CB  CG   sing N N 110 
GLU CB  HB2  sing N N 111 
GLU CB  HB3  sing N N 112 
GLU CG  CD   sing N N 113 
GLU CG  HG2  sing N N 114 
GLU CG  HG3  sing N N 115 
GLU CD  OE1  doub N N 116 
GLU CD  OE2  sing N N 117 
GLU OE2 HE2  sing N N 118 
GLU OXT HXT  sing N N 119 
GLY N   CA   sing N N 120 
GLY N   H    sing N N 121 
GLY N   H2   sing N N 122 
GLY CA  C    sing N N 123 
GLY CA  HA2  sing N N 124 
GLY CA  HA3  sing N N 125 
GLY C   O    doub N N 126 
GLY C   OXT  sing N N 127 
GLY OXT HXT  sing N N 128 
GOL C1  O1   sing N N 129 
GOL C1  C2   sing N N 130 
GOL C1  H11  sing N N 131 
GOL C1  H12  sing N N 132 
GOL O1  HO1  sing N N 133 
GOL C2  O2   sing N N 134 
GOL C2  C3   sing N N 135 
GOL C2  H2   sing N N 136 
GOL O2  HO2  sing N N 137 
GOL C3  O3   sing N N 138 
GOL C3  H31  sing N N 139 
GOL C3  H32  sing N N 140 
GOL O3  HO3  sing N N 141 
HIS N   CA   sing N N 142 
HIS N   H    sing N N 143 
HIS N   H2   sing N N 144 
HIS CA  C    sing N N 145 
HIS CA  CB   sing N N 146 
HIS CA  HA   sing N N 147 
HIS C   O    doub N N 148 
HIS C   OXT  sing N N 149 
HIS CB  CG   sing N N 150 
HIS CB  HB2  sing N N 151 
HIS CB  HB3  sing N N 152 
HIS CG  ND1  sing Y N 153 
HIS CG  CD2  doub Y N 154 
HIS ND1 CE1  doub Y N 155 
HIS ND1 HD1  sing N N 156 
HIS CD2 NE2  sing Y N 157 
HIS CD2 HD2  sing N N 158 
HIS CE1 NE2  sing Y N 159 
HIS CE1 HE1  sing N N 160 
HIS NE2 HE2  sing N N 161 
HIS OXT HXT  sing N N 162 
HOH O   H1   sing N N 163 
HOH O   H2   sing N N 164 
ILE N   CA   sing N N 165 
ILE N   H    sing N N 166 
ILE N   H2   sing N N 167 
ILE CA  C    sing N N 168 
ILE CA  CB   sing N N 169 
ILE CA  HA   sing N N 170 
ILE C   O    doub N N 171 
ILE C   OXT  sing N N 172 
ILE CB  CG1  sing N N 173 
ILE CB  CG2  sing N N 174 
ILE CB  HB   sing N N 175 
ILE CG1 CD1  sing N N 176 
ILE CG1 HG12 sing N N 177 
ILE CG1 HG13 sing N N 178 
ILE CG2 HG21 sing N N 179 
ILE CG2 HG22 sing N N 180 
ILE CG2 HG23 sing N N 181 
ILE CD1 HD11 sing N N 182 
ILE CD1 HD12 sing N N 183 
ILE CD1 HD13 sing N N 184 
ILE OXT HXT  sing N N 185 
LEU N   CA   sing N N 186 
LEU N   H    sing N N 187 
LEU N   H2   sing N N 188 
LEU CA  C    sing N N 189 
LEU CA  CB   sing N N 190 
LEU CA  HA   sing N N 191 
LEU C   O    doub N N 192 
LEU C   OXT  sing N N 193 
LEU CB  CG   sing N N 194 
LEU CB  HB2  sing N N 195 
LEU CB  HB3  sing N N 196 
LEU CG  CD1  sing N N 197 
LEU CG  CD2  sing N N 198 
LEU CG  HG   sing N N 199 
LEU CD1 HD11 sing N N 200 
LEU CD1 HD12 sing N N 201 
LEU CD1 HD13 sing N N 202 
LEU CD2 HD21 sing N N 203 
LEU CD2 HD22 sing N N 204 
LEU CD2 HD23 sing N N 205 
LEU OXT HXT  sing N N 206 
LYS N   CA   sing N N 207 
LYS N   H    sing N N 208 
LYS N   H2   sing N N 209 
LYS CA  C    sing N N 210 
LYS CA  CB   sing N N 211 
LYS CA  HA   sing N N 212 
LYS C   O    doub N N 213 
LYS C   OXT  sing N N 214 
LYS CB  CG   sing N N 215 
LYS CB  HB2  sing N N 216 
LYS CB  HB3  sing N N 217 
LYS CG  CD   sing N N 218 
LYS CG  HG2  sing N N 219 
LYS CG  HG3  sing N N 220 
LYS CD  CE   sing N N 221 
LYS CD  HD2  sing N N 222 
LYS CD  HD3  sing N N 223 
LYS CE  NZ   sing N N 224 
LYS CE  HE2  sing N N 225 
LYS CE  HE3  sing N N 226 
LYS NZ  HZ1  sing N N 227 
LYS NZ  HZ2  sing N N 228 
LYS NZ  HZ3  sing N N 229 
LYS OXT HXT  sing N N 230 
MET N   CA   sing N N 231 
MET N   H    sing N N 232 
MET N   H2   sing N N 233 
MET CA  C    sing N N 234 
MET CA  CB   sing N N 235 
MET CA  HA   sing N N 236 
MET C   O    doub N N 237 
MET C   OXT  sing N N 238 
MET CB  CG   sing N N 239 
MET CB  HB2  sing N N 240 
MET CB  HB3  sing N N 241 
MET CG  SD   sing N N 242 
MET CG  HG2  sing N N 243 
MET CG  HG3  sing N N 244 
MET SD  CE   sing N N 245 
MET CE  HE1  sing N N 246 
MET CE  HE2  sing N N 247 
MET CE  HE3  sing N N 248 
MET OXT HXT  sing N N 249 
PHE N   CA   sing N N 250 
PHE N   H    sing N N 251 
PHE N   H2   sing N N 252 
PHE CA  C    sing N N 253 
PHE CA  CB   sing N N 254 
PHE CA  HA   sing N N 255 
PHE C   O    doub N N 256 
PHE C   OXT  sing N N 257 
PHE CB  CG   sing N N 258 
PHE CB  HB2  sing N N 259 
PHE CB  HB3  sing N N 260 
PHE CG  CD1  doub Y N 261 
PHE CG  CD2  sing Y N 262 
PHE CD1 CE1  sing Y N 263 
PHE CD1 HD1  sing N N 264 
PHE CD2 CE2  doub Y N 265 
PHE CD2 HD2  sing N N 266 
PHE CE1 CZ   doub Y N 267 
PHE CE1 HE1  sing N N 268 
PHE CE2 CZ   sing Y N 269 
PHE CE2 HE2  sing N N 270 
PHE CZ  HZ   sing N N 271 
PHE OXT HXT  sing N N 272 
PRO N   CA   sing N N 273 
PRO N   CD   sing N N 274 
PRO N   H    sing N N 275 
PRO CA  C    sing N N 276 
PRO CA  CB   sing N N 277 
PRO CA  HA   sing N N 278 
PRO C   O    doub N N 279 
PRO C   OXT  sing N N 280 
PRO CB  CG   sing N N 281 
PRO CB  HB2  sing N N 282 
PRO CB  HB3  sing N N 283 
PRO CG  CD   sing N N 284 
PRO CG  HG2  sing N N 285 
PRO CG  HG3  sing N N 286 
PRO CD  HD2  sing N N 287 
PRO CD  HD3  sing N N 288 
PRO OXT HXT  sing N N 289 
SER N   CA   sing N N 290 
SER N   H    sing N N 291 
SER N   H2   sing N N 292 
SER CA  C    sing N N 293 
SER CA  CB   sing N N 294 
SER CA  HA   sing N N 295 
SER C   O    doub N N 296 
SER C   OXT  sing N N 297 
SER CB  OG   sing N N 298 
SER CB  HB2  sing N N 299 
SER CB  HB3  sing N N 300 
SER OG  HG   sing N N 301 
SER OXT HXT  sing N N 302 
THR N   CA   sing N N 303 
THR N   H    sing N N 304 
THR N   H2   sing N N 305 
THR CA  C    sing N N 306 
THR CA  CB   sing N N 307 
THR CA  HA   sing N N 308 
THR C   O    doub N N 309 
THR C   OXT  sing N N 310 
THR CB  OG1  sing N N 311 
THR CB  CG2  sing N N 312 
THR CB  HB   sing N N 313 
THR OG1 HG1  sing N N 314 
THR CG2 HG21 sing N N 315 
THR CG2 HG22 sing N N 316 
THR CG2 HG23 sing N N 317 
THR OXT HXT  sing N N 318 
TRP N   CA   sing N N 319 
TRP N   H    sing N N 320 
TRP N   H2   sing N N 321 
TRP CA  C    sing N N 322 
TRP CA  CB   sing N N 323 
TRP CA  HA   sing N N 324 
TRP C   O    doub N N 325 
TRP C   OXT  sing N N 326 
TRP CB  CG   sing N N 327 
TRP CB  HB2  sing N N 328 
TRP CB  HB3  sing N N 329 
TRP CG  CD1  doub Y N 330 
TRP CG  CD2  sing Y N 331 
TRP CD1 NE1  sing Y N 332 
TRP CD1 HD1  sing N N 333 
TRP CD2 CE2  doub Y N 334 
TRP CD2 CE3  sing Y N 335 
TRP NE1 CE2  sing Y N 336 
TRP NE1 HE1  sing N N 337 
TRP CE2 CZ2  sing Y N 338 
TRP CE3 CZ3  doub Y N 339 
TRP CE3 HE3  sing N N 340 
TRP CZ2 CH2  doub Y N 341 
TRP CZ2 HZ2  sing N N 342 
TRP CZ3 CH2  sing Y N 343 
TRP CZ3 HZ3  sing N N 344 
TRP CH2 HH2  sing N N 345 
TRP OXT HXT  sing N N 346 
TYR N   CA   sing N N 347 
TYR N   H    sing N N 348 
TYR N   H2   sing N N 349 
TYR CA  C    sing N N 350 
TYR CA  CB   sing N N 351 
TYR CA  HA   sing N N 352 
TYR C   O    doub N N 353 
TYR C   OXT  sing N N 354 
TYR CB  CG   sing N N 355 
TYR CB  HB2  sing N N 356 
TYR CB  HB3  sing N N 357 
TYR CG  CD1  doub Y N 358 
TYR CG  CD2  sing Y N 359 
TYR CD1 CE1  sing Y N 360 
TYR CD1 HD1  sing N N 361 
TYR CD2 CE2  doub Y N 362 
TYR CD2 HD2  sing N N 363 
TYR CE1 CZ   doub Y N 364 
TYR CE1 HE1  sing N N 365 
TYR CE2 CZ   sing Y N 366 
TYR CE2 HE2  sing N N 367 
TYR CZ  OH   sing N N 368 
TYR OH  HH   sing N N 369 
TYR OXT HXT  sing N N 370 
VAL N   CA   sing N N 371 
VAL N   H    sing N N 372 
VAL N   H2   sing N N 373 
VAL CA  C    sing N N 374 
VAL CA  CB   sing N N 375 
VAL CA  HA   sing N N 376 
VAL C   O    doub N N 377 
VAL C   OXT  sing N N 378 
VAL CB  CG1  sing N N 379 
VAL CB  CG2  sing N N 380 
VAL CB  HB   sing N N 381 
VAL CG1 HG11 sing N N 382 
VAL CG1 HG12 sing N N 383 
VAL CG1 HG13 sing N N 384 
VAL CG2 HG21 sing N N 385 
VAL CG2 HG22 sing N N 386 
VAL CG2 HG23 sing N N 387 
VAL OXT HXT  sing N N 388 
# 
_pdbx_initial_refinement_model.id               1 
_pdbx_initial_refinement_model.entity_id_list   ? 
_pdbx_initial_refinement_model.type             'experimental model' 
_pdbx_initial_refinement_model.source_name      PDB 
_pdbx_initial_refinement_model.accession_code   1CEW 
_pdbx_initial_refinement_model.details          
;N-terminally truncated chicken cystatin (1cew.pdb) converted to a polyalanine chain and limited to those fragments that had been modeled in electron density (residues 86-90 not included)
;
# 
_atom_sites.entry_id                    1G96 
_atom_sites.fract_transf_matrix[1][1]   0.00242356 
_atom_sites.fract_transf_matrix[1][2]   0.00464298 
_atom_sites.fract_transf_matrix[1][3]   -0.00481732 
_atom_sites.fract_transf_matrix[2][1]   0.00558778 
_atom_sites.fract_transf_matrix[2][2]   0.00141331 
_atom_sites.fract_transf_matrix[2][3]   0.00417334 
_atom_sites.fract_transf_matrix[3][1]   0.00367975 
_atom_sites.fract_transf_matrix[3][2]   -0.00520411 
_atom_sites.fract_transf_matrix[3][3]   -0.00316452 
_atom_sites.fract_transf_vector[1]      0.514977 
_atom_sites.fract_transf_vector[2]      -0.018546 
_atom_sites.fract_transf_vector[3]      0.126715 
# 
loop_
_atom_type.symbol 
C  
CL 
N  
O  
S  
# 
loop_
_atom_site.group_PDB 
_atom_site.id 
_atom_site.type_symbol 
_atom_site.label_atom_id 
_atom_site.label_alt_id 
_atom_site.label_comp_id 
_atom_site.label_asym_id 
_atom_site.label_entity_id 
_atom_site.label_seq_id 
_atom_site.pdbx_PDB_ins_code 
_atom_site.Cartn_x 
_atom_site.Cartn_y 
_atom_site.Cartn_z 
_atom_site.occupancy 
_atom_site.B_iso_or_equiv 
_atom_site.pdbx_formal_charge 
_atom_site.auth_seq_id 
_atom_site.auth_comp_id 
_atom_site.auth_asym_id 
_atom_site.auth_atom_id 
_atom_site.pdbx_PDB_model_num 
ATOM   1   N  N   . VAL A 1 10  ? -2.109  -26.303 0.558   1.00 78.88 ? 10  VAL A N   1 
ATOM   2   C  CA  . VAL A 1 10  ? -1.455  -25.356 1.501   1.00 81.74 ? 10  VAL A CA  1 
ATOM   3   C  C   . VAL A 1 10  ? -0.345  -24.532 0.840   1.00 83.31 ? 10  VAL A C   1 
ATOM   4   O  O   . VAL A 1 10  ? 0.622   -25.076 0.286   1.00 82.14 ? 10  VAL A O   1 
ATOM   5   C  CB  . VAL A 1 10  ? -0.845  -26.107 2.723   1.00 81.86 ? 10  VAL A CB  1 
ATOM   6   C  CG1 . VAL A 1 10  ? -0.288  -25.091 3.733   1.00 78.53 ? 10  VAL A CG1 1 
ATOM   7   C  CG2 . VAL A 1 10  ? -1.914  -27.026 3.366   1.00 79.76 ? 10  VAL A CG2 1 
ATOM   8   N  N   . GLY A 1 11  ? -0.511  -23.214 0.909   1.00 84.30 ? 11  GLY A N   1 
ATOM   9   C  CA  . GLY A 1 11  ? 0.462   -22.290 0.358   1.00 84.96 ? 11  GLY A CA  1 
ATOM   10  C  C   . GLY A 1 11  ? 0.634   -21.140 1.336   1.00 86.18 ? 11  GLY A C   1 
ATOM   11  O  O   . GLY A 1 11  ? 1.303   -20.147 1.045   1.00 87.91 ? 11  GLY A O   1 
ATOM   12  N  N   . GLY A 1 12  ? 0.025   -21.284 2.510   1.00 84.95 ? 12  GLY A N   1 
ATOM   13  C  CA  . GLY A 1 12  ? 0.108   -20.249 3.531   1.00 81.13 ? 12  GLY A CA  1 
ATOM   14  C  C   . GLY A 1 12  ? 1.400   -20.194 4.342   1.00 76.94 ? 12  GLY A C   1 
ATOM   15  O  O   . GLY A 1 12  ? 2.416   -20.780 3.942   1.00 78.32 ? 12  GLY A O   1 
ATOM   16  N  N   . PRO A 1 13  ? 1.386   -19.503 5.502   1.00 71.81 ? 13  PRO A N   1 
ATOM   17  C  CA  . PRO A 1 13  ? 2.540   -19.344 6.395   1.00 69.12 ? 13  PRO A CA  1 
ATOM   18  C  C   . PRO A 1 13  ? 3.012   -20.641 7.013   1.00 67.97 ? 13  PRO A C   1 
ATOM   19  O  O   . PRO A 1 13  ? 2.309   -21.644 6.980   1.00 67.80 ? 13  PRO A O   1 
ATOM   20  C  CB  . PRO A 1 13  ? 2.040   -18.371 7.467   1.00 65.44 ? 13  PRO A CB  1 
ATOM   21  C  CG  . PRO A 1 13  ? 0.867   -17.731 6.850   1.00 66.07 ? 13  PRO A CG  1 
ATOM   22  C  CD  . PRO A 1 13  ? 0.218   -18.815 6.061   1.00 67.29 ? 13  PRO A CD  1 
ATOM   23  N  N   . MET A 1 14  ? 4.194   -20.600 7.616   1.00 66.20 ? 14  MET A N   1 
ATOM   24  C  CA  . MET A 1 14  ? 4.782   -21.771 8.236   1.00 64.18 ? 14  MET A CA  1 
ATOM   25  C  C   . MET A 1 14  ? 5.458   -21.422 9.494   1.00 63.23 ? 14  MET A C   1 
ATOM   26  O  O   . MET A 1 14  ? 6.201   -20.455 9.570   1.00 63.06 ? 14  MET A O   1 
ATOM   27  C  CB  . MET A 1 14  ? 5.815   -22.406 7.329   1.00 67.54 ? 14  MET A CB  1 
ATOM   28  C  CG  . MET A 1 14  ? 5.197   -23.218 6.232   1.00 72.42 ? 14  MET A CG  1 
ATOM   29  S  SD  . MET A 1 14  ? 6.377   -23.360 4.943   1.00 79.42 ? 14  MET A SD  1 
ATOM   30  C  CE  . MET A 1 14  ? 5.981   -21.932 3.931   1.00 76.68 ? 14  MET A CE  1 
ATOM   31  N  N   . ASP A 1 15  ? 5.235   -22.273 10.475  1.00 64.75 ? 15  ASP A N   1 
ATOM   32  C  CA  . ASP A 1 15  ? 5.793   -22.099 11.798  1.00 65.17 ? 15  ASP A CA  1 
ATOM   33  C  C   . ASP A 1 15  ? 7.290   -21.798 11.811  1.00 60.87 ? 15  ASP A C   1 
ATOM   34  O  O   . ASP A 1 15  ? 8.006   -22.139 10.888  1.00 62.20 ? 15  ASP A O   1 
ATOM   35  C  CB  . ASP A 1 15  ? 5.398   -23.333 12.618  1.00 69.90 ? 15  ASP A CB  1 
ATOM   36  C  CG  . ASP A 1 15  ? 3.858   -23.484 12.704  1.00 74.87 ? 15  ASP A CG  1 
ATOM   37  O  OD1 . ASP A 1 15  ? 3.238   -22.884 13.626  1.00 79.50 ? 15  ASP A OD1 1 
ATOM   38  O  OD2 . ASP A 1 15  ? 3.262   -24.160 11.822  1.00 72.28 ? 15  ASP A OD2 1 
ATOM   39  N  N   . ALA A 1 16  ? 7.744   -21.088 12.830  1.00 57.21 ? 16  ALA A N   1 
ATOM   40  C  CA  . ALA A 1 16  ? 9.153   -20.756 12.961  1.00 58.11 ? 16  ALA A CA  1 
ATOM   41  C  C   . ALA A 1 16  ? 9.396   -20.618 14.450  1.00 60.40 ? 16  ALA A C   1 
ATOM   42  O  O   . ALA A 1 16  ? 8.490   -20.247 15.201  1.00 62.32 ? 16  ALA A O   1 
ATOM   43  C  CB  . ALA A 1 16  ? 9.464   -19.465 12.258  1.00 55.15 ? 16  ALA A CB  1 
ATOM   44  N  N   . SER A 1 17  ? 10.597  -20.952 14.898  1.00 62.33 ? 17  SER A N   1 
ATOM   45  C  CA  . SER A 1 17  ? 10.868  -20.844 16.312  1.00 65.13 ? 17  SER A CA  1 
ATOM   46  C  C   . SER A 1 17  ? 11.049  -19.359 16.531  1.00 65.88 ? 17  SER A C   1 
ATOM   47  O  O   . SER A 1 17  ? 11.385  -18.620 15.601  1.00 65.69 ? 17  SER A O   1 
ATOM   48  C  CB  . SER A 1 17  ? 12.137  -21.632 16.707  1.00 65.97 ? 17  SER A CB  1 
ATOM   49  O  OG  . SER A 1 17  ? 13.311  -20.828 16.715  1.00 65.66 ? 17  SER A OG  1 
ATOM   50  N  N   . VAL A 1 18  ? 10.797  -18.940 17.763  1.00 65.89 ? 18  VAL A N   1 
ATOM   51  C  CA  . VAL A 1 18  ? 10.910  -17.555 18.177  1.00 65.74 ? 18  VAL A CA  1 
ATOM   52  C  C   . VAL A 1 18  ? 12.398  -17.248 18.415  1.00 68.39 ? 18  VAL A C   1 
ATOM   53  O  O   . VAL A 1 18  ? 12.795  -16.131 18.783  1.00 66.28 ? 18  VAL A O   1 
ATOM   54  C  CB  . VAL A 1 18  ? 10.078  -17.386 19.446  1.00 64.98 ? 18  VAL A CB  1 
ATOM   55  C  CG1 . VAL A 1 18  ? 9.010   -18.519 19.492  1.00 61.09 ? 18  VAL A CG1 1 
ATOM   56  C  CG2 . VAL A 1 18  ? 10.967  -17.419 20.678  1.00 64.70 ? 18  VAL A CG2 1 
ATOM   57  N  N   . GLU A 1 19  ? 13.213  -18.265 18.159  1.00 72.55 ? 19  GLU A N   1 
ATOM   58  C  CA  . GLU A 1 19  ? 14.651  -18.176 18.335  1.00 77.71 ? 19  GLU A CA  1 
ATOM   59  C  C   . GLU A 1 19  ? 15.274  -17.639 17.078  1.00 78.15 ? 19  GLU A C   1 
ATOM   60  O  O   . GLU A 1 19  ? 16.107  -16.731 17.130  1.00 78.53 ? 19  GLU A O   1 
ATOM   61  C  CB  . GLU A 1 19  ? 15.223  -19.557 18.682  1.00 83.24 ? 19  GLU A CB  1 
ATOM   62  C  CG  . GLU A 1 19  ? 14.787  -20.050 20.075  1.00 88.99 ? 19  GLU A CG  1 
ATOM   63  C  CD  . GLU A 1 19  ? 14.976  -18.966 21.159  1.00 90.96 ? 19  GLU A CD  1 
ATOM   64  O  OE1 . GLU A 1 19  ? 13.968  -18.536 21.780  1.00 90.98 ? 19  GLU A OE1 1 
ATOM   65  O  OE2 . GLU A 1 19  ? 16.139  -18.540 21.377  1.00 90.95 ? 19  GLU A OE2 1 
ATOM   66  N  N   . GLU A 1 20  ? 14.854  -18.220 15.957  1.00 79.57 ? 20  GLU A N   1 
ATOM   67  C  CA  . GLU A 1 20  ? 15.292  -17.822 14.630  1.00 80.77 ? 20  GLU A CA  1 
ATOM   68  C  C   . GLU A 1 20  ? 15.408  -16.289 14.680  1.00 80.65 ? 20  GLU A C   1 
ATOM   69  O  O   . GLU A 1 20  ? 14.475  -15.611 15.106  1.00 83.24 ? 20  GLU A O   1 
ATOM   70  C  CB  . GLU A 1 20  ? 14.218  -18.283 13.651  1.00 82.20 ? 20  GLU A CB  1 
ATOM   71  C  CG  . GLU A 1 20  ? 14.535  -18.206 12.186  1.00 85.06 ? 20  GLU A CG  1 
ATOM   72  C  CD  . GLU A 1 20  ? 13.452  -18.881 11.350  1.00 87.86 ? 20  GLU A CD  1 
ATOM   73  O  OE1 . GLU A 1 20  ? 13.320  -18.542 10.151  1.00 90.85 ? 20  GLU A OE1 1 
ATOM   74  O  OE2 . GLU A 1 20  ? 12.729  -19.759 11.887  1.00 87.56 ? 20  GLU A OE2 1 
ATOM   75  N  N   . GLU A 1 21  ? 16.551  -15.748 14.272  1.00 78.42 ? 21  GLU A N   1 
ATOM   76  C  CA  . GLU A 1 21  ? 16.794  -14.305 14.338  1.00 75.76 ? 21  GLU A CA  1 
ATOM   77  C  C   . GLU A 1 21  ? 15.867  -13.333 13.585  1.00 71.35 ? 21  GLU A C   1 
ATOM   78  O  O   . GLU A 1 21  ? 15.645  -12.197 14.027  1.00 69.70 ? 21  GLU A O   1 
ATOM   79  C  CB  . GLU A 1 21  ? 18.240  -14.033 13.935  1.00 79.57 ? 21  GLU A CB  1 
ATOM   80  C  CG  . GLU A 1 21  ? 18.530  -12.568 13.629  1.00 86.14 ? 21  GLU A CG  1 
ATOM   81  C  CD  . GLU A 1 21  ? 19.963  -12.341 13.148  1.00 90.97 ? 21  GLU A CD  1 
ATOM   82  O  OE1 . GLU A 1 21  ? 20.220  -11.303 12.471  1.00 90.97 ? 21  GLU A OE1 1 
ATOM   83  O  OE2 . GLU A 1 21  ? 20.830  -13.203 13.456  1.00 90.92 ? 21  GLU A OE2 1 
ATOM   84  N  N   . GLY A 1 22  ? 15.350  -13.759 12.442  1.00 67.05 ? 22  GLY A N   1 
ATOM   85  C  CA  . GLY A 1 22  ? 14.468  -12.899 11.677  1.00 59.48 ? 22  GLY A CA  1 
ATOM   86  C  C   . GLY A 1 22  ? 13.176  -12.682 12.421  1.00 56.09 ? 22  GLY A C   1 
ATOM   87  O  O   . GLY A 1 22  ? 12.552  -11.628 12.299  1.00 56.98 ? 22  GLY A O   1 
ATOM   88  N  N   . VAL A 1 23  ? 12.768  -13.696 13.175  1.00 52.33 ? 23  VAL A N   1 
ATOM   89  C  CA  . VAL A 1 23  ? 11.569  -13.611 13.977  1.00 49.67 ? 23  VAL A CA  1 
ATOM   90  C  C   . VAL A 1 23  ? 11.908  -12.618 15.077  1.00 53.89 ? 23  VAL A C   1 
ATOM   91  O  O   . VAL A 1 23  ? 11.235  -11.612 15.271  1.00 57.46 ? 23  VAL A O   1 
ATOM   92  C  CB  . VAL A 1 23  ? 11.231  -14.956 14.620  1.00 45.19 ? 23  VAL A CB  1 
ATOM   93  C  CG1 . VAL A 1 23  ? 10.065  -14.793 15.541  1.00 46.33 ? 23  VAL A CG1 1 
ATOM   94  C  CG2 . VAL A 1 23  ? 10.870  -15.972 13.573  1.00 39.29 ? 23  VAL A CG2 1 
ATOM   95  N  N   . ARG A 1 24  ? 12.990  -12.909 15.783  1.00 57.85 ? 24  ARG A N   1 
ATOM   96  C  CA  . ARG A 1 24  ? 13.481  -12.079 16.874  1.00 58.35 ? 24  ARG A CA  1 
ATOM   97  C  C   . ARG A 1 24  ? 13.528  -10.606 16.445  1.00 54.90 ? 24  ARG A C   1 
ATOM   98  O  O   . ARG A 1 24  ? 13.119  -9.725  17.192  1.00 54.94 ? 24  ARG A O   1 
ATOM   99  C  CB  . ARG A 1 24  ? 14.878  -12.593 17.290  1.00 65.76 ? 24  ARG A CB  1 
ATOM   100 C  CG  . ARG A 1 24  ? 15.432  -12.139 18.653  1.00 76.36 ? 24  ARG A CG  1 
ATOM   101 C  CD  . ARG A 1 24  ? 14.850  -12.903 19.860  1.00 83.70 ? 24  ARG A CD  1 
ATOM   102 N  NE  . ARG A 1 24  ? 13.856  -12.135 20.638  1.00 88.53 ? 24  ARG A NE  1 
ATOM   103 C  CZ  . ARG A 1 24  ? 14.079  -10.968 21.258  1.00 90.98 ? 24  ARG A CZ  1 
ATOM   104 N  NH1 . ARG A 1 24  ? 15.277  -10.378 21.211  1.00 90.46 ? 24  ARG A NH1 1 
ATOM   105 N  NH2 . ARG A 1 24  ? 13.093  -10.390 21.949  1.00 90.93 ? 24  ARG A NH2 1 
ATOM   106 N  N   . ARG A 1 25  ? 14.007  -10.323 15.245  1.00 52.80 ? 25  ARG A N   1 
ATOM   107 C  CA  . ARG A 1 25  ? 14.073  -8.926  14.814  1.00 50.60 ? 25  ARG A CA  1 
ATOM   108 C  C   . ARG A 1 25  ? 12.697  -8.341  14.477  1.00 45.86 ? 25  ARG A C   1 
ATOM   109 O  O   . ARG A 1 25  ? 12.441  -7.157  14.717  1.00 42.06 ? 25  ARG A O   1 
ATOM   110 C  CB  . ARG A 1 25  ? 15.013  -8.789  13.611  1.00 56.23 ? 25  ARG A CB  1 
ATOM   111 C  CG  . ARG A 1 25  ? 16.486  -9.010  13.952  1.00 65.68 ? 25  ARG A CG  1 
ATOM   112 C  CD  . ARG A 1 25  ? 17.445  -8.679  12.777  1.00 75.52 ? 25  ARG A CD  1 
ATOM   113 N  NE  . ARG A 1 25  ? 18.848  -8.618  13.222  1.00 83.25 ? 25  ARG A NE  1 
ATOM   114 C  CZ  . ARG A 1 25  ? 19.433  -7.551  13.786  1.00 87.44 ? 25  ARG A CZ  1 
ATOM   115 N  NH1 . ARG A 1 25  ? 18.748  -6.422  13.974  1.00 89.99 ? 25  ARG A NH1 1 
ATOM   116 N  NH2 . ARG A 1 25  ? 20.706  -7.613  14.185  1.00 86.99 ? 25  ARG A NH2 1 
ATOM   117 N  N   . ALA A 1 26  ? 11.824  -9.186  13.926  1.00 41.82 ? 26  ALA A N   1 
ATOM   118 C  CA  . ALA A 1 26  ? 10.492  -8.766  13.539  1.00 39.82 ? 26  ALA A CA  1 
ATOM   119 C  C   . ALA A 1 26  ? 9.739   -8.412  14.797  1.00 40.63 ? 26  ALA A C   1 
ATOM   120 O  O   . ALA A 1 26  ? 9.073   -7.392  14.875  1.00 43.13 ? 26  ALA A O   1 
ATOM   121 C  CB  . ALA A 1 26  ? 9.795   -9.871  12.785  1.00 37.24 ? 26  ALA A CB  1 
ATOM   122 N  N   . LEU A 1 27  ? 9.872   -9.260  15.795  1.00 40.83 ? 27  LEU A N   1 
ATOM   123 C  CA  . LEU A 1 27  ? 9.221   -9.029  17.064  1.00 42.48 ? 27  LEU A CA  1 
ATOM   124 C  C   . LEU A 1 27  ? 9.671   -7.724  17.701  1.00 41.28 ? 27  LEU A C   1 
ATOM   125 O  O   . LEU A 1 27  ? 8.846   -6.912  18.079  1.00 45.87 ? 27  LEU A O   1 
ATOM   126 C  CB  . LEU A 1 27  ? 9.528   -10.164 18.019  1.00 44.42 ? 27  LEU A CB  1 
ATOM   127 C  CG  . LEU A 1 27  ? 8.848   -9.985  19.371  1.00 46.35 ? 27  LEU A CG  1 
ATOM   128 C  CD1 . LEU A 1 27  ? 7.392   -10.351 19.197  1.00 47.99 ? 27  LEU A CD1 1 
ATOM   129 C  CD2 . LEU A 1 27  ? 9.487   -10.848 20.452  1.00 44.93 ? 27  LEU A CD2 1 
ATOM   130 N  N   . ASP A 1 28  ? 10.974  -7.524  17.843  1.00 39.04 ? 28  ASP A N   1 
ATOM   131 C  CA  . ASP A 1 28  ? 11.456  -6.291  18.445  1.00 39.22 ? 28  ASP A CA  1 
ATOM   132 C  C   . ASP A 1 28  ? 10.999  -5.107  17.672  1.00 37.52 ? 28  ASP A C   1 
ATOM   133 O  O   . ASP A 1 28  ? 10.724  -4.063  18.241  1.00 39.70 ? 28  ASP A O   1 
ATOM   134 C  CB  . ASP A 1 28  ? 12.966  -6.250  18.509  1.00 43.50 ? 28  ASP A CB  1 
ATOM   135 C  CG  . ASP A 1 28  ? 13.510  -7.240  19.486  1.00 52.86 ? 28  ASP A CG  1 
ATOM   136 O  OD1 . ASP A 1 28  ? 14.757  -7.307  19.608  1.00 59.46 ? 28  ASP A OD1 1 
ATOM   137 O  OD2 . ASP A 1 28  ? 12.682  -7.939  20.122  1.00 54.22 ? 28  ASP A OD2 1 
ATOM   138 N  N   . PHE A 1 29  ? 10.932  -5.268  16.365  1.00 37.20 ? 29  PHE A N   1 
ATOM   139 C  CA  . PHE A 1 29  ? 10.504  -4.184  15.503  1.00 35.08 ? 29  PHE A CA  1 
ATOM   140 C  C   . PHE A 1 29  ? 9.044   -3.840  15.801  1.00 31.95 ? 29  PHE A C   1 
ATOM   141 O  O   . PHE A 1 29  ? 8.704   -2.674  16.097  1.00 29.32 ? 29  PHE A O   1 
ATOM   142 C  CB  . PHE A 1 29  ? 10.671  -4.600  14.035  1.00 36.64 ? 29  PHE A CB  1 
ATOM   143 C  CG  . PHE A 1 29  ? 10.030  -3.654  13.071  1.00 36.74 ? 29  PHE A CG  1 
ATOM   144 C  CD1 . PHE A 1 29  ? 10.594  -2.407  12.832  1.00 37.86 ? 29  PHE A CD1 1 
ATOM   145 C  CD2 . PHE A 1 29  ? 8.798   -3.947  12.492  1.00 32.67 ? 29  PHE A CD2 1 
ATOM   146 C  CE1 . PHE A 1 29  ? 9.930   -1.454  12.026  1.00 36.25 ? 29  PHE A CE1 1 
ATOM   147 C  CE2 . PHE A 1 29  ? 8.137   -3.006  11.699  1.00 32.21 ? 29  PHE A CE2 1 
ATOM   148 C  CZ  . PHE A 1 29  ? 8.707   -1.755  11.470  1.00 31.80 ? 29  PHE A CZ  1 
ATOM   149 N  N   . ALA A 1 30  ? 8.195   -4.869  15.732  1.00 30.82 ? 30  ALA A N   1 
ATOM   150 C  CA  . ALA A 1 30  ? 6.761   -4.716  15.959  1.00 30.10 ? 30  ALA A CA  1 
ATOM   151 C  C   . ALA A 1 30  ? 6.522   -4.076  17.309  1.00 33.13 ? 30  ALA A C   1 
ATOM   152 O  O   . ALA A 1 30  ? 5.817   -3.069  17.424  1.00 39.36 ? 30  ALA A O   1 
ATOM   153 C  CB  . ALA A 1 30  ? 6.053   -6.056  15.873  1.00 23.28 ? 30  ALA A CB  1 
ATOM   154 N  N   . VAL A 1 31  ? 7.135   -4.637  18.338  1.00 37.45 ? 31  VAL A N   1 
ATOM   155 C  CA  . VAL A 1 31  ? 6.955   -4.099  19.674  1.00 38.57 ? 31  VAL A CA  1 
ATOM   156 C  C   . VAL A 1 31  ? 7.465   -2.662  19.723  1.00 38.20 ? 31  VAL A C   1 
ATOM   157 O  O   . VAL A 1 31  ? 6.889   -1.800  20.383  1.00 40.64 ? 31  VAL A O   1 
ATOM   158 C  CB  . VAL A 1 31  ? 7.658   -5.001  20.709  1.00 38.36 ? 31  VAL A CB  1 
ATOM   159 C  CG1 . VAL A 1 31  ? 7.719   -4.338  22.057  1.00 40.22 ? 31  VAL A CG1 1 
ATOM   160 C  CG2 . VAL A 1 31  ? 6.898   -6.304  20.822  1.00 34.14 ? 31  VAL A CG2 1 
ATOM   161 N  N   . GLY A 1 32  ? 8.533   -2.389  19.001  1.00 38.99 ? 32  GLY A N   1 
ATOM   162 C  CA  . GLY A 1 32  ? 9.039   -1.036  19.010  1.00 39.86 ? 32  GLY A CA  1 
ATOM   163 C  C   . GLY A 1 32  ? 8.009   -0.101  18.429  1.00 40.08 ? 32  GLY A C   1 
ATOM   164 O  O   . GLY A 1 32  ? 7.751   0.973   18.982  1.00 40.00 ? 32  GLY A O   1 
ATOM   165 N  N   . GLU A 1 33  ? 7.414   -0.525  17.319  1.00 39.80 ? 33  GLU A N   1 
ATOM   166 C  CA  . GLU A 1 33  ? 6.424   0.294   16.649  1.00 38.55 ? 33  GLU A CA  1 
ATOM   167 C  C   . GLU A 1 33  ? 5.165   0.489   17.488  1.00 37.49 ? 33  GLU A C   1 
ATOM   168 O  O   . GLU A 1 33  ? 4.569   1.563   17.464  1.00 36.98 ? 33  GLU A O   1 
ATOM   169 C  CB  . GLU A 1 33  ? 6.103   -0.294  15.271  1.00 39.54 ? 33  GLU A CB  1 
ATOM   170 C  CG  . GLU A 1 33  ? 7.242   -0.161  14.240  1.00 39.30 ? 33  GLU A CG  1 
ATOM   171 C  CD  . GLU A 1 33  ? 7.709   1.278   14.052  1.00 41.08 ? 33  GLU A CD  1 
ATOM   172 O  OE1 . GLU A 1 33  ? 8.857   1.592   14.443  1.00 42.38 ? 33  GLU A OE1 1 
ATOM   173 O  OE2 . GLU A 1 33  ? 6.928   2.097   13.529  1.00 41.95 ? 33  GLU A OE2 1 
ATOM   174 N  N   . TYR A 1 34  ? 4.776   -0.538  18.237  1.00 38.12 ? 34  TYR A N   1 
ATOM   175 C  CA  . TYR A 1 34  ? 3.611   -0.462  19.115  1.00 37.94 ? 34  TYR A CA  1 
ATOM   176 C  C   . TYR A 1 34  ? 3.851   0.620   20.178  1.00 36.95 ? 34  TYR A C   1 
ATOM   177 O  O   . TYR A 1 34  ? 3.023   1.507   20.402  1.00 35.16 ? 34  TYR A O   1 
ATOM   178 C  CB  . TYR A 1 34  ? 3.400   -1.816  19.798  1.00 41.76 ? 34  TYR A CB  1 
ATOM   179 C  CG  . TYR A 1 34  ? 2.295   -1.877  20.850  1.00 49.04 ? 34  TYR A CG  1 
ATOM   180 C  CD1 . TYR A 1 34  ? 0.964   -2.140  20.491  1.00 50.49 ? 34  TYR A CD1 1 
ATOM   181 C  CD2 . TYR A 1 34  ? 2.565   -1.615  22.197  1.00 51.68 ? 34  TYR A CD2 1 
ATOM   182 C  CE1 . TYR A 1 34  ? -0.089  -2.127  21.452  1.00 52.30 ? 34  TYR A CE1 1 
ATOM   183 C  CE2 . TYR A 1 34  ? 1.524   -1.595  23.167  1.00 54.99 ? 34  TYR A CE2 1 
ATOM   184 C  CZ  . TYR A 1 34  ? 0.201   -1.847  22.780  1.00 53.53 ? 34  TYR A CZ  1 
ATOM   185 O  OH  . TYR A 1 34  ? -0.830  -1.766  23.698  1.00 57.18 ? 34  TYR A OH  1 
ATOM   186 N  N   . ASN A 1 35  ? 5.005   0.555   20.823  1.00 36.88 ? 35  ASN A N   1 
ATOM   187 C  CA  . ASN A 1 35  ? 5.323   1.509   21.862  1.00 36.76 ? 35  ASN A CA  1 
ATOM   188 C  C   . ASN A 1 35  ? 5.372   2.913   21.325  1.00 37.79 ? 35  ASN A C   1 
ATOM   189 O  O   . ASN A 1 35  ? 4.812   3.829   21.927  1.00 40.59 ? 35  ASN A O   1 
ATOM   190 C  CB  . ASN A 1 35  ? 6.642   1.120   22.545  1.00 35.06 ? 35  ASN A CB  1 
ATOM   191 C  CG  . ASN A 1 35  ? 6.441   0.063   23.622  1.00 33.93 ? 35  ASN A CG  1 
ATOM   192 O  OD1 . ASN A 1 35  ? 5.653   0.254   24.544  1.00 40.78 ? 35  ASN A OD1 1 
ATOM   193 N  ND2 . ASN A 1 35  ? 7.138   -1.047  23.510  1.00 36.00 ? 35  ASN A ND2 1 
ATOM   194 N  N   . LYS A 1 36  ? 6.016   3.063   20.177  1.00 40.29 ? 36  LYS A N   1 
ATOM   195 C  CA  . LYS A 1 36  ? 6.153   4.353   19.507  1.00 40.79 ? 36  LYS A CA  1 
ATOM   196 C  C   . LYS A 1 36  ? 4.793   5.010   19.223  1.00 39.46 ? 36  LYS A C   1 
ATOM   197 O  O   . LYS A 1 36  ? 4.611   6.225   19.354  1.00 42.29 ? 36  LYS A O   1 
ATOM   198 C  CB  . LYS A 1 36  ? 6.931   4.146   18.194  1.00 41.07 ? 36  LYS A CB  1 
ATOM   199 C  CG  . LYS A 1 36  ? 7.392   5.422   17.488  1.00 48.82 ? 36  LYS A CG  1 
ATOM   200 C  CD  . LYS A 1 36  ? 8.002   5.178   16.073  1.00 52.27 ? 36  LYS A CD  1 
ATOM   201 C  CE  . LYS A 1 36  ? 8.201   6.505   15.288  1.00 56.41 ? 36  LYS A CE  1 
ATOM   202 N  NZ  . LYS A 1 36  ? 8.685   6.360   13.885  1.00 56.33 ? 36  LYS A NZ  1 
ATOM   203 N  N   . ALA A 1 37  ? 3.811   4.195   18.886  1.00 39.50 ? 37  ALA A N   1 
ATOM   204 C  CA  . ALA A 1 37  ? 2.510   4.725   18.528  1.00 39.38 ? 37  ALA A CA  1 
ATOM   205 C  C   . ALA A 1 37  ? 1.544   4.860   19.650  1.00 40.72 ? 37  ALA A C   1 
ATOM   206 O  O   . ALA A 1 37  ? 0.512   5.504   19.483  1.00 44.68 ? 37  ALA A O   1 
ATOM   207 C  CB  . ALA A 1 37  ? 1.903   3.872   17.478  1.00 38.72 ? 37  ALA A CB  1 
ATOM   208 N  N   . SER A 1 38  ? 1.872   4.258   20.786  1.00 39.70 ? 38  SER A N   1 
ATOM   209 C  CA  . SER A 1 38  ? 1.001   4.280   21.940  1.00 39.59 ? 38  SER A CA  1 
ATOM   210 C  C   . SER A 1 38  ? 0.997   5.591   22.696  1.00 40.55 ? 38  SER A C   1 
ATOM   211 O  O   . SER A 1 38  ? 1.945   6.361   22.626  1.00 40.87 ? 38  SER A O   1 
ATOM   212 C  CB  . SER A 1 38  ? 1.403   3.167   22.866  1.00 40.01 ? 38  SER A CB  1 
ATOM   213 O  OG  . SER A 1 38  ? 1.236   3.587   24.186  1.00 46.62 ? 38  SER A OG  1 
ATOM   214 N  N   . ASN A 1 39  ? -0.080  5.839   23.432  1.00 43.79 ? 39  ASN A N   1 
ATOM   215 C  CA  . ASN A 1 39  ? -0.215  7.078   24.208  1.00 44.82 ? 39  ASN A CA  1 
ATOM   216 C  C   . ASN A 1 39  ? 0.176   6.877   25.620  1.00 42.62 ? 39  ASN A C   1 
ATOM   217 O  O   . ASN A 1 39  ? 0.087   7.797   26.435  1.00 43.88 ? 39  ASN A O   1 
ATOM   218 C  CB  . ASN A 1 39  ? -1.637  7.549   24.247  1.00 50.33 ? 39  ASN A CB  1 
ATOM   219 C  CG  . ASN A 1 39  ? -2.077  8.054   22.948  1.00 60.59 ? 39  ASN A CG  1 
ATOM   220 O  OD1 . ASN A 1 39  ? -1.356  8.846   22.308  1.00 63.79 ? 39  ASN A OD1 1 
ATOM   221 N  ND2 . ASN A 1 39  ? -3.267  7.615   22.513  1.00 62.30 ? 39  ASN A ND2 1 
ATOM   222 N  N   . ASP A 1 40  ? 0.560   5.649   25.903  1.00 37.34 ? 40  ASP A N   1 
ATOM   223 C  CA  . ASP A 1 40  ? 0.962   5.265   27.216  1.00 34.31 ? 40  ASP A CA  1 
ATOM   224 C  C   . ASP A 1 40  ? 2.336   5.793   27.535  1.00 33.72 ? 40  ASP A C   1 
ATOM   225 O  O   . ASP A 1 40  ? 3.241   5.726   26.692  1.00 31.46 ? 40  ASP A O   1 
ATOM   226 C  CB  . ASP A 1 40  ? 0.972   3.758   27.284  1.00 33.81 ? 40  ASP A CB  1 
ATOM   227 C  CG  . ASP A 1 40  ? 0.939   3.255   28.680  1.00 33.19 ? 40  ASP A CG  1 
ATOM   228 O  OD1 . ASP A 1 40  ? 0.913   4.084   29.606  1.00 32.34 ? 40  ASP A OD1 1 
ATOM   229 O  OD2 . ASP A 1 40  ? 0.931   2.030   28.854  1.00 38.14 ? 40  ASP A OD2 1 
ATOM   230 N  N   . MET A 1 41  ? 2.496   6.332   28.746  1.00 33.65 ? 41  MET A N   1 
ATOM   231 C  CA  . MET A 1 41  ? 3.802   6.830   29.176  1.00 33.87 ? 41  MET A CA  1 
ATOM   232 C  C   . MET A 1 41  ? 4.683   5.651   29.594  1.00 36.76 ? 41  MET A C   1 
ATOM   233 O  O   . MET A 1 41  ? 5.898   5.794   29.641  1.00 40.48 ? 41  MET A O   1 
ATOM   234 C  CB  . MET A 1 41  ? 3.660   7.812   30.333  1.00 30.82 ? 41  MET A CB  1 
ATOM   235 C  CG  . MET A 1 41  ? 3.029   7.245   31.578  1.00 27.99 ? 41  MET A CG  1 
ATOM   236 S  SD  . MET A 1 41  ? 2.591   8.574   32.701  1.00 36.40 ? 41  MET A SD  1 
ATOM   237 C  CE  . MET A 1 41  ? 2.679   7.790   34.284  1.00 29.90 ? 41  MET A CE  1 
ATOM   238 N  N   . TYR A 1 42  ? 4.065   4.493   29.863  1.00 38.10 ? 42  TYR A N   1 
ATOM   239 C  CA  . TYR A 1 42  ? 4.791   3.277   30.256  1.00 36.01 ? 42  TYR A CA  1 
ATOM   240 C  C   . TYR A 1 42  ? 5.182   2.452   29.043  1.00 37.28 ? 42  TYR A C   1 
ATOM   241 O  O   . TYR A 1 42  ? 4.501   2.444   28.016  1.00 40.49 ? 42  TYR A O   1 
ATOM   242 C  CB  . TYR A 1 42  ? 3.953   2.376   31.168  1.00 35.98 ? 42  TYR A CB  1 
ATOM   243 C  CG  . TYR A 1 42  ? 3.734   2.985   32.514  1.00 33.37 ? 42  TYR A CG  1 
ATOM   244 C  CD1 . TYR A 1 42  ? 4.787   3.170   33.379  1.00 36.21 ? 42  TYR A CD1 1 
ATOM   245 C  CD2 . TYR A 1 42  ? 2.498   3.476   32.882  1.00 34.42 ? 42  TYR A CD2 1 
ATOM   246 C  CE1 . TYR A 1 42  ? 4.618   3.837   34.582  1.00 37.99 ? 42  TYR A CE1 1 
ATOM   247 C  CE2 . TYR A 1 42  ? 2.313   4.144   34.077  1.00 33.56 ? 42  TYR A CE2 1 
ATOM   248 C  CZ  . TYR A 1 42  ? 3.372   4.327   34.921  1.00 36.10 ? 42  TYR A CZ  1 
ATOM   249 O  OH  . TYR A 1 42  ? 3.205   5.008   36.105  1.00 38.04 ? 42  TYR A OH  1 
ATOM   250 N  N   . HIS A 1 43  ? 6.275   1.725   29.188  1.00 35.82 ? 43  HIS A N   1 
ATOM   251 C  CA  . HIS A 1 43  ? 6.788   0.873   28.148  1.00 31.73 ? 43  HIS A CA  1 
ATOM   252 C  C   . HIS A 1 43  ? 6.141   -0.515  28.293  1.00 31.82 ? 43  HIS A C   1 
ATOM   253 O  O   . HIS A 1 43  ? 6.036   -1.021  29.404  1.00 33.79 ? 43  HIS A O   1 
ATOM   254 C  CB  . HIS A 1 43  ? 8.301   0.787   28.331  1.00 33.42 ? 43  HIS A CB  1 
ATOM   255 C  CG  . HIS A 1 43  ? 8.965   -0.180  27.411  1.00 39.72 ? 43  HIS A CG  1 
ATOM   256 N  ND1 . HIS A 1 43  ? 9.311   0.142   26.117  1.00 40.96 ? 43  HIS A ND1 1 
ATOM   257 C  CD2 . HIS A 1 43  ? 9.271   -1.495  27.574  1.00 40.38 ? 43  HIS A CD2 1 
ATOM   258 C  CE1 . HIS A 1 43  ? 9.793   -0.939  25.517  1.00 41.87 ? 43  HIS A CE1 1 
ATOM   259 N  NE2 . HIS A 1 43  ? 9.776   -1.943  26.380  1.00 38.92 ? 43  HIS A NE2 1 
ATOM   260 N  N   . SER A 1 44  ? 5.702   -1.120  27.188  1.00 30.28 ? 44  SER A N   1 
ATOM   261 C  CA  . SER A 1 44  ? 5.118   -2.463  27.206  1.00 28.35 ? 44  SER A CA  1 
ATOM   262 C  C   . SER A 1 44  ? 6.126   -3.397  26.519  1.00 33.38 ? 44  SER A C   1 
ATOM   263 O  O   . SER A 1 44  ? 6.950   -2.938  25.713  1.00 38.73 ? 44  SER A O   1 
ATOM   264 C  CB  . SER A 1 44  ? 3.823   -2.501  26.403  1.00 28.90 ? 44  SER A CB  1 
ATOM   265 O  OG  . SER A 1 44  ? 2.701   -2.058  27.150  1.00 29.68 ? 44  SER A OG  1 
ATOM   266 N  N   . ARG A 1 45  ? 6.094   -4.691  26.826  1.00 32.02 ? 45  ARG A N   1 
ATOM   267 C  CA  . ARG A 1 45  ? 6.999   -5.602  26.143  1.00 34.46 ? 45  ARG A CA  1 
ATOM   268 C  C   . ARG A 1 45  ? 6.368   -6.976  26.065  1.00 36.13 ? 45  ARG A C   1 
ATOM   269 O  O   . ARG A 1 45  ? 5.346   -7.267  26.724  1.00 36.85 ? 45  ARG A O   1 
ATOM   270 C  CB  . ARG A 1 45  ? 8.357   -5.651  26.825  1.00 37.87 ? 45  ARG A CB  1 
ATOM   271 C  CG  . ARG A 1 45  ? 8.363   -6.270  28.212  1.00 43.36 ? 45  ARG A CG  1 
ATOM   272 C  CD  . ARG A 1 45  ? 9.715   -6.023  28.862  1.00 46.84 ? 45  ARG A CD  1 
ATOM   273 N  NE  . ARG A 1 45  ? 9.767   -6.577  30.210  1.00 50.43 ? 45  ARG A NE  1 
ATOM   274 C  CZ  . ARG A 1 45  ? 9.823   -7.875  30.483  1.00 48.08 ? 45  ARG A CZ  1 
ATOM   275 N  NH1 . ARG A 1 45  ? 9.843   -8.772  29.497  1.00 42.66 ? 45  ARG A NH1 1 
ATOM   276 N  NH2 . ARG A 1 45  ? 9.827   -8.266  31.746  1.00 46.80 ? 45  ARG A NH2 1 
ATOM   277 N  N   . ALA A 1 46  ? 6.952   -7.825  25.236  1.00 34.41 ? 46  ALA A N   1 
ATOM   278 C  CA  . ALA A 1 46  ? 6.374   -9.134  25.095  1.00 35.93 ? 46  ALA A CA  1 
ATOM   279 C  C   . ALA A 1 46  ? 6.405   -9.974  26.369  1.00 36.89 ? 46  ALA A C   1 
ATOM   280 O  O   . ALA A 1 46  ? 7.419   -10.131 27.078  1.00 34.56 ? 46  ALA A O   1 
ATOM   281 C  CB  . ALA A 1 46  ? 7.019   -9.867  23.953  1.00 37.32 ? 46  ALA A CB  1 
ATOM   282 N  N   . LEU A 1 47  ? 5.233   -10.502 26.637  1.00 41.08 ? 47  LEU A N   1 
ATOM   283 C  CA  . LEU A 1 47  ? 4.991   -11.347 27.771  1.00 46.58 ? 47  LEU A CA  1 
ATOM   284 C  C   . LEU A 1 47  ? 5.220   -12.754 27.271  1.00 49.53 ? 47  LEU A C   1 
ATOM   285 O  O   . LEU A 1 47  ? 5.926   -13.542 27.898  1.00 53.10 ? 47  LEU A O   1 
ATOM   286 C  CB  . LEU A 1 47  ? 3.534   -11.189 28.199  1.00 46.69 ? 47  LEU A CB  1 
ATOM   287 C  CG  . LEU A 1 47  ? 3.102   -11.247 29.657  1.00 47.42 ? 47  LEU A CG  1 
ATOM   288 C  CD1 . LEU A 1 47  ? 4.151   -10.637 30.575  1.00 47.05 ? 47  LEU A CD1 1 
ATOM   289 C  CD2 . LEU A 1 47  ? 1.808   -10.482 29.781  1.00 46.33 ? 47  LEU A CD2 1 
ATOM   290 N  N   . GLN A 1 48  ? 4.639   -13.054 26.114  1.00 51.50 ? 48  GLN A N   1 
ATOM   291 C  CA  . GLN A 1 48  ? 4.745   -14.373 25.523  1.00 51.78 ? 48  GLN A CA  1 
ATOM   292 C  C   . GLN A 1 48  ? 4.443   -14.337 24.023  1.00 54.07 ? 48  GLN A C   1 
ATOM   293 O  O   . GLN A 1 48  ? 3.450   -13.736 23.601  1.00 57.27 ? 48  GLN A O   1 
ATOM   294 C  CB  . GLN A 1 48  ? 3.743   -15.268 26.227  1.00 50.30 ? 48  GLN A CB  1 
ATOM   295 C  CG  . GLN A 1 48  ? 3.518   -16.608 25.597  1.00 51.12 ? 48  GLN A CG  1 
ATOM   296 C  CD  . GLN A 1 48  ? 2.209   -17.234 26.065  1.00 52.99 ? 48  GLN A CD  1 
ATOM   297 O  OE1 . GLN A 1 48  ? 2.038   -18.455 25.965  1.00 57.52 ? 48  GLN A OE1 1 
ATOM   298 N  NE2 . GLN A 1 48  ? 1.272   -16.404 26.569  1.00 48.59 ? 48  GLN A NE2 1 
ATOM   299 N  N   . VAL A 1 49  ? 5.299   -14.949 23.212  1.00 52.63 ? 49  VAL A N   1 
ATOM   300 C  CA  . VAL A 1 49  ? 5.047   -15.011 21.771  1.00 48.54 ? 49  VAL A CA  1 
ATOM   301 C  C   . VAL A 1 49  ? 4.276   -16.293 21.692  1.00 47.12 ? 49  VAL A C   1 
ATOM   302 O  O   . VAL A 1 49  ? 4.866   -17.339 21.824  1.00 49.91 ? 49  VAL A O   1 
ATOM   303 C  CB  . VAL A 1 49  ? 6.324   -15.209 20.949  1.00 47.08 ? 49  VAL A CB  1 
ATOM   304 C  CG1 . VAL A 1 49  ? 5.960   -15.575 19.524  1.00 46.38 ? 49  VAL A CG1 1 
ATOM   305 C  CG2 . VAL A 1 49  ? 7.159   -13.948 20.963  1.00 49.06 ? 49  VAL A CG2 1 
ATOM   306 N  N   . VAL A 1 50  ? 2.971   -16.253 21.474  1.00 46.03 ? 50  VAL A N   1 
ATOM   307 C  CA  . VAL A 1 50  ? 2.252   -17.515 21.470  1.00 46.38 ? 50  VAL A CA  1 
ATOM   308 C  C   . VAL A 1 50  ? 2.361   -18.319 20.202  1.00 50.12 ? 50  VAL A C   1 
ATOM   309 O  O   . VAL A 1 50  ? 2.266   -19.554 20.233  1.00 52.78 ? 50  VAL A O   1 
ATOM   310 C  CB  . VAL A 1 50  ? 0.758   -17.335 21.822  1.00 42.58 ? 50  VAL A CB  1 
ATOM   311 C  CG1 . VAL A 1 50  ? 0.524   -15.961 22.381  1.00 42.57 ? 50  VAL A CG1 1 
ATOM   312 C  CG2 . VAL A 1 50  ? -0.102  -17.617 20.644  1.00 39.99 ? 50  VAL A CG2 1 
ATOM   313 N  N   . ARG A 1 51  ? 2.592   -17.631 19.088  1.00 52.87 ? 51  ARG A N   1 
ATOM   314 C  CA  . ARG A 1 51  ? 2.686   -18.299 17.788  1.00 52.16 ? 51  ARG A CA  1 
ATOM   315 C  C   . ARG A 1 51  ? 3.537   -17.440 16.852  1.00 50.65 ? 51  ARG A C   1 
ATOM   316 O  O   . ARG A 1 51  ? 3.433   -16.215 16.865  1.00 48.97 ? 51  ARG A O   1 
ATOM   317 C  CB  . ARG A 1 51  ? 1.270   -18.457 17.263  1.00 51.44 ? 51  ARG A CB  1 
ATOM   318 C  CG  . ARG A 1 51  ? 1.034   -19.268 16.041  1.00 52.76 ? 51  ARG A CG  1 
ATOM   319 C  CD  . ARG A 1 51  ? -0.383  -18.899 15.642  1.00 52.72 ? 51  ARG A CD  1 
ATOM   320 N  NE  . ARG A 1 51  ? -0.987  -19.737 14.618  1.00 59.63 ? 51  ARG A NE  1 
ATOM   321 C  CZ  . ARG A 1 51  ? -2.070  -19.381 13.926  1.00 62.63 ? 51  ARG A CZ  1 
ATOM   322 N  NH1 . ARG A 1 51  ? -2.640  -18.210 14.159  1.00 63.25 ? 51  ARG A NH1 1 
ATOM   323 N  NH2 . ARG A 1 51  ? -2.595  -20.185 13.002  1.00 65.86 ? 51  ARG A NH2 1 
ATOM   324 N  N   . ALA A 1 52  ? 4.411   -18.081 16.080  1.00 50.15 ? 52  ALA A N   1 
ATOM   325 C  CA  . ALA A 1 52  ? 5.261   -17.371 15.116  1.00 47.16 ? 52  ALA A CA  1 
ATOM   326 C  C   . ALA A 1 52  ? 5.280   -18.139 13.797  1.00 46.04 ? 52  ALA A C   1 
ATOM   327 O  O   . ALA A 1 52  ? 5.587   -19.327 13.772  1.00 48.97 ? 52  ALA A O   1 
ATOM   328 C  CB  . ALA A 1 52  ? 6.664   -17.217 15.638  1.00 41.97 ? 52  ALA A CB  1 
ATOM   329 N  N   . ARG A 1 53  ? 4.925   -17.460 12.709  1.00 45.22 ? 53  ARG A N   1 
ATOM   330 C  CA  . ARG A 1 53  ? 4.906   -18.060 11.380  1.00 42.00 ? 53  ARG A CA  1 
ATOM   331 C  C   . ARG A 1 53  ? 5.507   -17.112 10.353  1.00 41.15 ? 53  ARG A C   1 
ATOM   332 O  O   . ARG A 1 53  ? 5.483   -15.899 10.528  1.00 42.30 ? 53  ARG A O   1 
ATOM   333 C  CB  . ARG A 1 53  ? 3.484   -18.429 11.032  1.00 37.95 ? 53  ARG A CB  1 
ATOM   334 C  CG  . ARG A 1 53  ? 2.905   -19.364 12.059  1.00 37.76 ? 53  ARG A CG  1 
ATOM   335 C  CD  . ARG A 1 53  ? 1.624   -19.976 11.547  1.00 42.73 ? 53  ARG A CD  1 
ATOM   336 N  NE  . ARG A 1 53  ? 0.611   -18.939 11.339  1.00 47.91 ? 53  ARG A NE  1 
ATOM   337 C  CZ  . ARG A 1 53  ? -0.464  -19.113 10.576  1.00 52.36 ? 53  ARG A CZ  1 
ATOM   338 N  NH1 . ARG A 1 53  ? -0.640  -20.282 9.959   1.00 53.32 ? 53  ARG A NH1 1 
ATOM   339 N  NH2 . ARG A 1 53  ? -1.358  -18.138 10.436  1.00 50.82 ? 53  ARG A NH2 1 
ATOM   340 N  N   . LYS A 1 54  ? 6.078   -17.653 9.292   1.00 43.10 ? 54  LYS A N   1 
ATOM   341 C  CA  . LYS A 1 54  ? 6.702   -16.795 8.287   1.00 46.05 ? 54  LYS A CA  1 
ATOM   342 C  C   . LYS A 1 54  ? 6.318   -17.294 6.897   1.00 45.47 ? 54  LYS A C   1 
ATOM   343 O  O   . LYS A 1 54  ? 5.911   -18.441 6.728   1.00 46.56 ? 54  LYS A O   1 
ATOM   344 C  CB  . LYS A 1 54  ? 8.228   -16.791 8.453   1.00 45.66 ? 54  LYS A CB  1 
ATOM   345 C  CG  . LYS A 1 54  ? 8.812   -18.140 8.165   1.00 52.99 ? 54  LYS A CG  1 
ATOM   346 C  CD  . LYS A 1 54  ? 10.295  -18.242 8.425   1.00 58.66 ? 54  LYS A CD  1 
ATOM   347 C  CE  . LYS A 1 54  ? 10.738  -19.649 8.006   1.00 63.46 ? 54  LYS A CE  1 
ATOM   348 N  NZ  . LYS A 1 54  ? 12.158  -19.958 8.313   1.00 66.72 ? 54  LYS A NZ  1 
ATOM   349 N  N   . GLN A 1 55  ? 6.433   -16.431 5.898   1.00 42.71 ? 55  GLN A N   1 
ATOM   350 C  CA  . GLN A 1 55  ? 6.071   -16.821 4.551   1.00 40.26 ? 55  GLN A CA  1 
ATOM   351 C  C   . GLN A 1 55  ? 6.777   -15.935 3.526   1.00 40.91 ? 55  GLN A C   1 
ATOM   352 O  O   . GLN A 1 55  ? 6.740   -14.706 3.621   1.00 41.66 ? 55  GLN A O   1 
ATOM   353 C  CB  . GLN A 1 55  ? 4.566   -16.713 4.377   1.00 35.60 ? 55  GLN A CB  1 
ATOM   354 C  CG  . GLN A 1 55  ? 4.204   -15.964 3.157   1.00 37.37 ? 55  GLN A CG  1 
ATOM   355 C  CD  . GLN A 1 55  ? 2.726   -15.833 2.950   1.00 36.35 ? 55  GLN A CD  1 
ATOM   356 O  OE1 . GLN A 1 55  ? 2.030   -16.793 2.593   1.00 41.48 ? 55  GLN A OE1 1 
ATOM   357 N  NE2 . GLN A 1 55  ? 2.225   -14.630 3.173   1.00 39.06 ? 55  GLN A NE2 1 
ATOM   358 N  N   . ILE A 1 56  ? 7.428   -16.562 2.556   1.00 39.69 ? 56  ILE A N   1 
ATOM   359 C  CA  . ILE A 1 56  ? 8.122   -15.816 1.539   1.00 38.10 ? 56  ILE A CA  1 
ATOM   360 C  C   . ILE A 1 56  ? 7.152   -15.483 0.440   1.00 38.68 ? 56  ILE A C   1 
ATOM   361 O  O   . ILE A 1 56  ? 6.438   -16.351 -0.071  1.00 41.65 ? 56  ILE A O   1 
ATOM   362 C  CB  . ILE A 1 56  ? 9.260   -16.616 0.992   1.00 39.32 ? 56  ILE A CB  1 
ATOM   363 C  CG1 . ILE A 1 56  ? 10.084  -17.101 2.165   1.00 38.10 ? 56  ILE A CG1 1 
ATOM   364 C  CG2 . ILE A 1 56  ? 10.146  -15.757 0.073   1.00 34.34 ? 56  ILE A CG2 1 
ATOM   365 C  CD1 . ILE A 1 56  ? 11.091  -18.110 1.769   1.00 45.72 ? 56  ILE A CD1 1 
ATOM   366 N  N   . VAL A 1 57  ? 7.146   -14.214 0.073   1.00 39.48 ? 57  VAL A N   1 
ATOM   367 C  CA  . VAL A 1 57  ? 6.243   -13.715 -0.940  1.00 39.03 ? 57  VAL A CA  1 
ATOM   368 C  C   . VAL A 1 57  ? 7.022   -12.975 -2.027  1.00 40.34 ? 57  VAL A C   1 
ATOM   369 O  O   . VAL A 1 57  ? 8.105   -12.458 -1.787  1.00 42.69 ? 57  VAL A O   1 
ATOM   370 C  CB  . VAL A 1 57  ? 5.214   -12.772 -0.288  1.00 39.10 ? 57  VAL A CB  1 
ATOM   371 C  CG1 . VAL A 1 57  ? 4.320   -13.557 0.665   1.00 35.09 ? 57  VAL A CG1 1 
ATOM   372 C  CG2 . VAL A 1 57  ? 5.959   -11.667 0.499   1.00 33.84 ? 57  VAL A CG2 1 
ATOM   373 N  N   . ALA A 1 58  ? 6.474   -12.949 -3.234  1.00 42.03 ? 58  ALA A N   1 
ATOM   374 C  CA  . ALA A 1 58  ? 7.105   -12.261 -4.356  1.00 40.60 ? 58  ALA A CA  1 
ATOM   375 C  C   . ALA A 1 58  ? 5.976   -11.493 -5.029  1.00 40.07 ? 58  ALA A C   1 
ATOM   376 O  O   . ALA A 1 58  ? 4.820   -11.934 -5.034  1.00 39.86 ? 58  ALA A O   1 
ATOM   377 C  CB  . ALA A 1 58  ? 7.733   -13.263 -5.357  1.00 36.91 ? 58  ALA A CB  1 
ATOM   378 N  N   . GLY A 1 59  ? 6.317   -10.341 -5.590  1.00 38.90 ? 59  GLY A N   1 
ATOM   379 C  CA  . GLY A 1 59  ? 5.341   -9.527  -6.268  1.00 34.54 ? 59  GLY A CA  1 
ATOM   380 C  C   . GLY A 1 59  ? 6.078   -8.630  -7.228  1.00 35.20 ? 59  GLY A C   1 
ATOM   381 O  O   . GLY A 1 59  ? 7.305   -8.697  -7.359  1.00 35.65 ? 59  GLY A O   1 
ATOM   382 N  N   . VAL A 1 60  ? 5.319   -7.777  -7.896  1.00 34.69 ? 60  VAL A N   1 
ATOM   383 C  CA  . VAL A 1 60  ? 5.893   -6.858  -8.848  1.00 33.02 ? 60  VAL A CA  1 
ATOM   384 C  C   . VAL A 1 60  ? 5.429   -5.473  -8.519  1.00 32.36 ? 60  VAL A C   1 
ATOM   385 O  O   . VAL A 1 60  ? 4.223   -5.247  -8.334  1.00 33.27 ? 60  VAL A O   1 
ATOM   386 C  CB  . VAL A 1 60  ? 5.394   -7.103  -10.259 1.00 33.30 ? 60  VAL A CB  1 
ATOM   387 C  CG1 . VAL A 1 60  ? 6.273   -6.319  -11.235 1.00 35.70 ? 60  VAL A CG1 1 
ATOM   388 C  CG2 . VAL A 1 60  ? 5.347   -8.583  -10.566 1.00 29.50 ? 60  VAL A CG2 1 
ATOM   389 N  N   . ASN A 1 61  ? 6.373   -4.545  -8.452  1.00 31.43 ? 61  ASN A N   1 
ATOM   390 C  CA  . ASN A 1 61  ? 6.021   -3.158  -8.204  1.00 32.09 ? 61  ASN A CA  1 
ATOM   391 C  C   . ASN A 1 61  ? 5.914   -2.509  -9.566  1.00 33.84 ? 61  ASN A C   1 
ATOM   392 O  O   . ASN A 1 61  ? 6.813   -2.654  -10.393 1.00 33.41 ? 61  ASN A O   1 
ATOM   393 C  CB  . ASN A 1 61  ? 7.119   -2.429  -7.454  1.00 32.95 ? 61  ASN A CB  1 
ATOM   394 C  CG  . ASN A 1 61  ? 7.133   -2.748  -5.992  1.00 34.00 ? 61  ASN A CG  1 
ATOM   395 O  OD1 . ASN A 1 61  ? 6.085   -2.754  -5.351  1.00 35.60 ? 61  ASN A OD1 1 
ATOM   396 N  ND2 . ASN A 1 61  ? 8.322   -3.001  -5.439  1.00 37.11 ? 61  ASN A ND2 1 
ATOM   397 N  N   . TYR A 1 62  ? 4.807   -1.828  -9.827  1.00 34.57 ? 62  TYR A N   1 
ATOM   398 C  CA  . TYR A 1 62  ? 4.698   -1.103  -11.074 1.00 33.68 ? 62  TYR A CA  1 
ATOM   399 C  C   . TYR A 1 62  ? 4.907   0.321   -10.691 1.00 34.87 ? 62  TYR A C   1 
ATOM   400 O  O   . TYR A 1 62  ? 4.266   0.791   -9.765  1.00 38.86 ? 62  TYR A O   1 
ATOM   401 C  CB  . TYR A 1 62  ? 3.330   -1.236  -11.669 1.00 33.15 ? 62  TYR A CB  1 
ATOM   402 C  CG  . TYR A 1 62  ? 3.172   -2.565  -12.304 1.00 32.63 ? 62  TYR A CG  1 
ATOM   403 C  CD1 . TYR A 1 62  ? 2.463   -3.573  -11.678 1.00 34.18 ? 62  TYR A CD1 1 
ATOM   404 C  CD2 . TYR A 1 62  ? 3.798   -2.843  -13.510 1.00 33.75 ? 62  TYR A CD2 1 
ATOM   405 C  CE1 . TYR A 1 62  ? 2.384   -4.816  -12.231 1.00 37.58 ? 62  TYR A CE1 1 
ATOM   406 C  CE2 . TYR A 1 62  ? 3.730   -4.082  -14.078 1.00 34.34 ? 62  TYR A CE2 1 
ATOM   407 C  CZ  . TYR A 1 62  ? 3.015   -5.069  -13.439 1.00 38.27 ? 62  TYR A CZ  1 
ATOM   408 O  OH  . TYR A 1 62  ? 2.888   -6.318  -14.014 1.00 49.93 ? 62  TYR A OH  1 
ATOM   409 N  N   . PHE A 1 63  ? 5.829   0.999   -11.360 1.00 35.52 ? 63  PHE A N   1 
ATOM   410 C  CA  . PHE A 1 63  ? 6.081   2.400   -11.083 1.00 32.95 ? 63  PHE A CA  1 
ATOM   411 C  C   . PHE A 1 63  ? 5.666   3.261   -12.266 1.00 35.02 ? 63  PHE A C   1 
ATOM   412 O  O   . PHE A 1 63  ? 6.404   3.403   -13.240 1.00 35.54 ? 63  PHE A O   1 
ATOM   413 C  CB  . PHE A 1 63  ? 7.539   2.619   -10.810 1.00 33.51 ? 63  PHE A CB  1 
ATOM   414 C  CG  . PHE A 1 63  ? 8.015   1.928   -9.598  1.00 38.58 ? 63  PHE A CG  1 
ATOM   415 C  CD1 . PHE A 1 63  ? 8.618   0.678   -9.686  1.00 37.74 ? 63  PHE A CD1 1 
ATOM   416 C  CD2 . PHE A 1 63  ? 7.882   2.531   -8.352  1.00 40.55 ? 63  PHE A CD2 1 
ATOM   417 C  CE1 . PHE A 1 63  ? 9.091   0.039   -8.549  1.00 36.90 ? 63  PHE A CE1 1 
ATOM   418 C  CE2 . PHE A 1 63  ? 8.348   1.903   -7.211  1.00 41.42 ? 63  PHE A CE2 1 
ATOM   419 C  CZ  . PHE A 1 63  ? 8.955   0.655   -7.315  1.00 38.00 ? 63  PHE A CZ  1 
ATOM   420 N  N   . LEU A 1 64  ? 4.487   3.863   -12.160 1.00 36.28 ? 64  LEU A N   1 
ATOM   421 C  CA  . LEU A 1 64  ? 3.962   4.683   -13.234 1.00 35.31 ? 64  LEU A CA  1 
ATOM   422 C  C   . LEU A 1 64  ? 4.045   6.191   -12.993 1.00 35.33 ? 64  LEU A C   1 
ATOM   423 O  O   . LEU A 1 64  ? 3.700   6.693   -11.926 1.00 34.87 ? 64  LEU A O   1 
ATOM   424 C  CB  . LEU A 1 64  ? 2.502   4.313   -13.496 1.00 33.48 ? 64  LEU A CB  1 
ATOM   425 C  CG  . LEU A 1 64  ? 2.202   2.815   -13.497 1.00 30.32 ? 64  LEU A CG  1 
ATOM   426 C  CD1 . LEU A 1 64  ? 0.718   2.581   -13.636 1.00 32.11 ? 64  LEU A CD1 1 
ATOM   427 C  CD2 . LEU A 1 64  ? 2.964   2.147   -14.602 1.00 26.12 ? 64  LEU A CD2 1 
ATOM   428 N  N   . ASP A 1 65  ? 4.528   6.898   -14.007 1.00 36.15 ? 65  ASP A N   1 
ATOM   429 C  CA  . ASP A 1 65  ? 4.625   8.348   -14.003 1.00 35.59 ? 65  ASP A CA  1 
ATOM   430 C  C   . ASP A 1 65  ? 3.595   8.704   -15.056 1.00 35.52 ? 65  ASP A C   1 
ATOM   431 O  O   . ASP A 1 65  ? 3.791   8.485   -16.251 1.00 35.39 ? 65  ASP A O   1 
ATOM   432 C  CB  . ASP A 1 65  ? 6.017   8.783   -14.396 1.00 39.56 ? 65  ASP A CB  1 
ATOM   433 C  CG  . ASP A 1 65  ? 7.032   8.426   -13.346 1.00 41.87 ? 65  ASP A CG  1 
ATOM   434 O  OD1 . ASP A 1 65  ? 6.922   8.961   -12.212 1.00 35.45 ? 65  ASP A OD1 1 
ATOM   435 O  OD2 . ASP A 1 65  ? 7.925   7.595   -13.660 1.00 47.76 ? 65  ASP A OD2 1 
ATOM   436 N  N   . VAL A 1 66  ? 2.479   9.230   -14.570 1.00 36.95 ? 66  VAL A N   1 
ATOM   437 C  CA  . VAL A 1 66  ? 1.326   9.523   -15.383 1.00 37.41 ? 66  VAL A CA  1 
ATOM   438 C  C   . VAL A 1 66  ? 0.784   10.942  -15.323 1.00 39.87 ? 66  VAL A C   1 
ATOM   439 O  O   . VAL A 1 66  ? 0.809   11.589  -14.276 1.00 45.10 ? 66  VAL A O   1 
ATOM   440 C  CB  . VAL A 1 66  ? 0.218   8.555   -14.967 1.00 37.58 ? 66  VAL A CB  1 
ATOM   441 C  CG1 . VAL A 1 66  ? -1.116  8.963   -15.568 1.00 37.44 ? 66  VAL A CG1 1 
ATOM   442 C  CG2 . VAL A 1 66  ? 0.586   7.165   -15.405 1.00 37.10 ? 66  VAL A CG2 1 
ATOM   443 N  N   . GLU A 1 67  ? 0.264   11.411  -16.451 1.00 39.69 ? 67  GLU A N   1 
ATOM   444 C  CA  . GLU A 1 67  ? -0.321  12.733  -16.529 1.00 40.41 ? 67  GLU A CA  1 
ATOM   445 C  C   . GLU A 1 67  ? -1.821  12.491  -16.572 1.00 37.70 ? 67  GLU A C   1 
ATOM   446 O  O   . GLU A 1 67  ? -2.294  11.738  -17.426 1.00 39.14 ? 67  GLU A O   1 
ATOM   447 C  CB  . GLU A 1 67  ? 0.152   13.400  -17.799 1.00 47.08 ? 67  GLU A CB  1 
ATOM   448 C  CG  . GLU A 1 67  ? 0.794   14.751  -17.588 1.00 59.60 ? 67  GLU A CG  1 
ATOM   449 C  CD  . GLU A 1 67  ? -0.181  15.854  -17.882 1.00 65.47 ? 67  GLU A CD  1 
ATOM   450 O  OE1 . GLU A 1 67  ? 0.205   17.043  -17.886 1.00 70.40 ? 67  GLU A OE1 1 
ATOM   451 O  OE2 . GLU A 1 67  ? -1.353  15.509  -18.116 1.00 72.15 ? 67  GLU A OE2 1 
ATOM   452 N  N   . LEU A 1 68  ? -2.572  13.093  -15.651 1.00 33.97 ? 68  LEU A N   1 
ATOM   453 C  CA  . LEU A 1 68  ? -4.015  12.875  -15.605 1.00 31.08 ? 68  LEU A CA  1 
ATOM   454 C  C   . LEU A 1 68  ? -4.784  14.085  -16.014 1.00 30.50 ? 68  LEU A C   1 
ATOM   455 O  O   . LEU A 1 68  ? -4.372  15.204  -15.738 1.00 31.66 ? 68  LEU A O   1 
ATOM   456 C  CB  . LEU A 1 68  ? -4.475  12.507  -14.197 1.00 31.43 ? 68  LEU A CB  1 
ATOM   457 C  CG  . LEU A 1 68  ? -4.190  11.115  -13.631 1.00 31.75 ? 68  LEU A CG  1 
ATOM   458 C  CD1 . LEU A 1 68  ? -5.073  10.871  -12.429 1.00 32.50 ? 68  LEU A CD1 1 
ATOM   459 C  CD2 . LEU A 1 68  ? -4.495  10.069  -14.676 1.00 35.25 ? 68  LEU A CD2 1 
ATOM   460 N  N   . GLY A 1 69  ? -5.931  13.861  -16.641 1.00 30.77 ? 69  GLY A N   1 
ATOM   461 C  CA  . GLY A 1 69  ? -6.757  14.976  -17.063 1.00 30.10 ? 69  GLY A CA  1 
ATOM   462 C  C   . GLY A 1 69  ? -8.186  14.761  -16.618 1.00 32.14 ? 69  GLY A C   1 
ATOM   463 O  O   . GLY A 1 69  ? -8.701  13.630  -16.601 1.00 32.63 ? 69  GLY A O   1 
ATOM   464 N  N   . ARG A 1 70  ? -8.823  15.859  -16.245 1.00 31.53 ? 70  ARG A N   1 
ATOM   465 C  CA  . ARG A 1 70  ? -10.181 15.804  -15.762 1.00 30.92 ? 70  ARG A CA  1 
ATOM   466 C  C   . ARG A 1 70  ? -11.098 15.762  -16.978 1.00 32.52 ? 70  ARG A C   1 
ATOM   467 O  O   . ARG A 1 70  ? -10.966 16.590  -17.870 1.00 33.49 ? 70  ARG A O   1 
ATOM   468 C  CB  . ARG A 1 70  ? -10.440 17.042  -14.863 1.00 27.75 ? 70  ARG A CB  1 
ATOM   469 C  CG  . ARG A 1 70  ? -11.853 17.183  -14.361 1.00 25.26 ? 70  ARG A CG  1 
ATOM   470 C  CD  . ARG A 1 70  ? -11.994 17.803  -12.966 1.00 26.63 ? 70  ARG A CD  1 
ATOM   471 N  NE  . ARG A 1 70  ? -12.256 19.247  -12.946 1.00 29.24 ? 70  ARG A NE  1 
ATOM   472 C  CZ  . ARG A 1 70  ? -13.035 19.857  -12.052 1.00 31.62 ? 70  ARG A CZ  1 
ATOM   473 N  NH1 . ARG A 1 70  ? -13.643 19.160  -11.100 1.00 30.33 ? 70  ARG A NH1 1 
ATOM   474 N  NH2 . ARG A 1 70  ? -13.208 21.172  -12.105 1.00 37.01 ? 70  ARG A NH2 1 
ATOM   475 N  N   . THR A 1 71  ? -12.014 14.800  -17.021 1.00 33.44 ? 71  THR A N   1 
ATOM   476 C  CA  . THR A 1 71  ? -12.952 14.696  -18.129 1.00 33.14 ? 71  THR A CA  1 
ATOM   477 C  C   . THR A 1 71  ? -14.213 15.474  -17.794 1.00 35.16 ? 71  THR A C   1 
ATOM   478 O  O   . THR A 1 71  ? -14.366 15.997  -16.705 1.00 37.45 ? 71  THR A O   1 
ATOM   479 C  CB  . THR A 1 71  ? -13.400 13.258  -18.404 1.00 33.65 ? 71  THR A CB  1 
ATOM   480 O  OG1 . THR A 1 71  ? -14.358 12.876  -17.417 1.00 35.43 ? 71  THR A OG1 1 
ATOM   481 C  CG2 . THR A 1 71  ? -12.224 12.303  -18.398 1.00 31.78 ? 71  THR A CG2 1 
ATOM   482 N  N   . THR A 1 72  ? -15.148 15.478  -18.732 1.00 35.48 ? 72  THR A N   1 
ATOM   483 C  CA  . THR A 1 72  ? -16.388 16.223  -18.598 1.00 33.25 ? 72  THR A CA  1 
ATOM   484 C  C   . THR A 1 72  ? -17.493 15.394  -18.007 1.00 37.00 ? 72  THR A C   1 
ATOM   485 O  O   . THR A 1 72  ? -18.598 15.901  -17.765 1.00 40.51 ? 72  THR A O   1 
ATOM   486 C  CB  . THR A 1 72  ? -16.843 16.699  -19.966 1.00 32.27 ? 72  THR A CB  1 
ATOM   487 O  OG1 . THR A 1 72  ? -16.911 15.571  -20.839 1.00 41.00 ? 72  THR A OG1 1 
ATOM   488 C  CG2 . THR A 1 72  ? -15.846 17.693  -20.561 1.00 29.34 ? 72  THR A CG2 1 
ATOM   489 N  N   . CYS A 1 73  ? -17.192 14.120  -17.764 1.00 40.13 ? 73  CYS A N   1 
ATOM   490 C  CA  . CYS A 1 73  ? -18.163 13.153  -17.233 1.00 41.15 ? 73  CYS A CA  1 
ATOM   491 C  C   . CYS A 1 73  ? -18.202 13.031  -15.731 1.00 41.34 ? 73  CYS A C   1 
ATOM   492 O  O   . CYS A 1 73  ? -17.161 12.992  -15.092 1.00 45.30 ? 73  CYS A O   1 
ATOM   493 C  CB  . CYS A 1 73  ? -17.858 11.763  -17.781 1.00 42.99 ? 73  CYS A CB  1 
ATOM   494 S  SG  . CYS A 1 73  ? -18.126 11.563  -19.568 1.00 46.45 ? 73  CYS A SG  1 
ATOM   495 N  N   . THR A 1 74  ? -19.397 12.970  -15.154 1.00 40.41 ? 74  THR A N   1 
ATOM   496 C  CA  . THR A 1 74  ? -19.475 12.788  -13.724 1.00 42.50 ? 74  THR A CA  1 
ATOM   497 C  C   . THR A 1 74  ? -19.164 11.305  -13.525 1.00 45.84 ? 74  THR A C   1 
ATOM   498 O  O   . THR A 1 74  ? -19.174 10.529  -14.482 1.00 47.20 ? 74  THR A O   1 
ATOM   499 C  CB  . THR A 1 74  ? -20.862 13.119  -13.169 1.00 41.72 ? 74  THR A CB  1 
ATOM   500 O  OG1 . THR A 1 74  ? -21.801 12.122  -13.570 1.00 44.11 ? 74  THR A OG1 1 
ATOM   501 C  CG2 . THR A 1 74  ? -21.306 14.442  -13.682 1.00 43.85 ? 74  THR A CG2 1 
ATOM   502 N  N   . LYS A 1 75  ? -18.862 10.903  -12.296 1.00 48.98 ? 75  LYS A N   1 
ATOM   503 C  CA  . LYS A 1 75  ? -18.535 9.512   -12.042 1.00 47.51 ? 75  LYS A CA  1 
ATOM   504 C  C   . LYS A 1 75  ? -19.813 8.653   -12.113 1.00 50.03 ? 75  LYS A C   1 
ATOM   505 O  O   . LYS A 1 75  ? -19.758 7.409   -12.073 1.00 49.98 ? 75  LYS A O   1 
ATOM   506 C  CB  . LYS A 1 75  ? -17.865 9.408   -10.673 1.00 45.93 ? 75  LYS A CB  1 
ATOM   507 C  CG  . LYS A 1 75  ? -16.478 10.038  -10.589 1.00 39.27 ? 75  LYS A CG  1 
ATOM   508 C  CD  . LYS A 1 75  ? -16.092 10.312  -9.137  1.00 35.71 ? 75  LYS A CD  1 
ATOM   509 C  CE  . LYS A 1 75  ? -14.718 10.913  -9.057  1.00 38.71 ? 75  LYS A CE  1 
ATOM   510 N  NZ  . LYS A 1 75  ? -14.356 11.221  -7.661  1.00 42.18 ? 75  LYS A NZ  1 
ATOM   511 N  N   . THR A 1 76  ? -20.953 9.333   -12.260 1.00 49.95 ? 76  THR A N   1 
ATOM   512 C  CA  . THR A 1 76  ? -22.258 8.680   -12.319 1.00 51.43 ? 76  THR A CA  1 
ATOM   513 C  C   . THR A 1 76  ? -22.792 8.425   -13.719 1.00 53.42 ? 76  THR A C   1 
ATOM   514 O  O   . THR A 1 76  ? -23.979 8.155   -13.897 1.00 53.32 ? 76  THR A O   1 
ATOM   515 C  CB  . THR A 1 76  ? -23.334 9.487   -11.607 1.00 51.38 ? 76  THR A CB  1 
ATOM   516 O  OG1 . THR A 1 76  ? -23.488 10.745  -12.281 1.00 49.56 ? 76  THR A OG1 1 
ATOM   517 C  CG2 . THR A 1 76  ? -22.983 9.679   -10.129 1.00 47.26 ? 76  THR A CG2 1 
ATOM   518 N  N   . GLN A 1 77  ? -21.938 8.547   -14.720 1.00 55.23 ? 77  GLN A N   1 
ATOM   519 C  CA  . GLN A 1 77  ? -22.374 8.242   -16.056 1.00 56.55 ? 77  GLN A CA  1 
ATOM   520 C  C   . GLN A 1 77  ? -21.471 7.173   -16.678 1.00 59.13 ? 77  GLN A C   1 
ATOM   521 O  O   . GLN A 1 77  ? -20.457 6.743   -16.089 1.00 56.10 ? 77  GLN A O   1 
ATOM   522 C  CB  . GLN A 1 77  ? -22.480 9.503   -16.922 1.00 56.43 ? 77  GLN A CB  1 
ATOM   523 C  CG  . GLN A 1 77  ? -21.302 10.427  -16.919 1.00 62.78 ? 77  GLN A CG  1 
ATOM   524 C  CD  . GLN A 1 77  ? -21.602 11.698  -17.684 1.00 66.76 ? 77  GLN A CD  1 
ATOM   525 O  OE1 . GLN A 1 77  ? -21.740 11.657  -18.897 1.00 70.46 ? 77  GLN A OE1 1 
ATOM   526 N  NE2 . GLN A 1 77  ? -21.723 12.831  -16.980 1.00 69.02 ? 77  GLN A NE2 1 
ATOM   527 N  N   . PRO A 1 78  ? -21.858 6.698   -17.868 1.00 63.48 ? 78  PRO A N   1 
ATOM   528 C  CA  . PRO A 1 78  ? -21.154 5.662   -18.635 1.00 64.92 ? 78  PRO A CA  1 
ATOM   529 C  C   . PRO A 1 78  ? -20.142 6.149   -19.668 1.00 67.13 ? 78  PRO A C   1 
ATOM   530 O  O   . PRO A 1 78  ? -20.219 7.290   -20.150 1.00 65.91 ? 78  PRO A O   1 
ATOM   531 C  CB  . PRO A 1 78  ? -22.298 4.963   -19.319 1.00 64.72 ? 78  PRO A CB  1 
ATOM   532 C  CG  . PRO A 1 78  ? -23.164 6.189   -19.737 1.00 62.68 ? 78  PRO A CG  1 
ATOM   533 C  CD  . PRO A 1 78  ? -23.175 7.005   -18.479 1.00 62.57 ? 78  PRO A CD  1 
ATOM   534 N  N   . ASN A 1 79  ? -19.213 5.265   -20.026 1.00 68.76 ? 79  ASN A N   1 
ATOM   535 C  CA  . ASN A 1 79  ? -18.214 5.583   -21.046 1.00 73.41 ? 79  ASN A CA  1 
ATOM   536 C  C   . ASN A 1 79  ? -17.167 6.547   -20.592 1.00 73.08 ? 79  ASN A C   1 
ATOM   537 O  O   . ASN A 1 79  ? -16.748 7.442   -21.337 1.00 73.44 ? 79  ASN A O   1 
ATOM   538 C  CB  . ASN A 1 79  ? -18.879 6.176   -22.271 1.00 79.87 ? 79  ASN A CB  1 
ATOM   539 C  CG  . ASN A 1 79  ? -19.505 5.128   -23.142 1.00 86.08 ? 79  ASN A CG  1 
ATOM   540 O  OD1 . ASN A 1 79  ? -18.806 4.406   -23.863 1.00 87.49 ? 79  ASN A OD1 1 
ATOM   541 N  ND2 . ASN A 1 79  ? -20.830 5.022   -23.078 1.00 89.57 ? 79  ASN A ND2 1 
ATOM   542 N  N   . LEU A 1 80  ? -16.733 6.355   -19.364 1.00 71.44 ? 80  LEU A N   1 
ATOM   543 C  CA  . LEU A 1 80  ? -15.747 7.222   -18.797 1.00 68.04 ? 80  LEU A CA  1 
ATOM   544 C  C   . LEU A 1 80  ? -14.355 7.005   -19.472 1.00 71.69 ? 80  LEU A C   1 
ATOM   545 O  O   . LEU A 1 80  ? -13.568 7.939   -19.586 1.00 74.54 ? 80  LEU A O   1 
ATOM   546 C  CB  . LEU A 1 80  ? -15.765 6.981   -17.275 1.00 61.13 ? 80  LEU A CB  1 
ATOM   547 C  CG  . LEU A 1 80  ? -17.180 7.011   -16.640 1.00 53.10 ? 80  LEU A CG  1 
ATOM   548 C  CD1 . LEU A 1 80  ? -17.183 6.674   -15.157 1.00 47.18 ? 80  LEU A CD1 1 
ATOM   549 C  CD2 . LEU A 1 80  ? -17.750 8.377   -16.815 1.00 49.93 ? 80  LEU A CD2 1 
ATOM   550 N  N   . ASP A 1 81  ? -14.084 5.795   -19.970 1.00 74.22 ? 81  ASP A N   1 
ATOM   551 C  CA  . ASP A 1 81  ? -12.793 5.429   -20.605 1.00 72.53 ? 81  ASP A CA  1 
ATOM   552 C  C   . ASP A 1 81  ? -12.286 6.346   -21.723 1.00 69.40 ? 81  ASP A C   1 
ATOM   553 O  O   . ASP A 1 81  ? -11.082 6.615   -21.848 1.00 66.77 ? 81  ASP A O   1 
ATOM   554 C  CB  . ASP A 1 81  ? -12.887 4.013   -21.197 1.00 75.95 ? 81  ASP A CB  1 
ATOM   555 C  CG  . ASP A 1 81  ? -13.238 2.956   -20.165 1.00 78.62 ? 81  ASP A CG  1 
ATOM   556 O  OD1 . ASP A 1 81  ? -14.268 3.117   -19.456 1.00 81.41 ? 81  ASP A OD1 1 
ATOM   557 O  OD2 . ASP A 1 81  ? -12.483 1.954   -20.079 1.00 78.61 ? 81  ASP A OD2 1 
ATOM   558 N  N   . ASN A 1 82  ? -13.238 6.793   -22.535 1.00 67.56 ? 82  ASN A N   1 
ATOM   559 C  CA  . ASN A 1 82  ? -13.026 7.635   -23.713 1.00 64.27 ? 82  ASN A CA  1 
ATOM   560 C  C   . ASN A 1 82  ? -13.771 8.972   -23.591 1.00 60.65 ? 82  ASN A C   1 
ATOM   561 O  O   . ASN A 1 82  ? -13.966 9.663   -24.586 1.00 62.61 ? 82  ASN A O   1 
ATOM   562 C  CB  . ASN A 1 82  ? -13.569 6.884   -24.925 1.00 66.29 ? 82  ASN A CB  1 
ATOM   563 C  CG  . ASN A 1 82  ? -15.025 6.404   -24.704 1.00 69.64 ? 82  ASN A CG  1 
ATOM   564 O  OD1 . ASN A 1 82  ? -15.606 5.719   -25.544 1.00 70.67 ? 82  ASN A OD1 1 
ATOM   565 N  ND2 . ASN A 1 82  ? -15.609 6.774   -23.562 1.00 71.85 ? 82  ASN A ND2 1 
ATOM   566 N  N   . CYS A 1 83  ? -14.233 9.304   -22.389 1.00 54.80 ? 83  CYS A N   1 
ATOM   567 C  CA  . CYS A 1 83  ? -14.935 10.563  -22.158 1.00 48.80 ? 83  CYS A CA  1 
ATOM   568 C  C   . CYS A 1 83  ? -13.989 11.743  -22.417 1.00 47.06 ? 83  CYS A C   1 
ATOM   569 O  O   . CYS A 1 83  ? -12.809 11.701  -22.068 1.00 44.84 ? 83  CYS A O   1 
ATOM   570 C  CB  . CYS A 1 83  ? -15.461 10.638  -20.726 1.00 46.12 ? 83  CYS A CB  1 
ATOM   571 S  SG  . CYS A 1 83  ? -16.382 12.163  -20.412 1.00 46.25 ? 83  CYS A SG  1 
ATOM   572 N  N   . PRO A 1 84  ? -14.506 12.811  -23.047 1.00 47.85 ? 84  PRO A N   1 
ATOM   573 C  CA  . PRO A 1 84  ? -13.791 14.039  -23.404 1.00 47.94 ? 84  PRO A CA  1 
ATOM   574 C  C   . PRO A 1 84  ? -13.274 14.834  -22.232 1.00 47.61 ? 84  PRO A C   1 
ATOM   575 O  O   . PRO A 1 84  ? -13.978 15.053  -21.236 1.00 47.32 ? 84  PRO A O   1 
ATOM   576 C  CB  . PRO A 1 84  ? -14.831 14.841  -24.186 1.00 46.76 ? 84  PRO A CB  1 
ATOM   577 C  CG  . PRO A 1 84  ? -15.723 13.821  -24.721 1.00 48.50 ? 84  PRO A CG  1 
ATOM   578 C  CD  . PRO A 1 84  ? -15.879 12.862  -23.573 1.00 49.81 ? 84  PRO A CD  1 
ATOM   579 N  N   . PHE A 1 85  ? -12.044 15.298  -22.377 1.00 47.01 ? 85  PHE A N   1 
ATOM   580 C  CA  . PHE A 1 85  ? -11.434 16.084  -21.339 1.00 48.18 ? 85  PHE A CA  1 
ATOM   581 C  C   . PHE A 1 85  ? -12.086 17.464  -21.324 1.00 50.18 ? 85  PHE A C   1 
ATOM   582 O  O   . PHE A 1 85  ? -12.555 17.939  -22.346 1.00 53.19 ? 85  PHE A O   1 
ATOM   583 C  CB  . PHE A 1 85  ? -9.912  16.176  -21.574 1.00 46.48 ? 85  PHE A CB  1 
ATOM   584 C  CG  . PHE A 1 85  ? -9.183  14.850  -21.376 1.00 48.59 ? 85  PHE A CG  1 
ATOM   585 C  CD1 . PHE A 1 85  ? -8.668  14.151  -22.454 1.00 48.14 ? 85  PHE A CD1 1 
ATOM   586 C  CD2 . PHE A 1 85  ? -9.059  14.281  -20.101 1.00 50.18 ? 85  PHE A CD2 1 
ATOM   587 C  CE1 . PHE A 1 85  ? -8.052  12.914  -22.276 1.00 49.07 ? 85  PHE A CE1 1 
ATOM   588 C  CE2 . PHE A 1 85  ? -8.439  13.038  -19.914 1.00 48.22 ? 85  PHE A CE2 1 
ATOM   589 C  CZ  . PHE A 1 85  ? -7.938  12.359  -20.999 1.00 48.52 ? 85  PHE A CZ  1 
ATOM   590 N  N   . HIS A 1 86  ? -12.159 18.079  -20.148 1.00 51.88 ? 86  HIS A N   1 
ATOM   591 C  CA  . HIS A 1 86  ? -12.710 19.415  -20.012 1.00 50.00 ? 86  HIS A CA  1 
ATOM   592 C  C   . HIS A 1 86  ? -11.729 20.315  -20.720 1.00 52.65 ? 86  HIS A C   1 
ATOM   593 O  O   . HIS A 1 86  ? -10.525 20.020  -20.739 1.00 52.33 ? 86  HIS A O   1 
ATOM   594 C  CB  . HIS A 1 86  ? -12.725 19.853  -18.557 1.00 48.38 ? 86  HIS A CB  1 
ATOM   595 C  CG  . HIS A 1 86  ? -13.965 19.492  -17.821 1.00 46.49 ? 86  HIS A CG  1 
ATOM   596 N  ND1 . HIS A 1 86  ? -15.218 19.890  -18.227 1.00 45.67 ? 86  HIS A ND1 1 
ATOM   597 C  CD2 . HIS A 1 86  ? -14.142 18.835  -16.652 1.00 46.50 ? 86  HIS A CD2 1 
ATOM   598 C  CE1 . HIS A 1 86  ? -16.113 19.503  -17.340 1.00 46.87 ? 86  HIS A CE1 1 
ATOM   599 N  NE2 . HIS A 1 86  ? -15.482 18.859  -16.371 1.00 47.36 ? 86  HIS A NE2 1 
ATOM   600 N  N   . ASP A 1 87  ? -12.228 21.414  -21.284 1.00 56.35 ? 87  ASP A N   1 
ATOM   601 C  CA  . ASP A 1 87  ? -11.354 22.373  -21.953 1.00 59.97 ? 87  ASP A CA  1 
ATOM   602 C  C   . ASP A 1 87  ? -11.711 23.801  -21.549 1.00 59.86 ? 87  ASP A C   1 
ATOM   603 O  O   . ASP A 1 87  ? -10.976 24.732  -21.884 1.00 59.71 ? 87  ASP A O   1 
ATOM   604 C  CB  . ASP A 1 87  ? -11.399 22.200  -23.483 1.00 64.44 ? 87  ASP A CB  1 
ATOM   605 C  CG  . ASP A 1 87  ? -12.745 22.587  -24.089 1.00 69.50 ? 87  ASP A CG  1 
ATOM   606 O  OD1 . ASP A 1 87  ? -13.792 22.427  -23.425 1.00 69.45 ? 87  ASP A OD1 1 
ATOM   607 O  OD2 . ASP A 1 87  ? -12.753 23.040  -25.254 1.00 74.38 ? 87  ASP A OD2 1 
ATOM   608 N  N   . GLN A 1 88  ? -12.809 23.962  -20.803 1.00 59.59 ? 88  GLN A N   1 
ATOM   609 C  CA  . GLN A 1 88  ? -13.259 25.282  -20.341 1.00 61.04 ? 88  GLN A CA  1 
ATOM   610 C  C   . GLN A 1 88  ? -12.389 25.917  -19.270 1.00 60.45 ? 88  GLN A C   1 
ATOM   611 O  O   . GLN A 1 88  ? -11.671 25.242  -18.544 1.00 59.37 ? 88  GLN A O   1 
ATOM   612 C  CB  . GLN A 1 88  ? -14.702 25.234  -19.835 1.00 64.07 ? 88  GLN A CB  1 
ATOM   613 C  CG  . GLN A 1 88  ? -15.748 25.022  -20.928 1.00 70.13 ? 88  GLN A CG  1 
ATOM   614 C  CD  . GLN A 1 88  ? -15.529 25.930  -22.141 1.00 72.62 ? 88  GLN A CD  1 
ATOM   615 O  OE1 . GLN A 1 88  ? -14.656 25.683  -22.988 1.00 71.76 ? 88  GLN A OE1 1 
ATOM   616 N  NE2 . GLN A 1 88  ? -16.320 26.992  -22.219 1.00 75.89 ? 88  GLN A NE2 1 
ATOM   617 N  N   . PRO A 1 89  ? -12.460 27.242  -19.152 1.00 61.44 ? 89  PRO A N   1 
ATOM   618 C  CA  . PRO A 1 89  ? -11.643 27.904  -18.156 1.00 63.70 ? 89  PRO A CA  1 
ATOM   619 C  C   . PRO A 1 89  ? -11.485 27.386  -16.744 1.00 63.55 ? 89  PRO A C   1 
ATOM   620 O  O   . PRO A 1 89  ? -10.341 27.176  -16.311 1.00 68.19 ? 89  PRO A O   1 
ATOM   621 C  CB  . PRO A 1 89  ? -12.138 29.332  -18.232 1.00 64.54 ? 89  PRO A CB  1 
ATOM   622 C  CG  . PRO A 1 89  ? -12.157 29.498  -19.727 1.00 63.13 ? 89  PRO A CG  1 
ATOM   623 C  CD  . PRO A 1 89  ? -12.931 28.231  -20.137 1.00 63.11 ? 89  PRO A CD  1 
ATOM   624 N  N   . HIS A 1 90  ? -12.540 27.159  -15.987 1.00 58.90 ? 90  HIS A N   1 
ATOM   625 C  CA  . HIS A 1 90  ? -12.196 26.705  -14.649 1.00 58.96 ? 90  HIS A CA  1 
ATOM   626 C  C   . HIS A 1 90  ? -12.436 25.251  -14.386 1.00 55.11 ? 90  HIS A C   1 
ATOM   627 O  O   . HIS A 1 90  ? -12.124 24.716  -13.312 1.00 54.42 ? 90  HIS A O   1 
ATOM   628 C  CB  . HIS A 1 90  ? -12.865 27.580  -13.599 1.00 65.93 ? 90  HIS A CB  1 
ATOM   629 C  CG  . HIS A 1 90  ? -12.239 28.933  -13.466 1.00 72.25 ? 90  HIS A CG  1 
ATOM   630 N  ND1 . HIS A 1 90  ? -12.388 29.916  -14.430 1.00 73.10 ? 90  HIS A ND1 1 
ATOM   631 C  CD2 . HIS A 1 90  ? -11.414 29.441  -12.526 1.00 73.34 ? 90  HIS A CD2 1 
ATOM   632 C  CE1 . HIS A 1 90  ? -11.673 30.969  -14.083 1.00 75.16 ? 90  HIS A CE1 1 
ATOM   633 N  NE2 . HIS A 1 90  ? -11.072 30.712  -12.934 1.00 77.08 ? 90  HIS A NE2 1 
ATOM   634 N  N   . LEU A 1 91  ? -12.952 24.599  -15.407 1.00 52.56 ? 91  LEU A N   1 
ATOM   635 C  CA  . LEU A 1 91  ? -13.241 23.195  -15.298 1.00 52.86 ? 91  LEU A CA  1 
ATOM   636 C  C   . LEU A 1 91  ? -12.057 22.340  -15.720 1.00 51.91 ? 91  LEU A C   1 
ATOM   637 O  O   . LEU A 1 91  ? -11.869 21.264  -15.168 1.00 55.11 ? 91  LEU A O   1 
ATOM   638 C  CB  . LEU A 1 91  ? -14.480 22.856  -16.134 1.00 52.21 ? 91  LEU A CB  1 
ATOM   639 C  CG  . LEU A 1 91  ? -15.777 23.483  -15.622 1.00 50.26 ? 91  LEU A CG  1 
ATOM   640 C  CD1 . LEU A 1 91  ? -16.831 23.355  -16.687 1.00 51.48 ? 91  LEU A CD1 1 
ATOM   641 C  CD2 . LEU A 1 91  ? -16.221 22.806  -14.330 1.00 51.16 ? 91  LEU A CD2 1 
ATOM   642 N  N   . LYS A 1 92  ? -11.243 22.808  -16.662 1.00 50.27 ? 92  LYS A N   1 
ATOM   643 C  CA  . LYS A 1 92  ? -10.125 21.993  -17.087 1.00 50.79 ? 92  LYS A CA  1 
ATOM   644 C  C   . LYS A 1 92  ? -9.016  21.957  -16.030 1.00 50.97 ? 92  LYS A C   1 
ATOM   645 O  O   . LYS A 1 92  ? -8.629  22.985  -15.477 1.00 49.86 ? 92  LYS A O   1 
ATOM   646 C  CB  . LYS A 1 92  ? -9.609  22.457  -18.456 1.00 51.49 ? 92  LYS A CB  1 
ATOM   647 C  CG  . LYS A 1 92  ? -8.557  23.555  -18.461 1.00 58.83 ? 92  LYS A CG  1 
ATOM   648 C  CD  . LYS A 1 92  ? -7.974  23.783  -19.892 1.00 67.71 ? 92  LYS A CD  1 
ATOM   649 C  CE  . LYS A 1 92  ? -7.416  22.479  -20.553 1.00 72.21 ? 92  LYS A CE  1 
ATOM   650 N  NZ  . LYS A 1 92  ? -6.779  22.671  -21.923 1.00 73.28 ? 92  LYS A NZ  1 
ATOM   651 N  N   . ARG A 1 93  ? -8.556  20.739  -15.722 1.00 51.90 ? 93  ARG A N   1 
ATOM   652 C  CA  . ARG A 1 93  ? -7.485  20.473  -14.750 1.00 52.13 ? 93  ARG A CA  1 
ATOM   653 C  C   . ARG A 1 93  ? -6.671  19.303  -15.260 1.00 48.75 ? 93  ARG A C   1 
ATOM   654 O  O   . ARG A 1 93  ? -7.180  18.396  -15.925 1.00 47.77 ? 93  ARG A O   1 
ATOM   655 C  CB  . ARG A 1 93  ? -8.029  20.121  -13.364 1.00 59.34 ? 93  ARG A CB  1 
ATOM   656 C  CG  . ARG A 1 93  ? -7.945  21.246  -12.325 1.00 70.40 ? 93  ARG A CG  1 
ATOM   657 C  CD  . ARG A 1 93  ? -8.726  20.856  -11.042 1.00 78.43 ? 93  ARG A CD  1 
ATOM   658 N  NE  . ARG A 1 93  ? -8.473  21.699  -9.862  1.00 85.69 ? 93  ARG A NE  1 
ATOM   659 C  CZ  . ARG A 1 93  ? -7.268  21.935  -9.323  1.00 87.96 ? 93  ARG A CZ  1 
ATOM   660 N  NH1 . ARG A 1 93  ? -6.181  21.397  -9.859  1.00 89.98 ? 93  ARG A NH1 1 
ATOM   661 N  NH2 . ARG A 1 93  ? -7.146  22.697  -8.233  1.00 87.53 ? 93  ARG A NH2 1 
ATOM   662 N  N   . LYS A 1 94  ? -5.397  19.331  -14.914 1.00 46.50 ? 94  LYS A N   1 
ATOM   663 C  CA  . LYS A 1 94  ? -4.441  18.334  -15.346 1.00 43.32 ? 94  LYS A CA  1 
ATOM   664 C  C   . LYS A 1 94  ? -3.524  18.100  -14.167 1.00 41.28 ? 94  LYS A C   1 
ATOM   665 O  O   . LYS A 1 94  ? -3.327  18.997  -13.354 1.00 42.92 ? 94  LYS A O   1 
ATOM   666 C  CB  . LYS A 1 94  ? -3.639  18.920  -16.485 1.00 43.50 ? 94  LYS A CB  1 
ATOM   667 C  CG  . LYS A 1 94  ? -3.403  18.023  -17.650 1.00 52.91 ? 94  LYS A CG  1 
ATOM   668 C  CD  . LYS A 1 94  ? -2.856  18.842  -18.852 1.00 59.26 ? 94  LYS A CD  1 
ATOM   669 C  CE  . LYS A 1 94  ? -1.627  19.698  -18.488 1.00 60.83 ? 94  LYS A CE  1 
ATOM   670 N  NZ  . LYS A 1 94  ? -1.063  20.425  -19.672 1.00 62.74 ? 94  LYS A NZ  1 
ATOM   671 N  N   . ALA A 1 95  ? -2.968  16.908  -14.047 1.00 40.39 ? 95  ALA A N   1 
ATOM   672 C  CA  . ALA A 1 95  ? -2.058  16.662  -12.945 1.00 39.96 ? 95  ALA A CA  1 
ATOM   673 C  C   . ALA A 1 95  ? -1.018  15.643  -13.333 1.00 42.15 ? 95  ALA A C   1 
ATOM   674 O  O   . ALA A 1 95  ? -1.295  14.674  -14.055 1.00 41.95 ? 95  ALA A O   1 
ATOM   675 C  CB  . ALA A 1 95  ? -2.814  16.193  -11.690 1.00 32.36 ? 95  ALA A CB  1 
ATOM   676 N  N   . PHE A 1 96  ? 0.207   15.893  -12.897 1.00 44.67 ? 96  PHE A N   1 
ATOM   677 C  CA  . PHE A 1 96  ? 1.241   14.933  -13.138 1.00 46.48 ? 96  PHE A CA  1 
ATOM   678 C  C   . PHE A 1 96  ? 1.276   14.070  -11.853 1.00 43.69 ? 96  PHE A C   1 
ATOM   679 O  O   . PHE A 1 96  ? 1.333   14.597  -10.746 1.00 43.94 ? 96  PHE A O   1 
ATOM   680 C  CB  . PHE A 1 96  ? 2.568   15.621  -13.371 1.00 54.75 ? 96  PHE A CB  1 
ATOM   681 C  CG  . PHE A 1 96  ? 3.632   14.673  -13.769 1.00 70.17 ? 96  PHE A CG  1 
ATOM   682 C  CD1 . PHE A 1 96  ? 3.795   14.319  -15.112 1.00 74.75 ? 96  PHE A CD1 1 
ATOM   683 C  CD2 . PHE A 1 96  ? 4.426   14.036  -12.787 1.00 76.54 ? 96  PHE A CD2 1 
ATOM   684 C  CE1 . PHE A 1 96  ? 4.738   13.328  -15.478 1.00 78.54 ? 96  PHE A CE1 1 
ATOM   685 C  CE2 . PHE A 1 96  ? 5.371   13.045  -13.133 1.00 77.66 ? 96  PHE A CE2 1 
ATOM   686 C  CZ  . PHE A 1 96  ? 5.527   12.690  -14.484 1.00 78.42 ? 96  PHE A CZ  1 
ATOM   687 N  N   . CYS A 1 97  ? 1.216   12.747  -11.996 1.00 41.65 ? 97  CYS A N   1 
ATOM   688 C  CA  . CYS A 1 97  ? 1.222   11.837  -10.838 1.00 37.22 ? 97  CYS A CA  1 
ATOM   689 C  C   . CYS A 1 97  ? 2.214   10.677  -10.898 1.00 34.63 ? 97  CYS A C   1 
ATOM   690 O  O   . CYS A 1 97  ? 2.581   10.213  -11.968 1.00 34.27 ? 97  CYS A O   1 
ATOM   691 C  CB  . CYS A 1 97  ? -0.126  11.167  -10.681 1.00 38.37 ? 97  CYS A CB  1 
ATOM   692 S  SG  . CYS A 1 97  ? -1.624  12.165  -10.591 1.00 43.85 ? 97  CYS A SG  1 
ATOM   693 N  N   . SER A 1 98  ? 2.590   10.172  -9.731  1.00 34.17 ? 98  SER A N   1 
ATOM   694 C  CA  . SER A 1 98  ? 3.473   9.027   -9.663  1.00 32.85 ? 98  SER A CA  1 
ATOM   695 C  C   . SER A 1 98  ? 2.829   7.949   -8.810  1.00 35.15 ? 98  SER A C   1 
ATOM   696 O  O   . SER A 1 98  ? 2.571   8.156   -7.618  1.00 36.37 ? 98  SER A O   1 
ATOM   697 C  CB  . SER A 1 98  ? 4.820   9.433   -9.114  1.00 32.45 ? 98  SER A CB  1 
ATOM   698 O  OG  . SER A 1 98  ? 5.451   10.290  -10.051 1.00 32.54 ? 98  SER A OG  1 
ATOM   699 N  N   . PHE A 1 99  ? 2.546   6.810   -9.449  1.00 35.59 ? 99  PHE A N   1 
ATOM   700 C  CA  . PHE A 1 99  ? 1.896   5.671   -8.812  1.00 34.39 ? 99  PHE A CA  1 
ATOM   701 C  C   . PHE A 1 99  ? 2.756   4.447   -8.694  1.00 35.49 ? 99  PHE A C   1 
ATOM   702 O  O   . PHE A 1 99  ? 3.453   4.070   -9.628  1.00 34.68 ? 99  PHE A O   1 
ATOM   703 C  CB  . PHE A 1 99  ? 0.680   5.220   -9.606  1.00 33.71 ? 99  PHE A CB  1 
ATOM   704 C  CG  . PHE A 1 99  ? -0.352  6.270   -9.797  1.00 30.98 ? 99  PHE A CG  1 
ATOM   705 C  CD1 . PHE A 1 99  ? -0.887  6.944   -8.694  1.00 30.41 ? 99  PHE A CD1 1 
ATOM   706 C  CD2 . PHE A 1 99  ? -0.819  6.569   -11.073 1.00 27.77 ? 99  PHE A CD2 1 
ATOM   707 C  CE1 . PHE A 1 99  ? -1.885  7.905   -8.857  1.00 26.86 ? 99  PHE A CE1 1 
ATOM   708 C  CE2 . PHE A 1 99  ? -1.811  7.519   -11.264 1.00 26.21 ? 99  PHE A CE2 1 
ATOM   709 C  CZ  . PHE A 1 99  ? -2.346  8.192   -10.155 1.00 28.03 ? 99  PHE A CZ  1 
ATOM   710 N  N   . GLN A 1 100 ? 2.653   3.808   -7.539  1.00 36.58 ? 100 GLN A N   1 
ATOM   711 C  CA  . GLN A 1 100 ? 3.351   2.570   -7.294  1.00 35.00 ? 100 GLN A CA  1 
ATOM   712 C  C   . GLN A 1 100 ? 2.308   1.544   -6.947  1.00 36.49 ? 100 GLN A C   1 
ATOM   713 O  O   . GLN A 1 100 ? 1.609   1.683   -5.945  1.00 39.47 ? 100 GLN A O   1 
ATOM   714 C  CB  . GLN A 1 100 ? 4.295   2.683   -6.141  1.00 35.48 ? 100 GLN A CB  1 
ATOM   715 C  CG  . GLN A 1 100 ? 4.828   1.348   -5.726  1.00 37.91 ? 100 GLN A CG  1 
ATOM   716 C  CD  . GLN A 1 100 ? 5.885   1.493   -4.670  1.00 41.51 ? 100 GLN A CD  1 
ATOM   717 O  OE1 . GLN A 1 100 ? 6.282   0.522   -4.049  1.00 49.03 ? 100 GLN A OE1 1 
ATOM   718 N  NE2 . GLN A 1 100 ? 6.352   2.714   -4.460  1.00 37.92 ? 100 GLN A NE2 1 
ATOM   719 N  N   . ILE A 1 101 ? 2.197   0.519   -7.787  1.00 35.66 ? 101 ILE A N   1 
ATOM   720 C  CA  . ILE A 1 101 ? 1.223   -0.535  -7.582  1.00 31.84 ? 101 ILE A CA  1 
ATOM   721 C  C   . ILE A 1 101 ? 1.960   -1.835  -7.246  1.00 34.64 ? 101 ILE A C   1 
ATOM   722 O  O   . ILE A 1 101 ? 2.872   -2.272  -7.964  1.00 35.39 ? 101 ILE A O   1 
ATOM   723 C  CB  . ILE A 1 101 ? 0.383   -0.757  -8.849  1.00 29.83 ? 101 ILE A CB  1 
ATOM   724 C  CG1 . ILE A 1 101 ? -0.293  0.548   -9.296  1.00 26.55 ? 101 ILE A CG1 1 
ATOM   725 C  CG2 . ILE A 1 101 ? -0.659  -1.804  -8.582  1.00 28.00 ? 101 ILE A CG2 1 
ATOM   726 C  CD1 . ILE A 1 101 ? 0.626   1.512   -10.002 1.00 26.23 ? 101 ILE A CD1 1 
ATOM   727 N  N   . TYR A 1 102 ? 1.575   -2.450  -6.138  1.00 34.48 ? 102 TYR A N   1 
ATOM   728 C  CA  . TYR A 1 102 ? 2.197   -3.688  -5.739  1.00 33.90 ? 102 TYR A CA  1 
ATOM   729 C  C   . TYR A 1 102 ? 1.285   -4.803  -6.166  1.00 35.87 ? 102 TYR A C   1 
ATOM   730 O  O   . TYR A 1 102 ? 0.182   -4.936  -5.632  1.00 37.05 ? 102 TYR A O   1 
ATOM   731 C  CB  . TYR A 1 102 ? 2.375   -3.744  -4.233  1.00 36.05 ? 102 TYR A CB  1 
ATOM   732 C  CG  . TYR A 1 102 ? 2.964   -5.046  -3.744  1.00 35.90 ? 102 TYR A CG  1 
ATOM   733 C  CD1 . TYR A 1 102 ? 4.263   -5.421  -4.086  1.00 36.07 ? 102 TYR A CD1 1 
ATOM   734 C  CD2 . TYR A 1 102 ? 2.224   -5.909  -2.963  1.00 36.87 ? 102 TYR A CD2 1 
ATOM   735 C  CE1 . TYR A 1 102 ? 4.816   -6.634  -3.659  1.00 36.95 ? 102 TYR A CE1 1 
ATOM   736 C  CE2 . TYR A 1 102 ? 2.770   -7.130  -2.527  1.00 40.35 ? 102 TYR A CE2 1 
ATOM   737 C  CZ  . TYR A 1 102 ? 4.067   -7.482  -2.881  1.00 38.02 ? 102 TYR A CZ  1 
ATOM   738 O  OH  . TYR A 1 102 ? 4.640   -8.660  -2.437  1.00 44.46 ? 102 TYR A OH  1 
ATOM   739 N  N   . ALA A 1 103 ? 1.730   -5.599  -7.138  1.00 34.46 ? 103 ALA A N   1 
ATOM   740 C  CA  . ALA A 1 103 ? 0.914   -6.714  -7.615  1.00 34.00 ? 103 ALA A CA  1 
ATOM   741 C  C   . ALA A 1 103 ? 1.451   -8.058  -7.155  1.00 37.04 ? 103 ALA A C   1 
ATOM   742 O  O   . ALA A 1 103 ? 2.662   -8.281  -7.121  1.00 40.87 ? 103 ALA A O   1 
ATOM   743 C  CB  . ALA A 1 103 ? 0.853   -6.703  -9.111  1.00 28.52 ? 103 ALA A CB  1 
ATOM   744 N  N   . VAL A 1 104 ? 0.549   -8.950  -6.783  1.00 39.31 ? 104 VAL A N   1 
ATOM   745 C  CA  . VAL A 1 104 ? 0.934   -10.291 -6.399  1.00 41.42 ? 104 VAL A CA  1 
ATOM   746 C  C   . VAL A 1 104 ? 0.167   -11.158 -7.412  1.00 46.36 ? 104 VAL A C   1 
ATOM   747 O  O   . VAL A 1 104 ? -0.922  -11.631 -7.114  1.00 46.06 ? 104 VAL A O   1 
ATOM   748 C  CB  . VAL A 1 104 ? 0.464   -10.588 -4.986  1.00 39.32 ? 104 VAL A CB  1 
ATOM   749 C  CG1 . VAL A 1 104 ? 0.614   -12.042 -4.698  1.00 41.48 ? 104 VAL A CG1 1 
ATOM   750 C  CG2 . VAL A 1 104 ? 1.266   -9.768  -3.988  1.00 38.20 ? 104 VAL A CG2 1 
ATOM   751 N  N   . PRO A 1 105 ? 0.721   -11.354 -8.632  1.00 51.13 ? 105 PRO A N   1 
ATOM   752 C  CA  . PRO A 1 105 ? 0.163   -12.125 -9.744  1.00 55.05 ? 105 PRO A CA  1 
ATOM   753 C  C   . PRO A 1 105 ? -0.707  -13.325 -9.452  1.00 60.13 ? 105 PRO A C   1 
ATOM   754 O  O   . PRO A 1 105 ? -1.888  -13.295 -9.783  1.00 61.18 ? 105 PRO A O   1 
ATOM   755 C  CB  . PRO A 1 105 ? 1.397   -12.508 -10.547 1.00 55.83 ? 105 PRO A CB  1 
ATOM   756 C  CG  . PRO A 1 105 ? 2.200   -11.317 -10.442 1.00 52.97 ? 105 PRO A CG  1 
ATOM   757 C  CD  . PRO A 1 105 ? 2.115   -11.001 -8.950  1.00 53.05 ? 105 PRO A CD  1 
ATOM   758 N  N   . TRP A 1 106 ? -0.139  -14.376 -8.859  1.00 64.33 ? 106 TRP A N   1 
ATOM   759 C  CA  . TRP A 1 106 ? -0.923  -15.577 -8.582  1.00 70.25 ? 106 TRP A CA  1 
ATOM   760 C  C   . TRP A 1 106 ? -2.205  -15.332 -7.762  1.00 70.59 ? 106 TRP A C   1 
ATOM   761 O  O   . TRP A 1 106 ? -3.131  -16.153 -7.805  1.00 73.47 ? 106 TRP A O   1 
ATOM   762 C  CB  . TRP A 1 106 ? -0.084  -16.626 -7.849  1.00 77.37 ? 106 TRP A CB  1 
ATOM   763 C  CG  . TRP A 1 106 ? 0.181   -16.212 -6.470  1.00 83.92 ? 106 TRP A CG  1 
ATOM   764 C  CD1 . TRP A 1 106 ? 1.268   -15.530 -6.030  1.00 86.32 ? 106 TRP A CD1 1 
ATOM   765 C  CD2 . TRP A 1 106 ? -0.731  -16.292 -5.356  1.00 88.63 ? 106 TRP A CD2 1 
ATOM   766 N  NE1 . TRP A 1 106 ? 1.097   -15.166 -4.708  1.00 90.95 ? 106 TRP A NE1 1 
ATOM   767 C  CE2 . TRP A 1 106 ? -0.128  -15.626 -4.266  1.00 90.92 ? 106 TRP A CE2 1 
ATOM   768 C  CE3 . TRP A 1 106 ? -2.007  -16.865 -5.168  1.00 89.42 ? 106 TRP A CE3 1 
ATOM   769 C  CZ2 . TRP A 1 106 ? -0.752  -15.501 -3.001  1.00 90.94 ? 106 TRP A CZ2 1 
ATOM   770 C  CZ3 . TRP A 1 106 ? -2.640  -16.742 -3.902  1.00 89.20 ? 106 TRP A CZ3 1 
ATOM   771 C  CH2 . TRP A 1 106 ? -2.003  -16.069 -2.842  1.00 89.82 ? 106 TRP A CH2 1 
ATOM   772 N  N   . GLN A 1 107 ? -2.261  -14.231 -7.011  1.00 66.87 ? 107 GLN A N   1 
ATOM   773 C  CA  . GLN A 1 107 ? -3.426  -13.940 -6.179  1.00 64.11 ? 107 GLN A CA  1 
ATOM   774 C  C   . GLN A 1 107 ? -4.386  -12.959 -6.842  1.00 61.60 ? 107 GLN A C   1 
ATOM   775 O  O   . GLN A 1 107 ? -5.505  -12.734 -6.353  1.00 62.73 ? 107 GLN A O   1 
ATOM   776 C  CB  . GLN A 1 107 ? -2.983  -13.402 -4.797  1.00 66.31 ? 107 GLN A CB  1 
ATOM   777 C  CG  . GLN A 1 107 ? -4.143  -13.220 -3.789  1.00 71.64 ? 107 GLN A CG  1 
ATOM   778 C  CD  . GLN A 1 107 ? -3.690  -12.751 -2.395  1.00 72.88 ? 107 GLN A CD  1 
ATOM   779 O  OE1 . GLN A 1 107 ? -2.773  -11.922 -2.268  1.00 72.17 ? 107 GLN A OE1 1 
ATOM   780 N  NE2 . GLN A 1 107 ? -4.353  -13.271 -1.341  1.00 70.26 ? 107 GLN A NE2 1 
ATOM   781 N  N   . GLY A 1 108 ? -3.944  -12.384 -7.957  1.00 58.97 ? 108 GLY A N   1 
ATOM   782 C  CA  . GLY A 1 108 ? -4.756  -11.426 -8.694  1.00 54.38 ? 108 GLY A CA  1 
ATOM   783 C  C   . GLY A 1 108 ? -5.011  -10.130 -7.947  1.00 52.58 ? 108 GLY A C   1 
ATOM   784 O  O   . GLY A 1 108 ? -5.954  -9.385  -8.260  1.00 55.51 ? 108 GLY A O   1 
ATOM   785 N  N   . THR A 1 109 ? -4.164  -9.845  -6.962  1.00 47.63 ? 109 THR A N   1 
ATOM   786 C  CA  . THR A 1 109 ? -4.326  -8.642  -6.159  1.00 42.32 ? 109 THR A CA  1 
ATOM   787 C  C   . THR A 1 109 ? -3.401  -7.504  -6.595  1.00 41.56 ? 109 THR A C   1 
ATOM   788 O  O   . THR A 1 109 ? -2.327  -7.716  -7.184  1.00 41.31 ? 109 THR A O   1 
ATOM   789 C  CB  . THR A 1 109 ? -4.080  -8.940  -4.670  1.00 40.55 ? 109 THR A CB  1 
ATOM   790 O  OG1 . THR A 1 109 ? -2.737  -9.419  -4.482  1.00 40.93 ? 109 THR A OG1 1 
ATOM   791 C  CG2 . THR A 1 109 ? -5.045  -9.987  -4.192  1.00 39.18 ? 109 THR A CG2 1 
ATOM   792 N  N   . MET A 1 110 ? -3.839  -6.289  -6.306  1.00 39.54 ? 110 MET A N   1 
ATOM   793 C  CA  . MET A 1 110 ? -3.071  -5.117  -6.637  1.00 38.46 ? 110 MET A CA  1 
ATOM   794 C  C   . MET A 1 110 ? -3.263  -4.176  -5.484  1.00 38.52 ? 110 MET A C   1 
ATOM   795 O  O   . MET A 1 110 ? -4.351  -4.116  -4.897  1.00 40.85 ? 110 MET A O   1 
ATOM   796 C  CB  . MET A 1 110 ? -3.569  -4.485  -7.931  1.00 39.51 ? 110 MET A CB  1 
ATOM   797 C  CG  . MET A 1 110 ? -2.781  -4.904  -9.129  1.00 40.39 ? 110 MET A CG  1 
ATOM   798 S  SD  . MET A 1 110 ? -3.483  -4.365  -10.676 1.00 44.61 ? 110 MET A SD  1 
ATOM   799 C  CE  . MET A 1 110 ? -2.223  -4.625  -11.919 1.00 43.56 ? 110 MET A CE  1 
ATOM   800 N  N   . THR A 1 111 ? -2.208  -3.442  -5.151  1.00 37.71 ? 111 THR A N   1 
ATOM   801 C  CA  . THR A 1 111 ? -2.262  -2.494  -4.049  1.00 35.23 ? 111 THR A CA  1 
ATOM   802 C  C   . THR A 1 111 ? -1.626  -1.196  -4.435  1.00 36.01 ? 111 THR A C   1 
ATOM   803 O  O   . THR A 1 111 ? -0.550  -1.186  -5.055  1.00 37.13 ? 111 THR A O   1 
ATOM   804 C  CB  . THR A 1 111 ? -1.499  -3.013  -2.860  1.00 36.27 ? 111 THR A CB  1 
ATOM   805 O  OG1 . THR A 1 111 ? -2.214  -4.118  -2.309  1.00 40.58 ? 111 THR A OG1 1 
ATOM   806 C  CG2 . THR A 1 111 ? -1.315  -1.904  -1.802  1.00 40.07 ? 111 THR A CG2 1 
ATOM   807 N  N   . LEU A 1 112 ? -2.274  -0.096  -4.068  1.00 36.88 ? 112 LEU A N   1 
ATOM   808 C  CA  . LEU A 1 112 ? -1.686  1.193   -4.374  1.00 35.40 ? 112 LEU A CA  1 
ATOM   809 C  C   . LEU A 1 112 ? -0.752  1.512   -3.229  1.00 35.58 ? 112 LEU A C   1 
ATOM   810 O  O   . LEU A 1 112 ? -1.187  1.949   -2.180  1.00 39.98 ? 112 LEU A O   1 
ATOM   811 C  CB  . LEU A 1 112 ? -2.751  2.272   -4.495  1.00 33.90 ? 112 LEU A CB  1 
ATOM   812 C  CG  . LEU A 1 112 ? -2.157  3.584   -4.996  1.00 35.24 ? 112 LEU A CG  1 
ATOM   813 C  CD1 . LEU A 1 112 ? -1.721  3.431   -6.449  1.00 29.96 ? 112 LEU A CD1 1 
ATOM   814 C  CD2 . LEU A 1 112 ? -3.177  4.685   -4.867  1.00 36.22 ? 112 LEU A CD2 1 
ATOM   815 N  N   . SER A 1 113 ? 0.534   1.277   -3.410  1.00 34.13 ? 113 SER A N   1 
ATOM   816 C  CA  . SER A 1 113 ? 1.495   1.544   -2.345  1.00 34.18 ? 113 SER A CA  1 
ATOM   817 C  C   . SER A 1 113 ? 1.797   3.013   -2.130  1.00 33.05 ? 113 SER A C   1 
ATOM   818 O  O   . SER A 1 113 ? 1.866   3.476   -0.999  1.00 37.72 ? 113 SER A O   1 
ATOM   819 C  CB  . SER A 1 113 ? 2.800   0.814   -2.639  1.00 34.68 ? 113 SER A CB  1 
ATOM   820 O  OG  . SER A 1 113 ? 2.573   -0.569  -2.721  1.00 41.65 ? 113 SER A OG  1 
ATOM   821 N  N   . LYS A 1 114 ? 2.033   3.742   -3.213  1.00 31.68 ? 114 LYS A N   1 
ATOM   822 C  CA  . LYS A 1 114 ? 2.347   5.156   -3.101  1.00 31.35 ? 114 LYS A CA  1 
ATOM   823 C  C   . LYS A 1 114 ? 1.601   5.901   -4.193  1.00 33.75 ? 114 LYS A C   1 
ATOM   824 O  O   . LYS A 1 114 ? 1.315   5.346   -5.254  1.00 33.77 ? 114 LYS A O   1 
ATOM   825 C  CB  . LYS A 1 114 ? 3.861   5.367   -3.201  1.00 31.10 ? 114 LYS A CB  1 
ATOM   826 C  CG  . LYS A 1 114 ? 4.662   4.714   -2.050  1.00 30.65 ? 114 LYS A CG  1 
ATOM   827 C  CD  . LYS A 1 114 ? 4.503   5.518   -0.777  1.00 38.34 ? 114 LYS A CD  1 
ATOM   828 C  CE  . LYS A 1 114 ? 5.097   4.865   0.470   1.00 41.63 ? 114 LYS A CE  1 
ATOM   829 N  NZ  . LYS A 1 114 ? 4.563   5.559   1.718   1.00 48.58 ? 114 LYS A NZ  1 
ATOM   830 N  N   . SER A 1 115 ? 1.268   7.151   -3.900  1.00 36.92 ? 115 SER A N   1 
ATOM   831 C  CA  . SER A 1 115 ? 0.515   7.962   -4.809  1.00 36.54 ? 115 SER A CA  1 
ATOM   832 C  C   . SER A 1 115 ? 0.584   9.456   -4.505  1.00 39.00 ? 115 SER A C   1 
ATOM   833 O  O   . SER A 1 115 ? 0.131   9.901   -3.445  1.00 41.68 ? 115 SER A O   1 
ATOM   834 C  CB  . SER A 1 115 ? -0.930  7.520   -4.748  1.00 36.43 ? 115 SER A CB  1 
ATOM   835 O  OG  . SER A 1 115 ? -1.706  8.205   -5.706  1.00 40.02 ? 115 SER A OG  1 
ATOM   836 N  N   . THR A 1 116 ? 1.196   10.223  -5.404  1.00 39.09 ? 116 THR A N   1 
ATOM   837 C  CA  . THR A 1 116 ? 1.228   11.679  -5.278  1.00 40.60 ? 116 THR A CA  1 
ATOM   838 C  C   . THR A 1 116 ? 0.976   12.265  -6.627  1.00 39.94 ? 116 THR A C   1 
ATOM   839 O  O   . THR A 1 116 ? 1.301   11.667  -7.648  1.00 37.41 ? 116 THR A O   1 
ATOM   840 C  CB  . THR A 1 116 ? 2.541   12.266  -4.816  1.00 42.20 ? 116 THR A CB  1 
ATOM   841 O  OG1 . THR A 1 116 ? 3.606   11.467  -5.304  1.00 46.37 ? 116 THR A OG1 1 
ATOM   842 C  CG2 . THR A 1 116 ? 2.574   12.389  -3.299  1.00 47.56 ? 116 THR A CG2 1 
ATOM   843 N  N   . CYS A 1 117 ? 0.391   13.451  -6.608  1.00 43.93 ? 117 CYS A N   1 
ATOM   844 C  CA  . CYS A 1 117 ? 0.069   14.170  -7.828  1.00 48.38 ? 117 CYS A CA  1 
ATOM   845 C  C   . CYS A 1 117 ? 0.223   15.658  -7.584  1.00 49.98 ? 117 CYS A C   1 
ATOM   846 O  O   . CYS A 1 117 ? -0.193  16.143  -6.535  1.00 50.90 ? 117 CYS A O   1 
ATOM   847 C  CB  . CYS A 1 117 ? -1.391  13.958  -8.204  1.00 47.28 ? 117 CYS A CB  1 
ATOM   848 S  SG  . CYS A 1 117 ? -1.996  12.301  -8.591  1.00 42.07 ? 117 CYS A SG  1 
ATOM   849 N  N   . GLN A 1 118 ? 0.799   16.386  -8.533  1.00 55.06 ? 118 GLN A N   1 
ATOM   850 C  CA  . GLN A 1 118 ? 0.886   17.837  -8.382  1.00 63.69 ? 118 GLN A CA  1 
ATOM   851 C  C   . GLN A 1 118 ? 0.104   18.424  -9.557  1.00 67.69 ? 118 GLN A C   1 
ATOM   852 O  O   . GLN A 1 118 ? 0.361   18.084  -10.725 1.00 67.55 ? 118 GLN A O   1 
ATOM   853 C  CB  . GLN A 1 118 ? 2.323   18.350  -8.425  1.00 67.21 ? 118 GLN A CB  1 
ATOM   854 C  CG  . GLN A 1 118 ? 2.888   18.405  -9.828  1.00 79.54 ? 118 GLN A CG  1 
ATOM   855 C  CD  . GLN A 1 118 ? 4.338   18.838  -9.867  1.00 87.07 ? 118 GLN A CD  1 
ATOM   856 O  OE1 . GLN A 1 118 ? 4.684   19.909  -9.346  1.00 89.90 ? 118 GLN A OE1 1 
ATOM   857 N  NE2 . GLN A 1 118 ? 5.204   18.008  -10.485 1.00 88.93 ? 118 GLN A NE2 1 
ATOM   858 N  N   . ASP A 1 119 ? -0.874  19.280  -9.252  1.00 73.62 ? 119 ASP A N   1 
ATOM   859 C  CA  . ASP A 1 119 ? -1.682  19.898  -10.303 1.00 75.32 ? 119 ASP A CA  1 
ATOM   860 C  C   . ASP A 1 119 ? -0.763  20.825  -11.068 1.00 73.95 ? 119 ASP A C   1 
ATOM   861 O  O   . ASP A 1 119 ? -0.240  21.795  -10.527 1.00 77.99 ? 119 ASP A O   1 
ATOM   862 C  CB  . ASP A 1 119 ? -2.885  20.647  -9.706  1.00 79.03 ? 119 ASP A CB  1 
ATOM   863 C  CG  . ASP A 1 119 ? -4.081  19.703  -9.398  1.00 85.62 ? 119 ASP A CG  1 
ATOM   864 O  OD1 . ASP A 1 119 ? -4.587  19.033  -10.333 1.00 89.70 ? 119 ASP A OD1 1 
ATOM   865 O  OD2 . ASP A 1 119 ? -4.521  19.631  -8.225  1.00 88.92 ? 119 ASP A OD2 1 
ATOM   866 N  N   . ALA A 1 120 ? -0.521  20.490  -12.321 1.00 70.19 ? 120 ALA A N   1 
ATOM   867 C  CA  . ALA A 1 120 ? 0.367   21.294  -13.121 1.00 69.66 ? 120 ALA A CA  1 
ATOM   868 C  C   . ALA A 1 120 ? -0.459  22.176  -14.043 1.00 68.70 ? 120 ALA A C   1 
ATOM   869 O  O   . ALA A 1 120 ? -0.752  21.780  -15.164 1.00 68.94 ? 120 ALA A O   1 
ATOM   870 C  CB  . ALA A 1 120 ? 1.298   20.383  -13.914 1.00 67.76 ? 120 ALA A CB  1 
ATOM   871 O  OXT . ALA A 1 120 ? -1.398  22.648  -13.685 1.00 68.52 ? 120 ALA A OXT 1 
HETATM 872 CL CL  . CL  B 2 .   ? 5.283   -17.297 -4.354  0.5  30.99 ? 301 CL  A CL  1 
HETATM 873 C  C1  . GOL C 3 .   ? -2.992  -0.004  26.321  1.00 67.32 ? 201 GOL A C1  1 
HETATM 874 O  O1  . GOL C 3 .   ? -2.198  1.062   25.698  1.00 66.91 ? 201 GOL A O1  1 
HETATM 875 C  C2  . GOL C 3 .   ? -2.139  -0.873  27.390  1.00 64.67 ? 201 GOL A C2  1 
HETATM 876 O  O2  . GOL C 3 .   ? -1.665  0.050   28.430  1.00 64.65 ? 201 GOL A O2  1 
HETATM 877 C  C3  . GOL C 3 .   ? -0.884  -1.623  26.742  1.00 60.82 ? 201 GOL A C3  1 
HETATM 878 O  O3  . GOL C 3 .   ? -0.732  -3.034  27.084  1.00 42.73 ? 201 GOL A O3  1 
HETATM 879 O  O   . HOH D 4 .   ? 10.108  -9.300  26.618  1.00 39.69 ? 401 HOH A O   1 
HETATM 880 O  O   . HOH D 4 .   ? 8.582   4.964   -13.376 1.00 34.57 ? 402 HOH A O   1 
HETATM 881 O  O   . HOH D 4 .   ? -9.066  18.731  -18.415 1.00 31.62 ? 403 HOH A O   1 
HETATM 882 O  O   . HOH D 4 .   ? 8.732   3.149   -3.336  1.00 41.51 ? 404 HOH A O   1 
HETATM 883 O  O   . HOH D 4 .   ? 0.305   7.822   29.271  1.00 40.95 ? 405 HOH A O   1 
HETATM 884 O  O   . HOH D 4 .   ? 3.914   -14.795 -2.918  1.00 46.00 ? 406 HOH A O   1 
HETATM 885 O  O   . HOH D 4 .   ? 2.133   0.422   26.856  1.00 55.50 ? 407 HOH A O   1 
HETATM 886 O  O   . HOH D 4 .   ? 7.059   -19.619 2.550   1.00 39.57 ? 408 HOH A O   1 
HETATM 887 O  O   . HOH D 4 .   ? 11.792  -3.822  21.099  1.00 40.84 ? 409 HOH A O   1 
HETATM 888 O  O   . HOH D 4 .   ? 2.847   7.017   3.758   1.00 45.60 ? 410 HOH A O   1 
HETATM 889 O  O   . HOH D 4 .   ? 9.320   -7.402  23.822  1.00 44.28 ? 411 HOH A O   1 
HETATM 890 O  O   . HOH D 4 .   ? -17.303 3.430   -18.507 1.00 41.65 ? 412 HOH A O   1 
HETATM 891 O  O   . HOH D 4 .   ? 10.388  0.041   16.005  1.00 60.11 ? 413 HOH A O   1 
HETATM 892 O  O   . HOH D 4 .   ? -0.724  11.082  24.173  1.00 38.59 ? 414 HOH A O   1 
HETATM 893 O  O   . HOH D 4 .   ? -14.854 22.081  -20.231 1.00 59.01 ? 415 HOH A O   1 
HETATM 894 O  O   . HOH D 4 .   ? 5.313   -20.918 16.482  1.00 47.55 ? 416 HOH A O   1 
HETATM 895 O  O   . HOH D 4 .   ? 3.507   2.098   24.610  1.00 42.34 ? 417 HOH A O   1 
HETATM 896 O  O   . HOH D 4 .   ? 10.341  -1.369  21.937  1.00 46.18 ? 418 HOH A O   1 
HETATM 897 O  O   . HOH D 4 .   ? -2.565  4.192   23.339  1.00 50.70 ? 419 HOH A O   1 
HETATM 898 O  O   . HOH D 4 .   ? 9.725   2.407   24.701  1.00 33.84 ? 420 HOH A O   1 
HETATM 899 O  O   . HOH D 4 .   ? -0.777  13.975  -4.028  1.00 46.25 ? 421 HOH A O   1 
HETATM 900 O  O   . HOH D 4 .   ? -1.378  -6.862  -3.996  1.00 48.04 ? 422 HOH A O   1 
# 
